data_6UST
#
_entry.id   6UST
#
_cell.length_a   93.911
_cell.length_b   114.668
_cell.length_c   188.654
_cell.angle_alpha   90.000
_cell.angle_beta   90.000
_cell.angle_gamma   90.000
#
_symmetry.space_group_name_H-M   'P 21 21 21'
#
loop_
_entity.id
_entity.type
_entity.pdbx_description
1 polymer 'N-acetylgalactosamine 6-sulfate sulfatase'
2 non-polymer 'CALCIUM ION'
3 water water
#
_entity_poly.entity_id   1
_entity_poly.type   'polypeptide(L)'
_entity_poly.pdbx_seq_one_letter_code
;MAVQPNFLFIFMDDMGWRDLACTGSTFYETPNIDRLCRQGMVFANSYASCPVCSPSRASYLTGQYPARLGVTDWIDMEGT
SHPLRGKLIDAPYIKHLPEGEYTIAQALKDAGYETWHVGKWHLGGREYYPDHFGFDVNIGGCSWGHPHEGYFSPYGIETL
PEGPEGEYLTDRITDEAVRLLKERKAGGSRKPFYMNLCHYAVHTPIQVKDEDRERFEKKAREQGLDQETALVEGEFHHTE
DKKGRRVVRRVIQSDPSYAGMIWNLDQNIGRLLEALSECGEEENTVVVFTSDNGGLATSEGSPTCNLPASEGKGWVYEGG
TRVPLIVKYPGHVAPGSRCDVPVTTPDFYPTFLELAGVPQKSGIPIDGRSIVPLLAGNHMPERPVFWHYPHYGNQGGTPA
ASVVLGDYKYIEFFEDGRGELYDLKADFSETNNICENMPEMAARLRMLLHGWQREVCARFPEVNEAYGEV
;
_entity_poly.pdbx_strand_id   A,B,C,D
#
loop_
_chem_comp.id
_chem_comp.type
_chem_comp.name
_chem_comp.formula
CA non-polymer 'CALCIUM ION' 'Ca 2'
#
# COMPACT_ATOMS: atom_id res chain seq x y z
N PRO A 5 8.06 -3.64 -32.69
CA PRO A 5 7.92 -2.32 -33.32
C PRO A 5 8.77 -1.26 -32.62
N ASN A 6 9.24 -0.25 -33.36
CA ASN A 6 9.88 0.88 -32.72
C ASN A 6 8.84 1.85 -32.13
N PHE A 7 9.30 2.71 -31.22
CA PHE A 7 8.47 3.74 -30.60
C PHE A 7 9.15 5.09 -30.76
N LEU A 8 8.52 5.97 -31.55
CA LEU A 8 8.89 7.38 -31.68
C LEU A 8 7.83 8.21 -30.94
N PHE A 9 8.07 8.48 -29.67
CA PHE A 9 7.14 9.24 -28.83
C PHE A 9 7.53 10.71 -28.88
N ILE A 10 6.78 11.51 -29.65
CA ILE A 10 7.05 12.93 -29.80
C ILE A 10 6.24 13.70 -28.75
N PHE A 11 6.94 14.30 -27.80
CA PHE A 11 6.37 14.83 -26.57
C PHE A 11 6.62 16.34 -26.53
N MET A 12 5.65 17.10 -27.04
CA MET A 12 5.76 18.55 -27.03
C MET A 12 5.57 19.12 -25.62
N ASP A 13 6.09 20.33 -25.43
CA ASP A 13 5.96 21.04 -24.18
C ASP A 13 4.90 22.14 -24.29
N ASP A 14 3.86 22.06 -23.47
CA ASP A 14 2.86 23.14 -23.30
C ASP A 14 2.06 23.40 -24.56
N MET A 15 1.88 22.40 -25.41
CA MET A 15 1.07 22.60 -26.61
C MET A 15 -0.39 22.33 -26.27
N GLY A 16 -1.25 23.33 -26.49
CA GLY A 16 -2.65 23.21 -26.15
C GLY A 16 -3.40 22.29 -27.09
N TRP A 17 -4.59 21.88 -26.66
CA TRP A 17 -5.35 20.88 -27.40
C TRP A 17 -5.81 21.38 -28.77
N ARG A 18 -5.80 22.70 -28.97
CA ARG A 18 -6.27 23.29 -30.22
C ARG A 18 -5.14 23.97 -30.99
N ASP A 19 -3.88 23.60 -30.73
CA ASP A 19 -2.75 24.29 -31.32
C ASP A 19 -2.27 23.66 -32.63
N LEU A 20 -2.99 22.66 -33.15
CA LEU A 20 -2.73 22.12 -34.47
C LEU A 20 -3.92 22.39 -35.39
N ALA A 21 -3.62 22.57 -36.67
CA ALA A 21 -4.67 22.64 -37.68
C ALA A 21 -5.55 21.39 -37.63
N CYS A 22 -4.96 20.21 -37.55
CA CYS A 22 -5.76 18.98 -37.51
C CYS A 22 -6.42 18.74 -36.16
N THR A 23 -6.32 19.66 -35.18
CA THR A 23 -7.08 19.50 -33.94
C THR A 23 -7.86 20.77 -33.58
N GLY A 24 -8.10 21.66 -34.53
CA GLY A 24 -9.03 22.75 -34.32
C GLY A 24 -8.45 24.16 -34.28
N SER A 25 -7.16 24.33 -34.57
CA SER A 25 -6.59 25.66 -34.62
C SER A 25 -7.25 26.48 -35.70
N THR A 26 -7.45 27.77 -35.43
CA THR A 26 -8.05 28.71 -36.36
C THR A 26 -7.03 29.59 -37.07
N PHE A 27 -5.74 29.52 -36.67
CA PHE A 27 -4.72 30.43 -37.17
C PHE A 27 -3.46 29.66 -37.54
N TYR A 28 -3.06 28.71 -36.69
CA TYR A 28 -1.81 28.00 -36.89
C TYR A 28 -1.88 27.03 -38.07
N GLU A 29 -0.74 26.84 -38.72
CA GLU A 29 -0.60 25.99 -39.91
C GLU A 29 0.40 24.90 -39.60
N THR A 30 -0.03 23.63 -39.74
CA THR A 30 0.77 22.46 -39.35
C THR A 30 0.68 21.37 -40.42
N PRO A 31 1.15 21.65 -41.65
CA PRO A 31 0.95 20.69 -42.76
C PRO A 31 1.54 19.32 -42.48
N ASN A 32 2.76 19.26 -41.94
CA ASN A 32 3.41 17.97 -41.77
C ASN A 32 2.75 17.16 -40.66
N ILE A 33 2.25 17.82 -39.63
CA ILE A 33 1.50 17.12 -38.58
C ILE A 33 0.09 16.77 -39.03
N ASP A 34 -0.54 17.63 -39.85
CA ASP A 34 -1.83 17.27 -40.44
C ASP A 34 -1.72 15.98 -41.24
N ARG A 35 -0.60 15.80 -41.95
CA ARG A 35 -0.42 14.56 -42.71
C ARG A 35 -0.27 13.37 -41.79
N LEU A 36 0.46 13.54 -40.68
CA LEU A 36 0.56 12.47 -39.69
C LEU A 36 -0.83 12.07 -39.20
N CYS A 37 -1.64 13.08 -38.88
CA CYS A 37 -3.00 12.86 -38.43
C CYS A 37 -3.85 12.16 -39.50
N ARG A 38 -3.64 12.52 -40.77
CA ARG A 38 -4.27 11.82 -41.90
C ARG A 38 -3.79 10.38 -42.05
N GLN A 39 -2.70 9.99 -41.37
CA GLN A 39 -2.17 8.65 -41.48
C GLN A 39 -2.39 7.83 -40.22
N GLY A 40 -3.17 8.33 -39.28
CA GLY A 40 -3.38 7.62 -38.04
C GLY A 40 -4.68 7.98 -37.32
N MET A 41 -4.66 7.82 -36.00
CA MET A 41 -5.82 8.02 -35.15
C MET A 41 -5.64 9.30 -34.35
N VAL A 42 -6.57 10.23 -34.47
CA VAL A 42 -6.57 11.39 -33.61
C VAL A 42 -7.55 11.15 -32.46
N PHE A 43 -7.17 11.60 -31.25
CA PHE A 43 -7.94 11.34 -30.04
C PHE A 43 -8.58 12.65 -29.59
N ALA A 44 -9.91 12.73 -29.69
CA ALA A 44 -10.63 13.97 -29.42
C ALA A 44 -10.72 14.30 -27.92
N ASN A 45 -10.69 13.29 -27.05
CA ASN A 45 -10.72 13.52 -25.59
C ASN A 45 -9.42 13.03 -24.97
N SER A 46 -8.33 13.66 -25.36
CA SER A 46 -6.99 13.37 -24.87
C SER A 46 -6.65 14.27 -23.69
N TYR A 47 -6.12 13.67 -22.62
CA TYR A 47 -5.77 14.41 -21.41
C TYR A 47 -4.33 14.16 -21.00
N ALA A 48 -3.66 15.23 -20.58
CA ALA A 48 -2.49 15.10 -19.73
C ALA A 48 -2.92 14.84 -18.30
N SER A 49 -2.10 14.08 -17.56
CA SER A 49 -2.44 13.69 -16.21
C SER A 49 -2.12 14.77 -15.17
N CYS A 50 -1.72 15.97 -15.60
CA CYS A 50 -1.43 17.08 -14.69
C CYS A 50 -1.36 18.34 -15.54
N PRO A 51 -1.83 19.49 -15.05
CA PRO A 51 -1.78 20.73 -15.83
C PRO A 51 -0.41 21.39 -15.93
N VAL A 52 0.66 20.88 -15.31
CA VAL A 52 2.00 21.45 -15.46
C VAL A 52 2.98 20.32 -15.79
N CYS A 53 4.26 20.67 -15.98
CA CYS A 53 5.23 19.84 -16.69
C CYS A 53 5.68 18.56 -15.97
N SER A 54 6.59 18.67 -15.01
CA SER A 54 7.24 17.49 -14.44
C SER A 54 6.30 16.36 -13.99
N PRO A 55 5.16 16.61 -13.33
CA PRO A 55 4.31 15.48 -12.92
C PRO A 55 3.85 14.62 -14.09
N SER A 56 3.49 15.23 -15.22
CA SER A 56 3.02 14.47 -16.37
C SER A 56 4.14 13.69 -17.01
N ARG A 57 5.34 14.27 -17.05
CA ARG A 57 6.46 13.56 -17.66
C ARG A 57 6.87 12.37 -16.79
N ALA A 58 6.82 12.53 -15.46
CA ALA A 58 7.03 11.41 -14.54
C ALA A 58 5.93 10.36 -14.70
N SER A 59 4.69 10.82 -14.93
CA SER A 59 3.54 9.92 -15.04
C SER A 59 3.57 9.12 -16.34
N TYR A 60 4.05 9.75 -17.42
CA TYR A 60 4.21 9.06 -18.68
C TYR A 60 5.24 7.93 -18.59
N LEU A 61 6.38 8.19 -17.95
CA LEU A 61 7.43 7.18 -17.95
C LEU A 61 7.11 6.00 -17.04
N THR A 62 6.24 6.18 -16.05
CA THR A 62 6.03 5.12 -15.07
C THR A 62 4.64 4.51 -15.10
N GLY A 63 3.73 5.03 -15.93
CA GLY A 63 2.36 4.53 -15.95
C GLY A 63 1.58 4.70 -14.67
N GLN A 64 1.96 5.66 -13.83
CA GLN A 64 1.22 5.97 -12.60
C GLN A 64 0.76 7.41 -12.59
N TYR A 65 -0.29 7.69 -11.81
CA TYR A 65 -0.76 9.06 -11.60
C TYR A 65 0.26 9.84 -10.77
N PRO A 66 0.51 11.11 -11.10
CA PRO A 66 1.51 11.91 -10.34
C PRO A 66 1.35 11.84 -8.82
N ALA A 67 0.13 11.89 -8.30
CA ALA A 67 -0.06 11.87 -6.85
C ALA A 67 0.48 10.59 -6.22
N ARG A 68 0.54 9.50 -6.99
CA ARG A 68 1.10 8.26 -6.46
C ARG A 68 2.62 8.30 -6.43
N LEU A 69 3.23 8.88 -7.46
CA LEU A 69 4.69 9.01 -7.48
C LEU A 69 5.18 9.98 -6.43
N GLY A 70 4.43 11.06 -6.18
CA GLY A 70 4.88 12.15 -5.35
C GLY A 70 5.30 13.41 -6.08
N VAL A 71 5.40 13.37 -7.41
CA VAL A 71 5.84 14.53 -8.22
C VAL A 71 4.56 15.25 -8.67
N THR A 72 4.13 16.23 -7.90
CA THR A 72 2.81 16.78 -8.17
C THR A 72 2.85 18.22 -8.66
N ASP A 73 4.04 18.80 -8.81
CA ASP A 73 4.24 20.13 -9.37
C ASP A 73 5.43 20.07 -10.30
N TRP A 74 5.53 21.05 -11.20
CA TRP A 74 6.76 21.21 -11.99
C TRP A 74 7.93 21.45 -11.04
N ILE A 75 9.07 20.85 -11.33
CA ILE A 75 10.17 20.83 -10.38
C ILE A 75 10.92 22.16 -10.43
N ASP A 76 11.07 22.78 -9.27
CA ASP A 76 11.78 24.06 -9.12
C ASP A 76 13.14 23.78 -8.50
N MET A 77 14.19 23.78 -9.32
CA MET A 77 15.48 23.25 -8.86
C MET A 77 16.21 24.20 -7.90
N GLU A 78 16.07 25.51 -8.07
CA GLU A 78 16.46 26.40 -6.98
C GLU A 78 15.27 26.59 -6.03
N GLY A 79 15.56 27.06 -4.82
CA GLY A 79 14.47 27.35 -3.90
C GLY A 79 13.94 28.74 -4.14
N THR A 80 13.85 29.12 -5.42
CA THR A 80 13.44 30.49 -5.75
C THR A 80 11.96 30.72 -5.48
N SER A 81 11.08 29.74 -5.80
CA SER A 81 9.64 30.04 -5.72
C SER A 81 8.78 29.02 -4.97
N HIS A 82 9.05 27.71 -5.09
CA HIS A 82 8.15 26.82 -4.36
C HIS A 82 8.63 26.64 -2.92
N PRO A 83 7.72 26.53 -1.92
CA PRO A 83 6.26 26.56 -2.08
C PRO A 83 5.67 27.96 -2.19
N LEU A 84 4.78 28.18 -3.16
CA LEU A 84 3.98 29.39 -3.21
C LEU A 84 2.97 29.39 -2.07
N ARG A 85 2.53 30.58 -1.68
CA ARG A 85 1.68 30.71 -0.51
C ARG A 85 0.63 31.81 -0.67
N GLY A 86 -0.63 31.48 -0.42
CA GLY A 86 -1.71 32.44 -0.27
C GLY A 86 -2.61 32.06 0.91
N LYS A 87 -3.89 31.78 0.66
CA LYS A 87 -4.72 31.19 1.71
C LYS A 87 -4.18 29.85 2.16
N LEU A 88 -3.62 29.08 1.23
CA LEU A 88 -3.01 27.81 1.58
C LEU A 88 -1.54 27.83 1.21
N ILE A 89 -0.84 26.79 1.64
CA ILE A 89 0.57 26.59 1.36
C ILE A 89 0.68 25.47 0.33
N ASP A 90 1.42 25.73 -0.76
CA ASP A 90 1.75 24.68 -1.73
C ASP A 90 2.12 23.39 -0.99
N ALA A 91 1.68 22.27 -1.53
CA ALA A 91 2.05 21.05 -0.83
C ALA A 91 3.46 20.62 -1.22
N PRO A 92 4.19 19.97 -0.32
CA PRO A 92 5.50 19.43 -0.69
C PRO A 92 5.34 18.35 -1.74
N TYR A 93 6.38 18.20 -2.57
CA TYR A 93 6.45 17.17 -3.61
C TYR A 93 7.89 16.66 -3.69
N ILE A 94 8.06 15.47 -4.28
CA ILE A 94 9.40 14.98 -4.59
C ILE A 94 9.91 15.69 -5.84
N LYS A 95 11.12 16.27 -5.74
CA LYS A 95 11.72 17.11 -6.78
C LYS A 95 12.53 16.31 -7.77
N HIS A 96 12.15 15.07 -8.05
CA HIS A 96 12.83 14.25 -9.03
C HIS A 96 11.98 13.01 -9.24
N LEU A 97 12.30 12.27 -10.30
CA LEU A 97 11.74 10.94 -10.45
C LEU A 97 12.25 10.07 -9.30
N PRO A 98 11.37 9.39 -8.57
CA PRO A 98 11.83 8.58 -7.43
C PRO A 98 12.75 7.46 -7.89
N GLU A 99 13.60 7.01 -6.94
CA GLU A 99 14.74 6.13 -7.24
C GLU A 99 14.28 4.80 -7.84
N GLY A 100 13.38 4.12 -7.16
CA GLY A 100 13.14 2.74 -7.54
C GLY A 100 12.06 2.55 -8.59
N GLU A 101 11.74 3.58 -9.38
CA GLU A 101 10.71 3.44 -10.40
C GLU A 101 11.23 2.62 -11.57
N TYR A 102 10.38 1.71 -12.06
CA TYR A 102 10.73 0.87 -13.22
C TYR A 102 10.06 1.50 -14.43
N THR A 103 10.79 2.39 -15.10
CA THR A 103 10.19 3.18 -16.16
C THR A 103 10.11 2.37 -17.43
N ILE A 104 9.37 2.90 -18.41
CA ILE A 104 9.19 2.21 -19.69
C ILE A 104 10.49 2.13 -20.48
N ALA A 105 11.45 3.00 -20.22
CA ALA A 105 12.76 2.88 -20.84
C ALA A 105 13.48 1.64 -20.32
N GLN A 106 13.48 1.43 -19.02
CA GLN A 106 14.05 0.22 -18.45
C GLN A 106 13.29 -1.02 -18.93
N ALA A 107 11.95 -0.99 -18.81
CA ALA A 107 11.15 -2.15 -19.20
C ALA A 107 11.45 -2.58 -20.64
N LEU A 108 11.57 -1.61 -21.56
CA LEU A 108 11.83 -1.96 -22.96
C LEU A 108 13.30 -2.36 -23.16
N LYS A 109 14.22 -1.65 -22.50
CA LYS A 109 15.63 -2.04 -22.57
C LYS A 109 15.82 -3.48 -22.10
N ASP A 110 15.24 -3.82 -20.94
CA ASP A 110 15.30 -5.19 -20.45
C ASP A 110 14.66 -6.17 -21.41
N ALA A 111 13.71 -5.72 -22.23
CA ALA A 111 13.15 -6.54 -23.29
C ALA A 111 13.94 -6.45 -24.59
N GLY A 112 15.14 -5.88 -24.58
CA GLY A 112 15.99 -5.88 -25.75
C GLY A 112 15.97 -4.64 -26.62
N TYR A 113 15.37 -3.56 -26.15
CA TYR A 113 15.29 -2.34 -26.95
C TYR A 113 16.52 -1.47 -26.77
N GLU A 114 16.78 -0.64 -27.78
CA GLU A 114 17.70 0.47 -27.69
C GLU A 114 16.90 1.70 -27.27
N THR A 115 17.36 2.41 -26.24
CA THR A 115 16.57 3.48 -25.65
C THR A 115 17.28 4.83 -25.71
N TRP A 116 16.56 5.86 -26.15
CA TRP A 116 17.11 7.18 -26.38
C TRP A 116 16.21 8.24 -25.76
N HIS A 117 16.79 9.11 -24.95
CA HIS A 117 16.14 10.36 -24.57
C HIS A 117 16.78 11.53 -25.29
N VAL A 118 15.95 12.40 -25.88
CA VAL A 118 16.40 13.60 -26.58
C VAL A 118 15.51 14.76 -26.14
N GLY A 119 16.10 15.76 -25.51
CA GLY A 119 15.41 17.01 -25.29
C GLY A 119 15.04 17.22 -23.84
N LYS A 120 13.97 17.97 -23.58
CA LYS A 120 13.60 18.36 -22.23
C LYS A 120 13.45 17.14 -21.31
N TRP A 121 13.99 17.27 -20.09
CA TRP A 121 13.91 16.23 -19.08
C TRP A 121 13.11 16.74 -17.88
N HIS A 122 13.67 17.69 -17.12
CA HIS A 122 12.93 18.34 -16.06
C HIS A 122 12.46 17.33 -15.01
N LEU A 123 13.26 16.27 -14.78
CA LEU A 123 12.88 15.24 -13.81
C LEU A 123 13.93 15.04 -12.71
N GLY A 124 14.76 16.04 -12.44
CA GLY A 124 15.73 16.01 -11.37
C GLY A 124 17.11 16.41 -11.84
N GLY A 125 18.03 16.50 -10.87
CA GLY A 125 19.42 16.77 -11.12
C GLY A 125 20.17 15.53 -11.57
N ARG A 126 21.50 15.67 -11.57
CA ARG A 126 22.38 14.69 -12.22
C ARG A 126 22.08 13.26 -11.78
N GLU A 127 21.89 13.04 -10.48
CA GLU A 127 21.70 11.65 -10.04
C GLU A 127 20.36 11.06 -10.48
N TYR A 128 19.56 11.80 -11.26
CA TYR A 128 18.30 11.28 -11.76
C TYR A 128 18.16 11.60 -13.25
N TYR A 129 19.28 11.75 -13.94
CA TYR A 129 19.25 11.88 -15.37
C TYR A 129 18.78 10.57 -16.03
N PRO A 130 18.39 10.62 -17.31
CA PRO A 130 17.83 9.43 -17.98
C PRO A 130 18.64 8.16 -17.81
N ASP A 131 19.96 8.26 -17.72
CA ASP A 131 20.80 7.07 -17.68
C ASP A 131 20.59 6.28 -16.39
N HIS A 132 20.32 6.97 -15.27
CA HIS A 132 19.86 6.30 -14.06
C HIS A 132 18.45 5.71 -14.22
N PHE A 133 17.80 5.77 -15.38
CA PHE A 133 16.42 5.30 -15.48
C PHE A 133 16.15 4.48 -16.73
N GLY A 134 17.18 3.90 -17.35
CA GLY A 134 16.97 2.95 -18.43
C GLY A 134 17.26 3.47 -19.82
N PHE A 135 17.62 4.74 -19.98
CA PHE A 135 17.94 5.29 -21.29
C PHE A 135 19.43 5.10 -21.57
N ASP A 136 19.74 4.73 -22.80
CA ASP A 136 21.15 4.59 -23.16
C ASP A 136 21.79 5.90 -23.59
N VAL A 137 20.98 6.85 -24.07
CA VAL A 137 21.45 8.09 -24.66
C VAL A 137 20.64 9.23 -24.04
N ASN A 138 21.29 10.37 -23.81
CA ASN A 138 20.61 11.57 -23.31
C ASN A 138 21.20 12.78 -24.04
N ILE A 139 20.51 13.28 -25.05
CA ILE A 139 20.94 14.47 -25.76
C ILE A 139 20.02 15.62 -25.34
N GLY A 140 20.56 16.56 -24.57
CA GLY A 140 19.87 17.80 -24.26
C GLY A 140 18.99 17.82 -23.02
N GLY A 141 18.92 16.73 -22.26
CA GLY A 141 18.11 16.71 -21.07
C GLY A 141 18.97 17.02 -19.83
N CYS A 142 18.46 17.93 -19.01
CA CYS A 142 19.11 18.18 -17.72
C CYS A 142 18.06 18.51 -16.68
N SER A 143 18.39 19.34 -15.71
CA SER A 143 17.38 19.73 -14.74
C SER A 143 16.46 20.84 -15.26
N TRP A 144 16.88 21.54 -16.31
CA TRP A 144 16.09 22.65 -16.85
C TRP A 144 14.70 22.22 -17.28
N GLY A 145 13.73 23.10 -17.03
CA GLY A 145 12.39 22.97 -17.56
C GLY A 145 12.12 23.77 -18.81
N HIS A 146 13.08 24.57 -19.28
CA HIS A 146 12.90 25.38 -20.48
C HIS A 146 14.25 25.93 -20.89
N PRO A 147 14.39 26.51 -22.10
CA PRO A 147 15.68 27.12 -22.45
C PRO A 147 16.00 28.35 -21.61
N HIS A 148 16.64 28.13 -20.47
CA HIS A 148 17.02 29.22 -19.57
C HIS A 148 17.73 30.36 -20.29
N GLU A 149 18.51 30.04 -21.32
CA GLU A 149 19.29 31.03 -22.03
C GLU A 149 18.87 31.16 -23.49
N GLY A 150 17.61 30.81 -23.79
CA GLY A 150 17.00 31.08 -25.08
C GLY A 150 17.11 29.91 -26.04
N TYR A 151 16.38 30.04 -27.16
CA TYR A 151 16.37 29.03 -28.19
C TYR A 151 17.48 29.20 -29.23
N PHE A 152 18.26 30.29 -29.16
CA PHE A 152 19.30 30.54 -30.15
C PHE A 152 20.68 30.28 -29.55
N SER A 153 21.53 29.62 -30.34
CA SER A 153 22.80 29.15 -29.84
C SER A 153 23.70 30.33 -29.47
N PRO A 154 24.42 30.27 -28.32
CA PRO A 154 24.53 29.11 -27.42
C PRO A 154 23.39 28.96 -26.40
N TYR A 155 23.12 27.72 -25.99
CA TYR A 155 22.00 27.43 -25.11
C TYR A 155 22.38 27.20 -23.66
N GLY A 156 23.65 26.93 -23.36
CA GLY A 156 24.02 26.61 -21.99
C GLY A 156 23.48 25.30 -21.49
N ILE A 157 23.03 24.41 -22.38
CA ILE A 157 22.44 23.15 -21.97
C ILE A 157 23.56 22.13 -21.77
N GLU A 158 23.64 21.61 -20.55
CA GLU A 158 24.81 20.86 -20.09
C GLU A 158 25.06 19.58 -20.90
N THR A 159 24.05 19.03 -21.56
CA THR A 159 24.22 17.79 -22.31
C THR A 159 24.06 18.01 -23.81
N LEU A 160 24.10 19.25 -24.28
CA LEU A 160 24.03 19.54 -25.70
C LEU A 160 25.22 20.43 -26.05
N PRO A 161 26.24 19.92 -26.72
CA PRO A 161 27.36 20.76 -27.14
C PRO A 161 26.93 21.85 -28.10
N GLU A 162 27.37 23.08 -27.80
CA GLU A 162 26.92 24.28 -28.50
C GLU A 162 27.14 24.21 -30.00
N GLY A 163 26.20 24.77 -30.75
CA GLY A 163 26.27 24.78 -32.18
C GLY A 163 26.78 26.10 -32.71
N PRO A 164 26.96 26.20 -34.02
CA PRO A 164 27.35 27.47 -34.65
C PRO A 164 26.42 28.61 -34.23
N GLU A 165 26.97 29.82 -34.22
CA GLU A 165 26.22 31.02 -33.89
C GLU A 165 24.89 31.06 -34.63
N GLY A 166 23.82 31.35 -33.90
CA GLY A 166 22.50 31.48 -34.50
C GLY A 166 21.75 30.19 -34.74
N GLU A 167 22.31 29.04 -34.35
CA GLU A 167 21.60 27.79 -34.51
C GLU A 167 20.33 27.78 -33.66
N TYR A 168 19.24 27.31 -34.25
CA TYR A 168 17.95 27.22 -33.56
C TYR A 168 17.80 25.86 -32.89
N LEU A 169 17.33 25.89 -31.64
CA LEU A 169 17.38 24.70 -30.79
C LEU A 169 16.44 23.61 -31.28
N THR A 170 15.24 23.98 -31.76
CA THR A 170 14.31 22.96 -32.25
C THR A 170 14.83 22.31 -33.52
N ASP A 171 15.40 23.11 -34.43
CA ASP A 171 16.14 22.56 -35.56
C ASP A 171 17.23 21.60 -35.07
N ARG A 172 17.94 21.96 -34.01
CA ARG A 172 19.07 21.15 -33.55
C ARG A 172 18.62 19.87 -32.88
N ILE A 173 17.60 19.94 -32.03
CA ILE A 173 17.10 18.74 -31.37
C ILE A 173 16.62 17.72 -32.41
N THR A 174 15.98 18.20 -33.47
CA THR A 174 15.56 17.34 -34.57
C THR A 174 16.76 16.69 -35.24
N ASP A 175 17.83 17.46 -35.46
CA ASP A 175 19.02 16.94 -36.09
C ASP A 175 19.63 15.81 -35.28
N GLU A 176 19.57 15.93 -33.95
CA GLU A 176 20.11 14.89 -33.09
C GLU A 176 19.26 13.63 -33.18
N ALA A 177 17.94 13.77 -33.20
CA ALA A 177 17.09 12.61 -33.41
C ALA A 177 17.36 11.94 -34.76
N VAL A 178 17.47 12.74 -35.84
CA VAL A 178 17.80 12.20 -37.16
C VAL A 178 19.10 11.40 -37.11
N ARG A 179 20.10 11.92 -36.38
CA ARG A 179 21.40 11.27 -36.29
C ARG A 179 21.27 9.87 -35.68
N LEU A 180 20.53 9.76 -34.58
CA LEU A 180 20.33 8.45 -33.96
C LEU A 180 19.68 7.48 -34.93
N LEU A 181 18.72 7.98 -35.72
CA LEU A 181 18.05 7.13 -36.68
C LEU A 181 19.03 6.61 -37.71
N LYS A 182 19.89 7.49 -38.22
CA LYS A 182 20.82 7.10 -39.28
C LYS A 182 21.98 6.26 -38.72
N GLU A 183 22.42 6.54 -37.50
CA GLU A 183 23.43 5.70 -36.87
C GLU A 183 22.93 4.28 -36.74
N ARG A 184 21.70 4.11 -36.25
CA ARG A 184 21.13 2.78 -36.11
C ARG A 184 21.06 2.05 -37.45
N LYS A 185 20.76 2.79 -38.53
CA LYS A 185 20.75 2.18 -39.87
C LYS A 185 22.14 1.74 -40.28
N ALA A 186 23.15 2.59 -40.07
CA ALA A 186 24.52 2.22 -40.39
C ALA A 186 24.94 0.92 -39.69
N GLY A 187 24.58 0.78 -38.42
CA GLY A 187 24.83 -0.41 -37.63
C GLY A 187 23.97 -1.61 -37.93
N GLY A 188 23.04 -1.49 -38.89
CA GLY A 188 22.28 -2.63 -39.33
C GLY A 188 21.00 -2.93 -38.57
N SER A 189 20.51 -1.98 -37.76
CA SER A 189 19.22 -2.10 -37.08
C SER A 189 19.12 -3.40 -36.27
N ARG A 190 20.11 -3.62 -35.39
CA ARG A 190 20.16 -4.89 -34.67
C ARG A 190 19.05 -5.00 -33.64
N LYS A 191 18.56 -3.89 -33.11
CA LYS A 191 17.49 -3.90 -32.11
C LYS A 191 16.42 -2.87 -32.47
N PRO A 192 15.19 -3.07 -32.01
CA PRO A 192 14.19 -2.01 -32.16
C PRO A 192 14.52 -0.88 -31.19
N PHE A 193 14.14 0.33 -31.59
CA PHE A 193 14.49 1.50 -30.79
C PHE A 193 13.25 2.06 -30.10
N TYR A 194 13.47 2.68 -28.94
CA TYR A 194 12.45 3.46 -28.25
C TYR A 194 13.01 4.86 -28.09
N MET A 195 12.40 5.83 -28.78
CA MET A 195 12.89 7.20 -28.78
C MET A 195 11.89 8.12 -28.08
N ASN A 196 12.35 8.77 -27.04
CA ASN A 196 11.58 9.70 -26.22
C ASN A 196 12.04 11.10 -26.61
N LEU A 197 11.37 11.68 -27.61
CA LEU A 197 11.79 12.95 -28.22
C LEU A 197 10.99 14.09 -27.58
N CYS A 198 11.59 14.76 -26.58
CA CYS A 198 10.91 15.80 -25.80
C CYS A 198 11.36 17.20 -26.25
N HIS A 199 10.57 17.81 -27.11
CA HIS A 199 10.91 19.14 -27.55
C HIS A 199 10.83 20.12 -26.39
N TYR A 200 11.66 21.16 -26.46
CA TYR A 200 11.49 22.29 -25.56
C TYR A 200 10.37 23.19 -26.04
N ALA A 201 10.21 23.31 -27.35
CA ALA A 201 8.99 23.87 -27.91
C ALA A 201 7.77 23.18 -27.32
N VAL A 202 6.74 23.96 -26.97
CA VAL A 202 6.60 25.38 -27.28
C VAL A 202 6.58 26.23 -25.99
N HIS A 203 7.50 25.91 -25.07
CA HIS A 203 7.61 26.63 -23.81
C HIS A 203 8.11 28.06 -24.04
N THR A 204 7.62 28.99 -23.23
CA THR A 204 8.21 30.34 -23.23
C THR A 204 9.70 30.22 -22.91
N PRO A 205 10.53 31.16 -23.38
CA PRO A 205 10.22 32.36 -24.17
C PRO A 205 10.04 32.09 -25.67
N ILE A 206 9.02 32.72 -26.26
CA ILE A 206 8.65 32.46 -27.64
C ILE A 206 9.63 33.21 -28.54
N GLN A 207 10.80 32.62 -28.76
CA GLN A 207 11.79 33.14 -29.68
C GLN A 207 11.78 32.33 -30.97
N VAL A 208 11.84 33.01 -32.11
CA VAL A 208 11.63 32.39 -33.41
C VAL A 208 12.45 33.14 -34.46
N LYS A 209 12.71 32.47 -35.58
CA LYS A 209 13.27 33.15 -36.74
C LYS A 209 12.27 34.20 -37.25
N ASP A 210 12.80 35.30 -37.80
CA ASP A 210 11.92 36.38 -38.26
C ASP A 210 11.12 36.01 -39.50
N GLU A 211 11.64 35.17 -40.41
CA GLU A 211 10.83 34.72 -41.56
C GLU A 211 9.58 33.98 -41.11
N ASP A 212 9.68 33.21 -40.02
CA ASP A 212 8.50 32.53 -39.51
C ASP A 212 7.52 33.50 -38.86
N ARG A 213 8.03 34.38 -37.99
CA ARG A 213 7.22 35.43 -37.37
C ARG A 213 6.55 36.34 -38.40
N GLU A 214 7.30 36.71 -39.44
CA GLU A 214 6.79 37.66 -40.42
C GLU A 214 5.73 37.03 -41.31
N ARG A 215 5.82 35.72 -41.51
CA ARG A 215 4.82 35.02 -42.30
C ARG A 215 3.43 35.07 -41.64
N PHE A 216 3.38 35.15 -40.30
CA PHE A 216 2.10 35.18 -39.62
C PHE A 216 1.69 36.56 -39.16
N GLU A 217 2.60 37.54 -39.16
CA GLU A 217 2.16 38.93 -39.18
C GLU A 217 1.43 39.22 -40.48
N LYS A 218 1.99 38.76 -41.59
CA LYS A 218 1.30 38.89 -42.87
C LYS A 218 -0.08 38.24 -42.82
N LYS A 219 -0.15 37.02 -42.26
CA LYS A 219 -1.42 36.31 -42.20
C LYS A 219 -2.43 37.04 -41.31
N ALA A 220 -1.99 37.49 -40.13
CA ALA A 220 -2.90 38.18 -39.22
C ALA A 220 -3.48 39.44 -39.84
N ARG A 221 -2.72 40.10 -40.71
CA ARG A 221 -3.21 41.30 -41.36
C ARG A 221 -4.19 40.97 -42.49
N GLU A 222 -3.92 39.91 -43.27
CA GLU A 222 -4.88 39.54 -44.31
C GLU A 222 -6.18 39.00 -43.73
N GLN A 223 -6.16 38.48 -42.50
CA GLN A 223 -7.37 37.95 -41.88
C GLN A 223 -8.05 38.94 -40.93
N GLY A 224 -7.49 40.13 -40.72
CA GLY A 224 -8.11 41.10 -39.84
C GLY A 224 -7.81 40.91 -38.37
N LEU A 225 -7.04 39.88 -37.99
CA LEU A 225 -6.88 39.55 -36.59
C LEU A 225 -5.97 40.52 -35.87
N ASP A 226 -5.19 41.31 -36.62
CA ASP A 226 -4.20 42.16 -35.98
C ASP A 226 -4.86 43.31 -35.25
N GLN A 227 -6.08 43.67 -35.66
CA GLN A 227 -6.82 44.77 -35.05
C GLN A 227 -7.98 44.26 -34.20
N GLU A 228 -7.84 43.06 -33.64
CA GLU A 228 -8.77 42.56 -32.65
C GLU A 228 -8.10 42.58 -31.29
N THR A 229 -8.91 42.57 -30.26
CA THR A 229 -8.40 42.54 -28.90
C THR A 229 -8.20 41.09 -28.52
N ALA A 230 -6.95 40.72 -28.27
CA ALA A 230 -6.61 39.32 -28.04
C ALA A 230 -6.33 38.99 -26.58
N LEU A 231 -5.93 39.95 -25.77
CA LEU A 231 -5.51 39.73 -24.40
C LEU A 231 -6.39 40.55 -23.47
N VAL A 232 -6.98 39.90 -22.47
CA VAL A 232 -7.90 40.55 -21.55
C VAL A 232 -7.40 40.38 -20.12
N GLU A 233 -7.32 41.49 -19.38
CA GLU A 233 -6.89 41.49 -17.98
C GLU A 233 -8.02 41.04 -17.06
N GLY A 234 -7.68 40.32 -16.00
CA GLY A 234 -8.65 39.70 -15.12
C GLY A 234 -8.29 39.87 -13.66
N GLU A 235 -8.73 38.89 -12.87
CA GLU A 235 -8.60 38.90 -11.43
C GLU A 235 -7.13 38.98 -11.00
N PHE A 236 -6.92 39.29 -9.73
CA PHE A 236 -5.57 39.26 -9.21
C PHE A 236 -5.10 37.82 -9.04
N HIS A 237 -3.79 37.64 -9.10
CA HIS A 237 -3.18 36.38 -8.71
C HIS A 237 -3.44 36.11 -7.23
N HIS A 238 -3.04 34.91 -6.78
CA HIS A 238 -3.49 34.38 -5.51
C HIS A 238 -2.36 34.15 -4.51
N THR A 239 -1.11 34.42 -4.86
CA THR A 239 0.02 34.09 -4.01
C THR A 239 0.82 35.34 -3.64
N GLU A 240 1.50 35.28 -2.50
CA GLU A 240 2.26 36.42 -2.00
C GLU A 240 3.25 36.96 -3.03
N ASP A 241 3.81 36.10 -3.86
CA ASP A 241 4.88 36.53 -4.75
C ASP A 241 4.36 37.27 -5.99
N LYS A 242 3.07 37.18 -6.28
CA LYS A 242 2.48 37.92 -7.40
C LYS A 242 1.41 38.89 -6.93
N LYS A 243 1.47 39.31 -5.66
CA LYS A 243 0.52 40.28 -5.12
C LYS A 243 0.63 41.59 -5.89
N GLY A 244 -0.50 42.03 -6.46
CA GLY A 244 -0.53 43.18 -7.32
C GLY A 244 -0.65 42.87 -8.79
N ARG A 245 -0.24 41.68 -9.24
CA ARG A 245 -0.37 41.32 -10.64
C ARG A 245 -1.74 40.71 -10.93
N ARG A 246 -2.16 40.81 -12.19
CA ARG A 246 -3.46 40.33 -12.62
C ARG A 246 -3.30 39.29 -13.72
N VAL A 247 -4.11 38.22 -13.65
CA VAL A 247 -4.27 37.25 -14.73
C VAL A 247 -4.61 37.96 -16.03
N VAL A 248 -3.90 37.62 -17.10
CA VAL A 248 -4.16 38.18 -18.42
C VAL A 248 -4.46 37.02 -19.36
N ARG A 249 -5.72 36.89 -19.76
CA ARG A 249 -6.17 35.80 -20.60
C ARG A 249 -6.07 36.15 -22.08
N ARG A 250 -5.63 35.17 -22.88
CA ARG A 250 -5.67 35.27 -24.32
C ARG A 250 -7.00 34.71 -24.80
N VAL A 251 -7.69 35.45 -25.68
CA VAL A 251 -9.03 35.07 -26.10
C VAL A 251 -9.14 34.71 -27.59
N ILE A 252 -8.08 34.91 -28.37
CA ILE A 252 -8.05 34.53 -29.78
C ILE A 252 -6.69 33.92 -30.06
N GLN A 253 -6.64 32.99 -31.00
CA GLN A 253 -5.36 32.53 -31.55
C GLN A 253 -4.91 33.52 -32.62
N SER A 254 -3.97 34.40 -32.27
CA SER A 254 -3.52 35.38 -33.26
C SER A 254 -2.06 35.80 -33.07
N ASP A 255 -1.33 35.18 -32.15
CA ASP A 255 0.04 35.57 -31.89
C ASP A 255 0.97 35.11 -33.01
N PRO A 256 1.60 36.03 -33.76
CA PRO A 256 2.43 35.59 -34.90
C PRO A 256 3.71 34.89 -34.49
N SER A 257 4.28 35.25 -33.34
CA SER A 257 5.52 34.59 -32.93
C SER A 257 5.27 33.15 -32.55
N TYR A 258 4.20 32.89 -31.79
CA TYR A 258 3.80 31.53 -31.46
C TYR A 258 3.45 30.74 -32.73
N ALA A 259 2.61 31.33 -33.59
CA ALA A 259 2.32 30.73 -34.88
C ALA A 259 3.61 30.34 -35.60
N GLY A 260 4.58 31.27 -35.62
CA GLY A 260 5.85 30.96 -36.24
C GLY A 260 6.61 29.84 -35.54
N MET A 261 6.41 29.67 -34.23
CA MET A 261 7.13 28.61 -33.53
C MET A 261 6.53 27.25 -33.87
N ILE A 262 5.21 27.19 -33.95
CA ILE A 262 4.53 25.97 -34.37
C ILE A 262 4.84 25.68 -35.83
N TRP A 263 5.07 26.71 -36.63
CA TRP A 263 5.41 26.48 -38.04
C TRP A 263 6.80 25.87 -38.17
N ASN A 264 7.76 26.31 -37.35
CA ASN A 264 9.08 25.69 -37.39
C ASN A 264 9.02 24.28 -36.84
N LEU A 265 8.29 24.09 -35.73
CA LEU A 265 8.09 22.75 -35.20
C LEU A 265 7.50 21.83 -36.26
N ASP A 266 6.65 22.37 -37.14
CA ASP A 266 6.04 21.52 -38.14
C ASP A 266 7.03 21.12 -39.22
N GLN A 267 7.94 22.03 -39.62
CA GLN A 267 8.97 21.65 -40.58
C GLN A 267 9.83 20.53 -40.01
N ASN A 268 10.26 20.66 -38.76
CA ASN A 268 11.16 19.68 -38.16
C ASN A 268 10.50 18.33 -38.02
N ILE A 269 9.23 18.29 -37.59
CA ILE A 269 8.51 17.02 -37.56
C ILE A 269 8.52 16.40 -38.95
N GLY A 270 8.34 17.22 -39.99
CA GLY A 270 8.45 16.73 -41.34
C GLY A 270 9.82 16.14 -41.66
N ARG A 271 10.90 16.79 -41.21
CA ARG A 271 12.24 16.26 -41.43
C ARG A 271 12.42 14.93 -40.72
N LEU A 272 11.92 14.83 -39.49
CA LEU A 272 12.13 13.64 -38.67
C LEU A 272 11.41 12.43 -39.25
N LEU A 273 10.18 12.61 -39.71
CA LEU A 273 9.44 11.48 -40.26
C LEU A 273 9.98 11.09 -41.61
N GLU A 274 10.53 12.05 -42.35
CA GLU A 274 11.18 11.72 -43.61
C GLU A 274 12.40 10.84 -43.35
N ALA A 275 13.23 11.25 -42.39
CA ALA A 275 14.35 10.39 -41.98
C ALA A 275 13.86 9.01 -41.54
N LEU A 276 12.73 8.96 -40.83
CA LEU A 276 12.18 7.69 -40.38
C LEU A 276 11.89 6.79 -41.58
N SER A 277 11.33 7.37 -42.64
CA SER A 277 11.08 6.60 -43.86
C SER A 277 12.39 6.28 -44.59
N GLU A 278 13.32 7.23 -44.65
CA GLU A 278 14.58 7.00 -45.35
C GLU A 278 15.37 5.86 -44.77
N CYS A 279 15.16 5.52 -43.49
CA CYS A 279 15.76 4.34 -42.88
C CYS A 279 14.89 3.09 -43.01
N GLY A 280 13.85 3.13 -43.85
CA GLY A 280 12.94 2.01 -43.96
C GLY A 280 12.26 1.56 -42.69
N GLU A 281 12.15 2.45 -41.69
CA GLU A 281 11.52 2.11 -40.41
C GLU A 281 10.07 2.59 -40.30
N GLU A 282 9.50 3.18 -41.37
CA GLU A 282 8.19 3.79 -41.25
C GLU A 282 7.09 2.77 -40.94
N GLU A 283 7.13 1.61 -41.60
CA GLU A 283 6.03 0.64 -41.51
C GLU A 283 5.95 -0.04 -40.15
N ASN A 284 7.02 -0.06 -39.37
CA ASN A 284 7.05 -0.80 -38.12
C ASN A 284 7.40 0.10 -36.92
N THR A 285 7.04 1.37 -37.01
CA THR A 285 7.28 2.35 -35.96
C THR A 285 5.94 2.91 -35.48
N VAL A 286 5.65 2.73 -34.20
CA VAL A 286 4.55 3.44 -33.57
C VAL A 286 4.98 4.87 -33.35
N VAL A 287 4.26 5.80 -33.95
CA VAL A 287 4.54 7.22 -33.81
C VAL A 287 3.41 7.84 -33.00
N VAL A 288 3.75 8.55 -31.94
CA VAL A 288 2.79 9.27 -31.12
C VAL A 288 3.18 10.74 -31.10
N PHE A 289 2.21 11.63 -31.29
CA PHE A 289 2.41 13.06 -31.12
C PHE A 289 1.48 13.53 -30.01
N THR A 290 2.02 14.19 -28.99
CA THR A 290 1.21 14.62 -27.85
C THR A 290 1.98 15.70 -27.09
N SER A 291 1.48 16.06 -25.91
CA SER A 291 2.10 17.13 -25.14
C SER A 291 1.89 16.84 -23.67
N ASP A 292 2.61 17.57 -22.82
CA ASP A 292 2.65 17.23 -21.41
C ASP A 292 1.62 17.97 -20.57
N ASN A 293 1.10 19.10 -21.04
CA ASN A 293 -0.01 19.76 -20.38
C ASN A 293 -0.67 20.67 -21.42
N GLY A 294 -1.71 21.39 -20.98
CA GLY A 294 -2.45 22.24 -21.89
C GLY A 294 -1.72 23.54 -22.22
N GLY A 295 -2.33 24.32 -23.11
CA GLY A 295 -1.65 25.50 -23.64
C GLY A 295 -1.62 26.67 -22.68
N LEU A 296 -0.62 27.53 -22.86
CA LEU A 296 -0.42 28.69 -21.99
C LEU A 296 -1.34 29.81 -22.46
N ALA A 297 -2.36 30.12 -21.67
CA ALA A 297 -3.39 31.04 -22.11
C ALA A 297 -3.66 32.18 -21.13
N THR A 298 -3.08 32.16 -19.93
CA THR A 298 -3.54 33.05 -18.88
C THR A 298 -2.45 33.86 -18.20
N SER A 299 -1.18 33.62 -18.51
CA SER A 299 -0.10 34.36 -17.87
C SER A 299 1.16 34.22 -18.72
N GLU A 300 2.21 34.92 -18.29
CA GLU A 300 3.56 34.78 -18.85
C GLU A 300 3.61 35.00 -20.36
N GLY A 301 2.75 35.86 -20.89
CA GLY A 301 2.70 36.16 -22.29
C GLY A 301 1.45 35.66 -22.99
N SER A 302 0.75 34.68 -22.39
CA SER A 302 -0.48 34.12 -22.96
C SER A 302 -0.34 33.87 -24.45
N PRO A 303 0.54 32.98 -24.89
CA PRO A 303 0.77 32.88 -26.33
C PRO A 303 -0.38 32.26 -27.09
N THR A 304 -1.20 31.38 -26.49
CA THR A 304 -2.25 30.71 -27.23
C THR A 304 -3.59 30.87 -26.53
N CYS A 305 -4.64 30.39 -27.19
CA CYS A 305 -5.96 30.36 -26.60
C CYS A 305 -6.51 28.94 -26.74
N ASN A 306 -7.17 28.45 -25.69
CA ASN A 306 -7.69 27.09 -25.68
C ASN A 306 -9.20 27.04 -25.85
N LEU A 307 -9.86 28.17 -26.02
CA LEU A 307 -11.30 28.19 -26.10
C LEU A 307 -11.78 27.31 -27.26
N PRO A 308 -12.92 26.63 -27.13
CA PRO A 308 -13.91 26.61 -26.04
C PRO A 308 -13.52 25.93 -24.73
N ALA A 309 -12.36 25.30 -24.62
CA ALA A 309 -11.94 24.77 -23.33
C ALA A 309 -11.45 25.92 -22.47
N SER A 310 -11.97 26.03 -21.25
CA SER A 310 -11.70 27.20 -20.44
C SER A 310 -10.32 27.12 -19.80
N GLU A 311 -9.67 28.28 -19.68
CA GLU A 311 -8.33 28.44 -19.10
C GLU A 311 -7.31 27.60 -19.83
N GLY A 312 -6.16 27.38 -19.21
CA GLY A 312 -5.10 26.61 -19.82
C GLY A 312 -4.10 26.11 -18.78
N LYS A 313 -2.83 26.06 -19.19
CA LYS A 313 -1.76 25.49 -18.40
C LYS A 313 -1.86 25.90 -16.95
N GLY A 314 -1.71 24.94 -16.05
CA GLY A 314 -1.71 25.25 -14.63
C GLY A 314 -3.07 25.37 -13.99
N TRP A 315 -4.15 25.03 -14.70
CA TRP A 315 -5.48 24.94 -14.12
C TRP A 315 -6.04 23.54 -14.33
N VAL A 316 -6.94 23.13 -13.42
CA VAL A 316 -7.61 21.85 -13.59
C VAL A 316 -8.83 21.95 -14.50
N TYR A 317 -9.08 23.11 -15.09
CA TYR A 317 -10.14 23.22 -16.09
C TYR A 317 -9.69 22.59 -17.41
N GLU A 318 -10.67 22.31 -18.28
CA GLU A 318 -10.41 21.51 -19.47
C GLU A 318 -9.22 22.04 -20.28
N GLY A 319 -9.10 23.35 -20.41
CA GLY A 319 -8.00 23.87 -21.21
C GLY A 319 -6.63 23.59 -20.62
N GLY A 320 -6.55 23.16 -19.36
CA GLY A 320 -5.27 22.94 -18.73
C GLY A 320 -4.89 21.48 -18.83
N THR A 321 -5.88 20.60 -18.92
CA THR A 321 -5.61 19.17 -18.95
C THR A 321 -5.79 18.54 -20.32
N ARG A 322 -6.47 19.21 -21.25
CA ARG A 322 -6.62 18.65 -22.58
C ARG A 322 -5.37 18.90 -23.41
N VAL A 323 -5.06 17.94 -24.27
CA VAL A 323 -3.78 17.92 -24.98
C VAL A 323 -3.97 17.19 -26.31
N PRO A 324 -3.25 17.53 -27.38
CA PRO A 324 -3.43 16.80 -28.63
C PRO A 324 -2.77 15.44 -28.57
N LEU A 325 -3.38 14.46 -29.25
CA LEU A 325 -2.83 13.11 -29.29
C LEU A 325 -3.16 12.46 -30.63
N ILE A 326 -2.11 12.09 -31.35
CA ILE A 326 -2.22 11.37 -32.61
C ILE A 326 -1.35 10.12 -32.50
N VAL A 327 -1.87 8.98 -32.96
CA VAL A 327 -1.13 7.74 -32.93
C VAL A 327 -1.13 7.15 -34.32
N LYS A 328 0.07 6.92 -34.86
CA LYS A 328 0.24 6.32 -36.17
C LYS A 328 0.99 5.01 -36.02
N TYR A 329 0.44 3.94 -36.60
CA TYR A 329 1.08 2.63 -36.57
C TYR A 329 0.64 1.89 -37.82
N PRO A 330 1.40 2.02 -38.91
CA PRO A 330 0.94 1.50 -40.21
C PRO A 330 0.63 0.02 -40.15
N GLY A 331 -0.48 -0.35 -40.81
CA GLY A 331 -0.98 -1.72 -40.80
C GLY A 331 -1.82 -2.08 -39.60
N HIS A 332 -1.83 -1.27 -38.55
CA HIS A 332 -2.60 -1.61 -37.37
C HIS A 332 -3.64 -0.56 -37.01
N VAL A 333 -3.28 0.71 -37.04
CA VAL A 333 -4.22 1.79 -36.80
C VAL A 333 -4.78 2.25 -38.14
N ALA A 334 -6.11 2.31 -38.23
CA ALA A 334 -6.77 2.80 -39.41
C ALA A 334 -6.35 4.24 -39.69
N PRO A 335 -5.90 4.56 -40.90
CA PRO A 335 -5.41 5.92 -41.17
C PRO A 335 -6.56 6.92 -41.27
N GLY A 336 -6.36 8.08 -40.65
CA GLY A 336 -7.37 9.13 -40.73
C GLY A 336 -8.65 8.82 -39.98
N SER A 337 -8.54 8.23 -38.79
CA SER A 337 -9.69 7.88 -37.98
C SER A 337 -9.63 8.63 -36.64
N ARG A 338 -10.63 8.39 -35.79
CA ARG A 338 -10.83 9.25 -34.63
C ARG A 338 -11.59 8.53 -33.53
N CYS A 339 -11.05 8.59 -32.32
CA CYS A 339 -11.62 7.97 -31.14
C CYS A 339 -11.94 9.07 -30.13
N ASP A 340 -13.11 8.97 -29.49
CA ASP A 340 -13.52 9.96 -28.50
C ASP A 340 -13.48 9.42 -27.07
N VAL A 341 -12.95 8.22 -26.85
CA VAL A 341 -12.83 7.67 -25.49
C VAL A 341 -11.74 8.42 -24.73
N PRO A 342 -11.98 8.86 -23.49
CA PRO A 342 -10.92 9.61 -22.77
C PRO A 342 -9.66 8.77 -22.60
N VAL A 343 -8.53 9.37 -22.92
CA VAL A 343 -7.24 8.73 -22.70
C VAL A 343 -6.44 9.69 -21.86
N THR A 344 -5.54 9.17 -21.03
CA THR A 344 -4.75 10.02 -20.17
C THR A 344 -3.32 9.53 -20.19
N THR A 345 -2.39 10.44 -19.89
CA THR A 345 -0.94 10.20 -19.90
C THR A 345 -0.47 8.84 -19.39
N PRO A 346 -0.93 8.32 -18.24
CA PRO A 346 -0.39 7.04 -17.76
C PRO A 346 -0.81 5.82 -18.56
N ASP A 347 -1.58 5.99 -19.62
CA ASP A 347 -2.00 4.88 -20.46
C ASP A 347 -0.89 4.39 -21.39
N PHE A 348 0.11 5.23 -21.66
CA PHE A 348 1.10 4.89 -22.69
C PHE A 348 1.97 3.70 -22.28
N TYR A 349 2.43 3.70 -21.03
CA TYR A 349 3.25 2.65 -20.45
C TYR A 349 2.65 1.26 -20.72
N PRO A 350 1.41 0.96 -20.31
CA PRO A 350 0.84 -0.36 -20.65
C PRO A 350 0.51 -0.52 -22.14
N THR A 351 0.25 0.56 -22.86
CA THR A 351 0.03 0.46 -24.31
C THR A 351 1.31 0.01 -25.01
N PHE A 352 2.43 0.66 -24.71
CA PHE A 352 3.70 0.33 -25.35
C PHE A 352 4.16 -1.08 -24.99
N LEU A 353 4.04 -1.45 -23.70
CA LEU A 353 4.40 -2.79 -23.28
C LEU A 353 3.57 -3.85 -24.02
N GLU A 354 2.27 -3.61 -24.17
CA GLU A 354 1.44 -4.59 -24.90
C GLU A 354 1.81 -4.64 -26.37
N LEU A 355 1.99 -3.48 -27.01
CA LEU A 355 2.39 -3.44 -28.41
C LEU A 355 3.69 -4.20 -28.67
N ALA A 356 4.63 -4.19 -27.71
CA ALA A 356 5.91 -4.87 -27.85
C ALA A 356 5.89 -6.29 -27.30
N GLY A 357 4.76 -6.77 -26.79
CA GLY A 357 4.71 -8.13 -26.27
C GLY A 357 5.49 -8.38 -24.99
N VAL A 358 5.60 -7.39 -24.12
CA VAL A 358 6.41 -7.47 -22.91
C VAL A 358 5.48 -7.52 -21.69
N PRO A 359 5.62 -8.51 -20.81
CA PRO A 359 4.80 -8.51 -19.60
C PRO A 359 5.24 -7.39 -18.67
N GLN A 360 4.27 -6.83 -17.96
CA GLN A 360 4.60 -5.82 -16.97
C GLN A 360 5.14 -6.48 -15.70
N LYS A 361 6.17 -5.86 -15.13
CA LYS A 361 6.79 -6.38 -13.93
C LYS A 361 5.76 -6.58 -12.82
N SER A 362 5.90 -7.66 -12.06
CA SER A 362 5.00 -7.93 -10.94
C SER A 362 5.22 -6.94 -9.80
N GLY A 363 4.13 -6.59 -9.13
CA GLY A 363 4.22 -5.81 -7.92
C GLY A 363 4.51 -4.33 -8.08
N ILE A 364 4.47 -3.80 -9.29
CA ILE A 364 4.61 -2.36 -9.51
C ILE A 364 3.24 -1.79 -9.84
N PRO A 365 2.83 -0.70 -9.20
CA PRO A 365 1.50 -0.14 -9.50
C PRO A 365 1.47 0.48 -10.89
N ILE A 366 0.34 0.32 -11.58
CA ILE A 366 0.13 0.96 -12.87
C ILE A 366 -1.32 1.42 -12.90
N ASP A 367 -1.53 2.74 -12.85
CA ASP A 367 -2.88 3.28 -12.95
C ASP A 367 -3.36 3.40 -14.39
N GLY A 368 -2.46 3.43 -15.36
CA GLY A 368 -2.88 3.50 -16.75
C GLY A 368 -3.55 2.22 -17.22
N ARG A 369 -4.05 2.29 -18.46
CA ARG A 369 -4.75 1.19 -19.11
C ARG A 369 -4.36 1.19 -20.58
N SER A 370 -3.94 0.06 -21.11
CA SER A 370 -3.58 0.01 -22.51
C SER A 370 -4.73 0.47 -23.41
N ILE A 371 -4.40 1.23 -24.44
CA ILE A 371 -5.42 1.74 -25.34
C ILE A 371 -5.43 1.00 -26.69
N VAL A 372 -4.81 -0.19 -26.77
CA VAL A 372 -4.82 -0.93 -28.03
C VAL A 372 -6.22 -1.34 -28.48
N PRO A 373 -7.17 -1.71 -27.59
CA PRO A 373 -8.56 -1.83 -28.10
C PRO A 373 -9.02 -0.59 -28.86
N LEU A 374 -8.76 0.61 -28.33
CA LEU A 374 -9.12 1.84 -29.04
C LEU A 374 -8.35 2.01 -30.34
N LEU A 375 -7.07 1.63 -30.36
CA LEU A 375 -6.31 1.70 -31.60
C LEU A 375 -6.87 0.72 -32.63
N ALA A 376 -7.58 -0.30 -32.18
CA ALA A 376 -8.18 -1.30 -33.04
C ALA A 376 -9.60 -0.93 -33.48
N GLY A 377 -10.21 0.11 -32.89
CA GLY A 377 -11.58 0.44 -33.16
C GLY A 377 -12.59 -0.11 -32.17
N ASN A 378 -12.15 -0.68 -31.06
CA ASN A 378 -13.03 -1.38 -30.12
C ASN A 378 -13.25 -0.54 -28.87
N HIS A 379 -14.46 -0.61 -28.30
CA HIS A 379 -14.65 0.11 -27.06
C HIS A 379 -14.14 -0.71 -25.87
N MET A 380 -13.95 -0.01 -24.76
CA MET A 380 -13.44 -0.58 -23.52
C MET A 380 -14.40 -0.22 -22.41
N PRO A 381 -14.23 -0.80 -21.22
CA PRO A 381 -15.11 -0.42 -20.11
C PRO A 381 -14.87 1.02 -19.67
N GLU A 382 -15.93 1.64 -19.14
CA GLU A 382 -15.84 3.01 -18.66
C GLU A 382 -15.03 3.06 -17.39
N ARG A 383 -14.14 4.05 -17.30
CA ARG A 383 -13.23 4.25 -16.18
C ARG A 383 -13.23 5.74 -15.85
N PRO A 384 -13.06 6.09 -14.58
CA PRO A 384 -12.84 7.49 -14.23
C PRO A 384 -11.40 7.89 -14.47
N VAL A 385 -11.19 9.19 -14.62
CA VAL A 385 -9.87 9.76 -14.86
C VAL A 385 -9.64 10.89 -13.86
N PHE A 386 -8.46 10.91 -13.23
CA PHE A 386 -8.24 11.70 -12.02
C PHE A 386 -7.15 12.74 -12.17
N TRP A 387 -7.23 13.77 -11.32
CA TRP A 387 -6.26 14.84 -11.22
C TRP A 387 -6.15 15.27 -9.76
N HIS A 388 -4.91 15.45 -9.29
CA HIS A 388 -4.63 15.98 -7.96
C HIS A 388 -3.47 16.97 -8.09
N TYR A 389 -3.79 18.26 -8.10
CA TYR A 389 -2.80 19.33 -8.24
C TYR A 389 -2.87 20.23 -7.01
N PRO A 390 -2.21 19.84 -5.87
CA PRO A 390 -2.28 20.61 -4.61
C PRO A 390 -1.28 21.76 -4.54
N HIS A 391 -1.29 22.61 -5.56
CA HIS A 391 -0.39 23.75 -5.69
C HIS A 391 -1.10 24.87 -6.44
N TYR A 392 -0.56 26.09 -6.31
CA TYR A 392 -1.14 27.22 -7.03
C TYR A 392 -0.68 27.27 -8.48
N GLY A 393 0.56 26.89 -8.75
CA GLY A 393 1.14 27.15 -10.05
C GLY A 393 1.25 28.64 -10.30
N ASN A 394 1.68 28.97 -11.51
CA ASN A 394 1.99 30.35 -11.84
C ASN A 394 0.94 31.02 -12.70
N GLN A 395 -0.05 30.28 -13.16
CA GLN A 395 -0.91 30.78 -14.22
C GLN A 395 -2.25 31.30 -13.71
N GLY A 396 -2.48 31.28 -12.40
CA GLY A 396 -3.70 31.82 -11.82
C GLY A 396 -4.68 30.82 -11.27
N GLY A 397 -4.34 29.54 -11.17
CA GLY A 397 -5.22 28.58 -10.55
C GLY A 397 -5.04 28.54 -9.05
N THR A 398 -5.89 27.74 -8.41
CA THR A 398 -5.81 27.45 -6.98
C THR A 398 -5.81 25.95 -6.78
N PRO A 399 -5.19 25.45 -5.71
CA PRO A 399 -5.11 23.99 -5.49
C PRO A 399 -6.47 23.31 -5.63
N ALA A 400 -6.48 22.19 -6.36
CA ALA A 400 -7.73 21.51 -6.67
C ALA A 400 -7.44 20.06 -7.06
N ALA A 401 -8.50 19.26 -7.08
CA ALA A 401 -8.43 17.89 -7.56
C ALA A 401 -9.71 17.62 -8.36
N SER A 402 -9.69 16.53 -9.13
CA SER A 402 -10.60 16.42 -10.26
C SER A 402 -10.83 14.98 -10.65
N VAL A 403 -12.07 14.64 -11.02
CA VAL A 403 -12.36 13.35 -11.67
C VAL A 403 -13.33 13.59 -12.84
N VAL A 404 -13.05 12.93 -13.96
CA VAL A 404 -13.97 12.89 -15.11
C VAL A 404 -14.50 11.47 -15.23
N LEU A 405 -15.82 11.34 -15.38
CA LEU A 405 -16.41 10.01 -15.51
C LEU A 405 -17.63 10.11 -16.42
N GLY A 406 -17.59 9.40 -17.55
CA GLY A 406 -18.65 9.57 -18.53
C GLY A 406 -18.74 11.02 -18.95
N ASP A 407 -19.96 11.56 -18.89
CA ASP A 407 -20.21 12.94 -19.29
C ASP A 407 -19.95 13.96 -18.16
N TYR A 408 -19.56 13.53 -16.96
CA TYR A 408 -19.50 14.44 -15.82
C TYR A 408 -18.06 14.65 -15.33
N LYS A 409 -17.78 15.90 -14.94
CA LYS A 409 -16.55 16.31 -14.29
C LYS A 409 -16.85 16.97 -12.96
N TYR A 410 -16.17 16.51 -11.91
CA TYR A 410 -16.30 17.09 -10.59
C TYR A 410 -14.94 17.62 -10.13
N ILE A 411 -14.94 18.85 -9.61
CA ILE A 411 -13.73 19.53 -9.15
C ILE A 411 -13.91 19.96 -7.71
N GLU A 412 -12.89 19.72 -6.89
CA GLU A 412 -12.91 20.20 -5.51
C GLU A 412 -11.76 21.17 -5.33
N PHE A 413 -12.04 22.33 -4.74
CA PHE A 413 -11.07 23.40 -4.56
C PHE A 413 -10.68 23.47 -3.10
N PHE A 414 -9.37 23.34 -2.83
CA PHE A 414 -8.88 23.21 -1.46
C PHE A 414 -8.95 24.50 -0.65
N GLU A 415 -9.00 25.68 -1.27
CA GLU A 415 -9.02 26.91 -0.48
C GLU A 415 -10.25 26.97 0.40
N ASP A 416 -11.38 26.46 -0.07
CA ASP A 416 -12.65 26.62 0.60
C ASP A 416 -13.50 25.37 0.60
N GLY A 417 -12.97 24.23 0.16
CA GLY A 417 -13.76 23.03 0.06
C GLY A 417 -14.99 23.13 -0.83
N ARG A 418 -15.03 24.06 -1.77
CA ARG A 418 -16.17 24.12 -2.67
C ARG A 418 -16.03 23.08 -3.77
N GLY A 419 -17.17 22.56 -4.22
CA GLY A 419 -17.21 21.53 -5.26
C GLY A 419 -17.85 22.10 -6.51
N GLU A 420 -17.33 21.70 -7.66
CA GLU A 420 -17.90 22.11 -8.94
C GLU A 420 -18.23 20.88 -9.77
N LEU A 421 -19.42 20.88 -10.35
CA LEU A 421 -19.87 19.78 -11.19
C LEU A 421 -20.27 20.33 -12.55
N TYR A 422 -19.74 19.71 -13.61
CA TYR A 422 -20.08 20.07 -14.98
C TYR A 422 -20.55 18.85 -15.74
N ASP A 423 -21.60 19.05 -16.54
CA ASP A 423 -21.95 18.12 -17.60
C ASP A 423 -21.17 18.53 -18.84
N LEU A 424 -20.03 17.86 -19.07
CA LEU A 424 -19.18 18.23 -20.21
C LEU A 424 -19.83 17.94 -21.56
N LYS A 425 -20.88 17.11 -21.61
CA LYS A 425 -21.58 16.89 -22.88
C LYS A 425 -22.42 18.12 -23.25
N ALA A 426 -23.22 18.63 -22.32
CA ALA A 426 -24.07 19.79 -22.61
C ALA A 426 -23.33 21.11 -22.48
N ASP A 427 -22.26 21.14 -21.69
CA ASP A 427 -21.62 22.36 -21.22
C ASP A 427 -20.10 22.15 -21.27
N PHE A 428 -19.61 22.00 -22.50
CA PHE A 428 -18.20 21.72 -22.76
C PHE A 428 -17.30 22.77 -22.11
N SER A 429 -17.71 24.04 -22.16
CA SER A 429 -16.88 25.13 -21.68
C SER A 429 -17.04 25.42 -20.19
N GLU A 430 -17.71 24.52 -19.46
CA GLU A 430 -17.73 24.55 -18.00
C GLU A 430 -18.33 25.87 -17.51
N THR A 431 -19.46 26.22 -18.12
CA THR A 431 -20.17 27.47 -17.94
C THR A 431 -21.15 27.43 -16.77
N ASN A 432 -21.60 26.25 -16.36
CA ASN A 432 -22.79 26.09 -15.54
C ASN A 432 -22.52 25.01 -14.49
N ASN A 433 -22.23 25.44 -13.27
CA ASN A 433 -21.94 24.51 -12.17
C ASN A 433 -23.25 23.92 -11.65
N ILE A 434 -23.42 22.60 -11.81
CA ILE A 434 -24.69 21.96 -11.49
C ILE A 434 -24.54 21.11 -10.24
N CYS A 435 -23.57 21.47 -9.39
CA CYS A 435 -23.36 20.73 -8.16
C CYS A 435 -24.61 20.72 -7.27
N GLU A 436 -25.33 21.84 -7.21
CA GLU A 436 -26.54 21.91 -6.40
C GLU A 436 -27.76 21.34 -7.11
N ASN A 437 -27.74 21.23 -8.44
CA ASN A 437 -28.86 20.65 -9.16
C ASN A 437 -28.87 19.13 -9.06
N MET A 438 -27.70 18.50 -9.09
CA MET A 438 -27.57 17.05 -9.08
C MET A 438 -26.77 16.60 -7.87
N PRO A 439 -27.31 16.75 -6.67
CA PRO A 439 -26.51 16.49 -5.45
C PRO A 439 -25.97 15.08 -5.35
N GLU A 440 -26.77 14.06 -5.66
CA GLU A 440 -26.29 12.69 -5.59
C GLU A 440 -25.14 12.46 -6.56
N MET A 441 -25.25 12.98 -7.79
CA MET A 441 -24.16 12.85 -8.73
C MET A 441 -22.89 13.48 -8.19
N ALA A 442 -23.03 14.60 -7.49
CA ALA A 442 -21.87 15.27 -6.92
C ALA A 442 -21.28 14.47 -5.77
N ALA A 443 -22.13 13.97 -4.88
CA ALA A 443 -21.63 13.20 -3.74
C ALA A 443 -20.97 11.90 -4.20
N ARG A 444 -21.50 11.27 -5.24
CA ARG A 444 -20.87 10.08 -5.77
C ARG A 444 -19.49 10.39 -6.33
N LEU A 445 -19.41 11.40 -7.21
CA LEU A 445 -18.13 11.78 -7.79
C LEU A 445 -17.14 12.23 -6.71
N ARG A 446 -17.63 12.97 -5.70
CA ARG A 446 -16.76 13.41 -4.62
C ARG A 446 -16.17 12.22 -3.86
N MET A 447 -16.99 11.21 -3.57
CA MET A 447 -16.49 10.09 -2.78
C MET A 447 -15.53 9.24 -3.61
N LEU A 448 -15.72 9.21 -4.92
CA LEU A 448 -14.80 8.46 -5.76
C LEU A 448 -13.46 9.17 -5.84
N LEU A 449 -13.48 10.49 -5.98
CA LEU A 449 -12.25 11.25 -5.95
C LEU A 449 -11.53 11.07 -4.63
N HIS A 450 -12.28 11.11 -3.52
CA HIS A 450 -11.66 10.99 -2.21
C HIS A 450 -11.09 9.60 -1.98
N GLY A 451 -11.77 8.56 -2.50
CA GLY A 451 -11.24 7.22 -2.36
C GLY A 451 -9.99 7.00 -3.18
N TRP A 452 -10.01 7.48 -4.41
CA TRP A 452 -8.77 7.46 -5.19
C TRP A 452 -7.64 8.18 -4.46
N GLN A 453 -7.93 9.38 -3.93
CA GLN A 453 -6.90 10.14 -3.21
C GLN A 453 -6.34 9.34 -2.04
N ARG A 454 -7.20 8.69 -1.26
CA ARG A 454 -6.72 7.82 -0.20
C ARG A 454 -5.77 6.76 -0.75
N GLU A 455 -6.17 6.10 -1.84
CA GLU A 455 -5.41 4.95 -2.32
C GLU A 455 -4.06 5.37 -2.88
N VAL A 456 -3.95 6.58 -3.44
CA VAL A 456 -2.66 7.04 -3.97
C VAL A 456 -1.84 7.82 -2.94
N CYS A 457 -2.37 8.02 -1.72
CA CYS A 457 -1.71 8.81 -0.67
C CYS A 457 -1.40 10.23 -1.14
N ALA A 458 -2.42 10.89 -1.68
CA ALA A 458 -2.29 12.27 -2.11
C ALA A 458 -2.11 13.20 -0.90
N ARG A 459 -1.30 14.23 -1.06
CA ARG A 459 -1.08 15.21 0.00
C ARG A 459 -1.87 16.49 -0.23
N PHE A 460 -2.28 17.10 0.86
CA PHE A 460 -3.18 18.22 0.77
C PHE A 460 -2.50 19.49 1.25
N PRO A 461 -2.80 20.63 0.63
CA PRO A 461 -2.17 21.88 1.05
C PRO A 461 -2.51 22.19 2.49
N GLU A 462 -1.59 22.87 3.16
CA GLU A 462 -1.86 23.30 4.52
C GLU A 462 -2.46 24.70 4.49
N VAL A 463 -3.36 24.97 5.44
CA VAL A 463 -3.86 26.32 5.64
C VAL A 463 -2.71 27.22 6.10
N ASN A 464 -2.65 28.43 5.54
CA ASN A 464 -1.70 29.45 5.98
C ASN A 464 -2.37 30.24 7.09
N GLU A 465 -2.05 29.89 8.35
CA GLU A 465 -2.73 30.49 9.48
C GLU A 465 -2.43 31.98 9.61
N ALA A 466 -1.34 32.47 9.01
CA ALA A 466 -0.98 33.88 9.04
C ALA A 466 -1.72 34.74 8.02
N TYR A 467 -2.79 34.22 7.41
CA TYR A 467 -3.40 34.92 6.29
C TYR A 467 -4.50 35.86 6.77
N PRO B 5 44.47 9.79 15.61
CA PRO B 5 43.66 10.64 16.53
C PRO B 5 42.18 10.56 16.23
N ASN B 6 41.40 10.07 17.19
CA ASN B 6 39.96 9.98 17.04
C ASN B 6 39.29 11.32 17.33
N PHE B 7 38.06 11.46 16.86
CA PHE B 7 37.32 12.72 16.97
C PHE B 7 35.93 12.41 17.50
N LEU B 8 35.66 12.82 18.73
CA LEU B 8 34.34 12.74 19.33
C LEU B 8 33.85 14.19 19.45
N PHE B 9 32.96 14.58 18.55
CA PHE B 9 32.45 15.94 18.50
C PHE B 9 31.06 15.97 19.11
N ILE B 10 30.93 16.52 20.31
CA ILE B 10 29.68 16.49 21.06
C ILE B 10 28.96 17.81 20.82
N PHE B 11 27.92 17.76 19.99
CA PHE B 11 27.24 18.92 19.45
C PHE B 11 25.87 19.09 20.15
N MET B 12 25.83 19.93 21.18
CA MET B 12 24.56 20.18 21.87
C MET B 12 23.67 21.08 21.03
N ASP B 13 22.37 21.00 21.31
CA ASP B 13 21.39 21.80 20.58
C ASP B 13 20.84 22.87 21.53
N ASP B 14 21.05 24.15 21.19
CA ASP B 14 20.46 25.29 21.90
C ASP B 14 21.01 25.46 23.31
N MET B 15 22.16 24.88 23.62
CA MET B 15 22.77 25.05 24.93
C MET B 15 23.46 26.42 25.00
N GLY B 16 22.95 27.27 25.88
CA GLY B 16 23.52 28.60 26.04
C GLY B 16 24.94 28.56 26.56
N TRP B 17 25.61 29.72 26.44
CA TRP B 17 27.01 29.82 26.84
C TRP B 17 27.21 29.73 28.33
N ARG B 18 26.18 30.02 29.14
CA ARG B 18 26.26 29.90 30.58
C ARG B 18 25.44 28.72 31.11
N ASP B 19 25.17 27.73 30.27
CA ASP B 19 24.35 26.59 30.64
C ASP B 19 25.15 25.46 31.27
N LEU B 20 26.46 25.64 31.47
CA LEU B 20 27.29 24.70 32.18
C LEU B 20 27.77 25.31 33.48
N ALA B 21 27.98 24.46 34.49
CA ALA B 21 28.59 24.95 35.73
C ALA B 21 29.97 25.53 35.44
N CYS B 22 30.82 24.80 34.70
CA CYS B 22 32.18 25.23 34.40
C CYS B 22 32.26 26.36 33.36
N THR B 23 31.17 26.80 32.77
CA THR B 23 31.19 28.02 31.98
C THR B 23 30.34 29.13 32.58
N GLY B 24 29.96 29.00 33.84
CA GLY B 24 29.39 30.11 34.57
C GLY B 24 27.94 30.02 34.98
N SER B 25 27.34 28.83 34.98
CA SER B 25 25.95 28.70 35.44
C SER B 25 25.82 28.89 36.94
N THR B 26 24.74 29.58 37.35
CA THR B 26 24.41 29.80 38.76
C THR B 26 23.45 28.78 39.33
N PHE B 27 22.95 27.84 38.51
CA PHE B 27 21.89 26.94 38.96
C PHE B 27 22.09 25.50 38.50
N TYR B 28 22.50 25.31 37.24
CA TYR B 28 22.66 23.97 36.69
C TYR B 28 23.91 23.30 37.22
N GLU B 29 23.82 21.99 37.46
CA GLU B 29 24.96 21.19 37.88
C GLU B 29 25.41 20.27 36.74
N THR B 30 26.73 20.25 36.48
CA THR B 30 27.30 19.45 35.39
C THR B 30 28.62 18.83 35.82
N PRO B 31 28.58 17.90 36.79
CA PRO B 31 29.85 17.34 37.33
C PRO B 31 30.76 16.70 36.30
N ASN B 32 30.21 15.88 35.39
CA ASN B 32 31.04 15.17 34.42
C ASN B 32 31.60 16.12 33.37
N ILE B 33 30.79 17.07 32.91
CA ILE B 33 31.32 18.07 32.00
C ILE B 33 32.32 18.99 32.69
N ASP B 34 32.13 19.29 33.97
CA ASP B 34 33.12 20.04 34.73
C ASP B 34 34.45 19.31 34.77
N ARG B 35 34.41 17.97 34.86
CA ARG B 35 35.65 17.19 34.80
C ARG B 35 36.25 17.23 33.40
N LEU B 36 35.43 17.09 32.35
CA LEU B 36 35.93 17.29 31.00
C LEU B 36 36.65 18.64 30.88
N CYS B 37 36.11 19.64 31.55
CA CYS B 37 36.67 20.99 31.51
C CYS B 37 37.98 21.08 32.26
N ARG B 38 38.07 20.42 33.43
CA ARG B 38 39.30 20.35 34.21
C ARG B 38 40.38 19.55 33.48
N GLN B 39 39.99 18.76 32.49
CA GLN B 39 40.95 17.97 31.73
C GLN B 39 41.32 18.60 30.40
N GLY B 40 40.73 19.74 30.05
CA GLY B 40 40.96 20.34 28.75
C GLY B 40 41.05 21.84 28.80
N MET B 41 40.77 22.49 27.67
CA MET B 41 40.88 23.93 27.51
C MET B 41 39.51 24.51 27.21
N VAL B 42 39.10 25.51 27.98
CA VAL B 42 37.78 26.10 27.82
C VAL B 42 37.96 27.41 27.07
N PHE B 43 37.12 27.62 26.03
CA PHE B 43 37.13 28.83 25.24
C PHE B 43 36.02 29.76 25.74
N ALA B 44 36.41 30.91 26.24
CA ALA B 44 35.49 31.86 26.84
C ALA B 44 34.92 32.87 25.84
N ASN B 45 35.47 32.96 24.64
CA ASN B 45 34.82 33.76 23.60
C ASN B 45 34.52 32.86 22.40
N SER B 46 33.70 31.86 22.66
CA SER B 46 33.31 30.86 21.68
C SER B 46 31.98 31.26 21.07
N TYR B 47 31.89 31.24 19.75
CA TYR B 47 30.68 31.63 19.06
C TYR B 47 30.20 30.52 18.14
N ALA B 48 28.88 30.45 18.01
CA ALA B 48 28.27 29.85 16.85
C ALA B 48 28.29 30.86 15.70
N SER B 49 28.30 30.37 14.47
CA SER B 49 28.26 31.22 13.29
C SER B 49 26.84 31.62 12.87
N CYS B 50 25.82 31.17 13.60
CA CYS B 50 24.45 31.53 13.26
C CYS B 50 23.67 31.44 14.55
N PRO B 51 22.72 32.35 14.80
CA PRO B 51 21.91 32.26 16.02
C PRO B 51 20.85 31.16 16.03
N VAL B 52 20.67 30.37 14.96
CA VAL B 52 19.70 29.27 14.91
C VAL B 52 20.36 28.03 14.28
N CYS B 53 19.60 26.93 14.24
CA CYS B 53 20.12 25.56 14.13
C CYS B 53 20.87 25.18 12.84
N SER B 54 20.12 24.82 11.80
CA SER B 54 20.72 24.27 10.57
C SER B 54 21.89 25.05 9.99
N PRO B 55 21.92 26.39 9.97
CA PRO B 55 23.08 27.07 9.37
C PRO B 55 24.39 26.78 10.07
N SER B 56 24.38 26.75 11.40
CA SER B 56 25.59 26.43 12.15
C SER B 56 26.05 25.02 11.90
N ARG B 57 25.09 24.09 11.72
CA ARG B 57 25.41 22.68 11.48
C ARG B 57 26.00 22.45 10.08
N ALA B 58 25.53 23.20 9.08
CA ALA B 58 26.17 23.17 7.77
C ALA B 58 27.55 23.82 7.83
N SER B 59 27.66 24.94 8.57
CA SER B 59 28.94 25.64 8.69
C SER B 59 30.00 24.75 9.35
N TYR B 60 29.65 24.12 10.46
CA TYR B 60 30.54 23.14 11.10
C TYR B 60 31.03 22.10 10.11
N LEU B 61 30.10 21.45 9.39
CA LEU B 61 30.45 20.33 8.51
C LEU B 61 31.28 20.76 7.30
N THR B 62 31.22 22.02 6.88
CA THR B 62 31.91 22.47 5.67
C THR B 62 33.03 23.47 5.93
N GLY B 63 33.08 24.08 7.10
CA GLY B 63 34.07 25.12 7.34
C GLY B 63 33.78 26.39 6.60
N GLN B 64 32.55 26.61 6.20
CA GLN B 64 32.15 27.80 5.49
C GLN B 64 31.12 28.58 6.30
N TYR B 65 31.16 29.91 6.15
CA TYR B 65 30.12 30.73 6.74
C TYR B 65 28.78 30.41 6.07
N PRO B 66 27.68 30.40 6.83
CA PRO B 66 26.39 30.02 6.22
C PRO B 66 25.97 30.92 5.07
N ALA B 67 26.24 32.22 5.13
CA ALA B 67 25.91 33.09 3.99
C ALA B 67 26.65 32.67 2.73
N ARG B 68 27.77 31.96 2.85
CA ARG B 68 28.42 31.47 1.65
C ARG B 68 27.79 30.17 1.16
N LEU B 69 27.33 29.32 2.10
CA LEU B 69 26.67 28.09 1.73
C LEU B 69 25.28 28.32 1.14
N GLY B 70 24.59 29.38 1.56
CA GLY B 70 23.21 29.57 1.18
C GLY B 70 22.19 29.03 2.15
N VAL B 71 22.62 28.42 3.26
CA VAL B 71 21.70 27.92 4.28
C VAL B 71 21.76 28.87 5.46
N THR B 72 20.89 29.88 5.47
CA THR B 72 20.99 31.00 6.39
C THR B 72 19.89 31.03 7.45
N ASP B 73 19.00 30.05 7.46
CA ASP B 73 17.94 29.95 8.47
C ASP B 73 17.75 28.48 8.80
N TRP B 74 17.18 28.20 9.98
CA TRP B 74 16.86 26.82 10.31
C TRP B 74 15.86 26.28 9.28
N ILE B 75 16.05 25.02 8.88
CA ILE B 75 15.35 24.48 7.72
C ILE B 75 13.91 24.14 8.10
N ASP B 76 12.96 24.80 7.44
CA ASP B 76 11.53 24.53 7.52
C ASP B 76 11.20 23.63 6.33
N MET B 77 11.27 22.31 6.55
CA MET B 77 11.26 21.36 5.44
C MET B 77 10.02 21.50 4.55
N GLU B 78 8.87 21.73 5.14
CA GLU B 78 7.65 22.07 4.43
C GLU B 78 7.25 23.51 4.75
N GLY B 79 6.39 24.09 3.93
CA GLY B 79 6.25 25.54 4.01
C GLY B 79 5.54 26.10 5.24
N THR B 80 5.66 25.43 6.38
CA THR B 80 4.80 25.71 7.52
C THR B 80 4.98 27.12 8.06
N SER B 81 6.17 27.71 7.90
CA SER B 81 6.38 29.05 8.44
C SER B 81 7.12 29.97 7.47
N HIS B 82 8.23 29.51 6.91
CA HIS B 82 9.06 30.44 6.17
C HIS B 82 8.50 30.68 4.77
N PRO B 83 8.63 31.90 4.21
CA PRO B 83 9.21 33.11 4.80
C PRO B 83 8.28 33.87 5.77
N LEU B 84 8.76 34.21 6.96
CA LEU B 84 8.00 35.12 7.82
C LEU B 84 7.95 36.53 7.23
N ARG B 85 6.91 37.27 7.60
CA ARG B 85 6.64 38.58 7.02
C ARG B 85 6.38 39.58 8.14
N GLY B 86 7.11 40.71 8.09
CA GLY B 86 6.89 41.85 8.95
C GLY B 86 7.10 43.10 8.11
N LYS B 87 7.95 44.02 8.55
CA LYS B 87 8.33 45.11 7.65
C LYS B 87 9.11 44.59 6.46
N LEU B 88 9.86 43.53 6.66
CA LEU B 88 10.58 42.86 5.59
C LEU B 88 10.04 41.44 5.43
N ILE B 89 10.49 40.81 4.35
CA ILE B 89 10.21 39.40 4.07
C ILE B 89 11.51 38.63 4.23
N ASP B 90 11.46 37.53 4.99
CA ASP B 90 12.61 36.63 5.13
C ASP B 90 13.24 36.36 3.79
N ALA B 91 14.57 36.37 3.74
CA ALA B 91 15.24 36.05 2.52
C ALA B 91 15.04 34.57 2.15
N PRO B 92 15.14 34.25 0.86
CA PRO B 92 15.26 32.84 0.47
C PRO B 92 16.51 32.21 1.09
N TYR B 93 16.54 30.88 1.07
CA TYR B 93 17.69 30.11 1.54
C TYR B 93 17.54 28.68 1.07
N ILE B 94 18.65 27.97 0.97
CA ILE B 94 18.59 26.57 0.57
C ILE B 94 18.16 25.72 1.76
N LYS B 95 17.17 24.85 1.55
CA LYS B 95 16.57 24.08 2.62
C LYS B 95 17.25 22.74 2.85
N HIS B 96 18.55 22.65 2.60
CA HIS B 96 19.29 21.41 2.76
C HIS B 96 20.77 21.74 2.61
N LEU B 97 21.62 20.86 3.09
CA LEU B 97 23.04 20.99 2.82
C LEU B 97 23.27 20.88 1.31
N PRO B 98 23.94 21.85 0.68
CA PRO B 98 24.11 21.83 -0.77
C PRO B 98 24.81 20.55 -1.27
N GLU B 99 24.54 20.25 -2.54
CA GLU B 99 24.88 18.95 -3.14
C GLU B 99 26.39 18.72 -3.12
N GLY B 100 27.16 19.67 -3.62
CA GLY B 100 28.55 19.37 -3.91
C GLY B 100 29.55 19.63 -2.81
N GLU B 101 29.11 19.70 -1.56
CA GLU B 101 29.98 20.08 -0.47
C GLU B 101 30.84 18.90 -0.01
N TYR B 102 32.11 19.19 0.28
CA TYR B 102 33.10 18.22 0.76
C TYR B 102 33.19 18.35 2.27
N THR B 103 32.45 17.54 3.00
CA THR B 103 32.33 17.77 4.42
C THR B 103 33.53 17.18 5.16
N ILE B 104 33.60 17.51 6.45
CA ILE B 104 34.65 16.94 7.29
C ILE B 104 34.54 15.41 7.34
N ALA B 105 33.31 14.86 7.27
CA ALA B 105 33.19 13.40 7.21
C ALA B 105 33.84 12.85 5.95
N GLN B 106 33.45 13.38 4.78
CA GLN B 106 34.04 12.95 3.52
C GLN B 106 35.55 13.10 3.54
N ALA B 107 36.04 14.29 3.93
CA ALA B 107 37.48 14.52 4.00
C ALA B 107 38.17 13.49 4.89
N LEU B 108 37.59 13.21 6.06
CA LEU B 108 38.23 12.25 6.96
C LEU B 108 38.03 10.80 6.51
N LYS B 109 36.90 10.48 5.89
CA LYS B 109 36.71 9.13 5.35
C LYS B 109 37.72 8.85 4.23
N ASP B 110 37.85 9.79 3.29
CA ASP B 110 38.83 9.67 2.23
C ASP B 110 40.24 9.58 2.78
N ALA B 111 40.42 9.86 4.06
CA ALA B 111 41.70 9.84 4.76
C ALA B 111 41.92 8.56 5.56
N GLY B 112 40.96 7.63 5.52
CA GLY B 112 41.06 6.37 6.22
C GLY B 112 40.20 6.25 7.46
N TYR B 113 39.46 7.30 7.82
CA TYR B 113 38.66 7.27 9.04
C TYR B 113 37.37 6.50 8.83
N GLU B 114 36.82 6.01 9.93
CA GLU B 114 35.49 5.44 10.01
C GLU B 114 34.55 6.50 10.58
N THR B 115 33.56 6.93 9.82
CA THR B 115 32.78 8.12 10.19
C THR B 115 31.38 7.73 10.66
N TRP B 116 30.96 8.29 11.79
CA TRP B 116 29.66 8.00 12.39
C TRP B 116 28.92 9.29 12.70
N HIS B 117 27.62 9.31 12.41
CA HIS B 117 26.74 10.37 12.84
C HIS B 117 25.64 9.83 13.75
N VAL B 118 25.34 10.56 14.82
CA VAL B 118 24.42 10.08 15.85
C VAL B 118 23.59 11.25 16.37
N GLY B 119 22.28 11.22 16.13
CA GLY B 119 21.40 12.26 16.65
C GLY B 119 20.96 13.27 15.60
N LYS B 120 20.67 14.50 16.05
CA LYS B 120 20.00 15.50 15.21
C LYS B 120 20.81 15.80 13.96
N TRP B 121 20.12 15.81 12.81
CA TRP B 121 20.75 16.10 11.53
C TRP B 121 20.24 17.43 11.00
N HIS B 122 18.95 17.50 10.64
CA HIS B 122 18.27 18.77 10.32
C HIS B 122 18.98 19.53 9.20
N LEU B 123 19.36 18.82 8.14
CA LEU B 123 20.06 19.42 7.01
C LEU B 123 19.48 18.94 5.69
N GLY B 124 18.18 18.62 5.68
CA GLY B 124 17.46 18.21 4.48
C GLY B 124 16.78 16.86 4.66
N GLY B 125 16.03 16.47 3.62
CA GLY B 125 15.41 15.15 3.56
C GLY B 125 16.37 14.06 3.11
N ARG B 126 15.79 12.91 2.73
CA ARG B 126 16.57 11.69 2.50
C ARG B 126 17.67 11.88 1.46
N GLU B 127 17.41 12.69 0.42
CA GLU B 127 18.41 12.95 -0.61
C GLU B 127 19.65 13.64 -0.06
N TYR B 128 19.62 14.12 1.19
CA TYR B 128 20.72 14.88 1.76
C TYR B 128 21.05 14.40 3.17
N TYR B 129 20.76 13.13 3.47
CA TYR B 129 21.08 12.49 4.73
C TYR B 129 22.60 12.25 4.83
N PRO B 130 23.12 11.96 6.04
CA PRO B 130 24.58 11.87 6.21
C PRO B 130 25.32 11.00 5.20
N ASP B 131 24.69 9.91 4.72
CA ASP B 131 25.38 8.99 3.81
C ASP B 131 25.69 9.62 2.47
N HIS B 132 25.00 10.71 2.12
CA HIS B 132 25.38 11.48 0.95
C HIS B 132 26.55 12.44 1.22
N PHE B 133 26.99 12.55 2.46
CA PHE B 133 28.06 13.49 2.79
C PHE B 133 29.17 12.80 3.57
N GLY B 134 29.36 11.51 3.35
CA GLY B 134 30.55 10.82 3.81
C GLY B 134 30.48 10.08 5.13
N PHE B 135 29.30 9.92 5.72
CA PHE B 135 29.14 9.26 7.00
C PHE B 135 28.80 7.79 6.78
N ASP B 136 29.61 6.90 7.34
CA ASP B 136 29.34 5.47 7.18
C ASP B 136 28.09 5.05 7.95
N VAL B 137 27.78 5.72 9.05
CA VAL B 137 26.65 5.36 9.91
C VAL B 137 25.78 6.58 10.12
N ASN B 138 24.46 6.36 10.23
CA ASN B 138 23.51 7.39 10.65
C ASN B 138 22.49 6.75 11.59
N ILE B 139 22.61 7.01 12.88
CA ILE B 139 21.64 6.53 13.85
C ILE B 139 20.90 7.75 14.37
N GLY B 140 19.59 7.79 14.12
CA GLY B 140 18.74 8.84 14.65
C GLY B 140 18.82 10.16 13.92
N GLY B 141 19.46 10.22 12.77
CA GLY B 141 19.52 11.44 11.98
C GLY B 141 18.44 11.41 10.91
N CYS B 142 17.71 12.51 10.81
CA CYS B 142 16.64 12.65 9.82
C CYS B 142 16.45 14.14 9.52
N SER B 143 15.34 14.50 8.88
CA SER B 143 15.07 15.88 8.52
C SER B 143 14.56 16.71 9.67
N TRP B 144 14.25 16.10 10.80
CA TRP B 144 13.69 16.82 11.94
C TRP B 144 14.70 17.75 12.60
N GLY B 145 14.20 18.87 13.09
CA GLY B 145 14.98 19.77 13.92
C GLY B 145 14.82 19.60 15.40
N HIS B 146 14.01 18.64 15.84
CA HIS B 146 13.76 18.35 17.25
C HIS B 146 12.85 17.13 17.38
N PRO B 147 12.69 16.54 18.58
CA PRO B 147 11.79 15.38 18.70
C PRO B 147 10.33 15.76 18.49
N HIS B 148 9.81 15.52 17.29
CA HIS B 148 8.41 15.87 16.99
C HIS B 148 7.41 15.11 17.83
N GLU B 149 7.81 14.01 18.48
CA GLU B 149 6.88 13.26 19.30
C GLU B 149 7.39 13.06 20.73
N GLY B 150 8.23 14.01 21.19
CA GLY B 150 8.72 14.01 22.54
C GLY B 150 10.01 13.24 22.72
N TYR B 151 10.49 13.24 23.96
CA TYR B 151 11.74 12.59 24.37
C TYR B 151 11.54 11.19 24.93
N PHE B 152 10.31 10.72 25.10
CA PHE B 152 10.06 9.38 25.61
C PHE B 152 9.55 8.45 24.52
N SER B 153 10.04 7.21 24.54
CA SER B 153 9.71 6.26 23.48
C SER B 153 8.22 5.95 23.52
N PRO B 154 7.54 5.86 22.36
CA PRO B 154 8.11 5.95 21.00
C PRO B 154 8.48 7.36 20.55
N TYR B 155 9.58 7.47 19.80
CA TYR B 155 10.06 8.78 19.36
C TYR B 155 9.55 9.17 18.00
N GLY B 156 9.34 8.21 17.11
CA GLY B 156 8.91 8.50 15.76
C GLY B 156 10.01 8.87 14.79
N ILE B 157 11.27 8.64 15.14
CA ILE B 157 12.40 8.96 14.27
C ILE B 157 12.64 7.79 13.33
N GLU B 158 12.56 8.09 12.02
CA GLU B 158 12.59 7.07 10.98
C GLU B 158 13.87 6.23 11.01
N THR B 159 14.99 6.83 11.44
CA THR B 159 16.29 6.16 11.44
C THR B 159 16.68 5.67 12.83
N LEU B 160 15.72 5.53 13.74
CA LEU B 160 15.99 5.10 15.11
C LEU B 160 14.87 4.15 15.51
N PRO B 161 15.10 2.84 15.45
CA PRO B 161 14.08 1.88 15.88
C PRO B 161 13.70 2.12 17.34
N GLU B 162 12.40 2.15 17.61
CA GLU B 162 11.90 2.51 18.93
C GLU B 162 12.41 1.55 19.99
N GLY B 163 12.46 2.02 21.22
CA GLY B 163 12.86 1.20 22.33
C GLY B 163 11.70 0.99 23.28
N PRO B 164 11.95 0.29 24.39
CA PRO B 164 10.90 0.09 25.38
C PRO B 164 10.20 1.40 25.74
N GLU B 165 8.89 1.30 25.98
CA GLU B 165 8.10 2.47 26.32
C GLU B 165 8.64 3.10 27.59
N GLY B 166 8.84 4.42 27.55
CA GLY B 166 9.43 5.13 28.66
C GLY B 166 10.93 5.30 28.58
N GLU B 167 11.58 4.70 27.58
CA GLU B 167 12.99 5.00 27.32
C GLU B 167 13.14 6.50 27.08
N TYR B 168 14.19 7.08 27.64
CA TYR B 168 14.47 8.49 27.45
C TYR B 168 15.42 8.66 26.26
N LEU B 169 15.05 9.54 25.33
CA LEU B 169 15.80 9.67 24.07
C LEU B 169 17.27 10.00 24.29
N THR B 170 17.59 10.81 25.31
CA THR B 170 18.97 11.19 25.54
C THR B 170 19.79 9.99 26.04
N ASP B 171 19.23 9.18 26.93
CA ASP B 171 19.91 7.93 27.32
C ASP B 171 20.15 7.03 26.11
N ARG B 172 19.14 6.90 25.24
CA ARG B 172 19.26 6.01 24.08
C ARG B 172 20.32 6.51 23.09
N ILE B 173 20.36 7.81 22.84
CA ILE B 173 21.39 8.36 21.95
C ILE B 173 22.77 8.00 22.48
N THR B 174 23.00 8.23 23.78
CA THR B 174 24.24 7.82 24.42
C THR B 174 24.51 6.33 24.23
N ASP B 175 23.46 5.49 24.40
CA ASP B 175 23.60 4.04 24.21
C ASP B 175 24.19 3.71 22.86
N GLU B 176 23.63 4.28 21.79
CA GLU B 176 24.11 3.94 20.46
C GLU B 176 25.54 4.42 20.24
N ALA B 177 25.95 5.50 20.91
CA ALA B 177 27.35 5.92 20.82
C ALA B 177 28.27 4.95 21.56
N VAL B 178 27.83 4.48 22.74
CA VAL B 178 28.61 3.48 23.47
C VAL B 178 28.74 2.21 22.65
N ARG B 179 27.64 1.75 22.08
CA ARG B 179 27.61 0.59 21.20
C ARG B 179 28.64 0.71 20.08
N LEU B 180 28.67 1.86 19.39
CA LEU B 180 29.61 2.05 18.28
C LEU B 180 31.06 1.97 18.74
N LEU B 181 31.36 2.58 19.90
CA LEU B 181 32.69 2.48 20.49
C LEU B 181 33.04 1.04 20.83
N LYS B 182 32.09 0.33 21.45
CA LYS B 182 32.36 -1.03 21.91
C LYS B 182 32.50 -1.99 20.72
N GLU B 183 31.66 -1.83 19.70
CA GLU B 183 31.78 -2.70 18.52
C GLU B 183 33.09 -2.44 17.79
N ARG B 184 33.47 -1.17 17.61
CA ARG B 184 34.75 -0.88 16.99
C ARG B 184 35.91 -1.53 17.75
N LYS B 185 35.89 -1.44 19.09
CA LYS B 185 36.91 -2.10 19.89
C LYS B 185 36.88 -3.62 19.72
N ALA B 186 35.68 -4.19 19.53
CA ALA B 186 35.57 -5.63 19.31
C ALA B 186 36.18 -6.07 17.98
N GLY B 187 36.19 -5.20 16.99
CA GLY B 187 36.71 -5.53 15.68
C GLY B 187 38.17 -5.25 15.48
N GLY B 188 38.91 -4.96 16.54
CA GLY B 188 40.34 -4.75 16.42
C GLY B 188 40.78 -3.31 16.43
N SER B 189 39.84 -2.35 16.46
CA SER B 189 40.17 -0.92 16.46
C SER B 189 41.05 -0.53 15.27
N ARG B 190 40.69 -1.04 14.09
CA ARG B 190 41.59 -0.95 12.95
C ARG B 190 41.74 0.50 12.46
N LYS B 191 40.63 1.20 12.32
CA LYS B 191 40.67 2.55 11.80
C LYS B 191 40.42 3.58 12.89
N PRO B 192 40.92 4.81 12.72
CA PRO B 192 40.48 5.91 13.57
C PRO B 192 39.04 6.27 13.25
N PHE B 193 38.34 6.80 14.26
CA PHE B 193 36.93 7.12 14.12
C PHE B 193 36.67 8.61 14.29
N TYR B 194 35.66 9.09 13.57
CA TYR B 194 35.13 10.43 13.77
C TYR B 194 33.64 10.26 14.07
N MET B 195 33.22 10.68 15.25
CA MET B 195 31.83 10.58 15.68
C MET B 195 31.25 11.98 15.81
N ASN B 196 30.22 12.25 15.03
CA ASN B 196 29.50 13.50 15.07
C ASN B 196 28.27 13.28 15.97
N LEU B 197 28.41 13.56 17.26
CA LEU B 197 27.40 13.17 18.27
C LEU B 197 26.49 14.36 18.54
N CYS B 198 25.38 14.41 17.81
CA CYS B 198 24.48 15.56 17.79
C CYS B 198 23.25 15.28 18.63
N HIS B 199 23.27 15.74 19.88
CA HIS B 199 22.14 15.51 20.75
C HIS B 199 20.92 16.29 20.29
N TYR B 200 19.74 15.74 20.59
CA TYR B 200 18.50 16.49 20.45
C TYR B 200 18.32 17.43 21.63
N ALA B 201 18.75 16.99 22.81
CA ALA B 201 18.89 17.89 23.95
C ALA B 201 19.79 19.06 23.55
N VAL B 202 19.45 20.26 24.03
CA VAL B 202 18.34 20.50 24.95
C VAL B 202 17.21 21.35 24.31
N HIS B 203 16.85 20.99 23.08
CA HIS B 203 15.77 21.66 22.34
C HIS B 203 14.43 21.42 23.04
N THR B 204 13.51 22.39 22.89
CA THR B 204 12.13 22.17 23.34
C THR B 204 11.56 20.97 22.62
N PRO B 205 10.61 20.25 23.23
CA PRO B 205 9.98 20.47 24.54
C PRO B 205 10.82 20.00 25.72
N ILE B 206 10.91 20.79 26.80
CA ILE B 206 11.72 20.34 27.92
C ILE B 206 10.95 19.31 28.73
N GLN B 207 10.97 18.05 28.26
CA GLN B 207 10.43 16.89 28.94
C GLN B 207 11.56 16.13 29.61
N VAL B 208 11.39 15.82 30.89
CA VAL B 208 12.44 15.20 31.68
C VAL B 208 11.84 14.16 32.62
N LYS B 209 12.67 13.23 33.07
CA LYS B 209 12.29 12.34 34.16
C LYS B 209 11.99 13.14 35.42
N ASP B 210 10.95 12.73 36.14
CA ASP B 210 10.48 13.50 37.28
C ASP B 210 11.54 13.58 38.38
N GLU B 211 12.28 12.49 38.58
CA GLU B 211 13.34 12.47 39.59
C GLU B 211 14.40 13.53 39.29
N ASP B 212 14.70 13.77 38.00
CA ASP B 212 15.63 14.83 37.63
C ASP B 212 15.03 16.20 37.92
N ARG B 213 13.80 16.42 37.46
CA ARG B 213 13.10 17.68 37.72
C ARG B 213 13.03 17.97 39.22
N GLU B 214 12.66 16.98 40.02
CA GLU B 214 12.34 17.25 41.42
C GLU B 214 13.59 17.60 42.22
N ARG B 215 14.74 17.09 41.80
CA ARG B 215 15.99 17.43 42.47
C ARG B 215 16.20 18.95 42.48
N PHE B 216 15.86 19.63 41.39
CA PHE B 216 16.12 21.06 41.29
C PHE B 216 14.95 21.93 41.74
N GLU B 217 13.73 21.39 41.80
CA GLU B 217 12.70 22.10 42.56
C GLU B 217 13.10 22.19 44.03
N LYS B 218 13.68 21.11 44.57
CA LYS B 218 14.21 21.16 45.94
C LYS B 218 15.34 22.18 46.04
N LYS B 219 16.16 22.29 45.00
CA LYS B 219 17.22 23.29 45.00
C LYS B 219 16.66 24.71 44.90
N ALA B 220 15.77 24.94 43.94
CA ALA B 220 15.22 26.29 43.76
C ALA B 220 14.53 26.80 45.01
N ARG B 221 13.87 25.91 45.77
CA ARG B 221 13.23 26.37 47.00
C ARG B 221 14.27 26.63 48.10
N GLU B 222 15.20 25.70 48.35
CA GLU B 222 16.20 25.95 49.39
C GLU B 222 17.05 27.17 49.08
N GLN B 223 17.08 27.61 47.83
CA GLN B 223 17.95 28.67 47.36
C GLN B 223 17.25 30.02 47.32
N GLY B 224 15.93 30.05 47.55
CA GLY B 224 15.15 31.26 47.44
C GLY B 224 14.81 31.66 46.04
N LEU B 225 15.27 30.91 45.03
CA LEU B 225 14.98 31.22 43.63
C LEU B 225 13.49 31.28 43.36
N ASP B 226 12.71 30.49 44.11
CA ASP B 226 11.26 30.45 44.00
C ASP B 226 10.65 31.84 44.01
N GLN B 227 11.05 32.66 44.97
CA GLN B 227 10.44 33.93 45.26
C GLN B 227 10.70 34.98 44.20
N GLU B 228 11.48 34.68 43.18
CA GLU B 228 11.88 35.68 42.20
C GLU B 228 11.04 35.55 40.94
N THR B 229 10.72 36.70 40.33
CA THR B 229 10.00 36.69 39.06
C THR B 229 10.98 36.32 37.96
N ALA B 230 10.77 35.16 37.33
CA ALA B 230 11.75 34.62 36.39
C ALA B 230 11.49 35.07 34.95
N LEU B 231 10.21 35.18 34.56
CA LEU B 231 9.84 35.59 33.22
C LEU B 231 9.27 37.00 33.22
N VAL B 232 9.69 37.81 32.27
CA VAL B 232 9.21 39.19 32.13
C VAL B 232 8.72 39.38 30.71
N GLU B 233 7.44 39.69 30.56
CA GLU B 233 6.85 39.85 29.25
C GLU B 233 7.22 41.21 28.69
N GLY B 234 7.58 41.23 27.41
CA GLY B 234 7.99 42.47 26.76
C GLY B 234 7.15 42.91 25.56
N GLU B 235 7.84 43.17 24.45
CA GLU B 235 7.26 43.81 23.27
C GLU B 235 6.58 42.79 22.36
N PHE B 236 5.77 43.31 21.42
CA PHE B 236 5.13 42.43 20.47
C PHE B 236 6.16 41.84 19.52
N HIS B 237 5.95 40.56 19.19
CA HIS B 237 6.63 39.92 18.07
C HIS B 237 6.43 40.74 16.80
N HIS B 238 7.15 40.42 15.74
CA HIS B 238 7.30 41.32 14.62
C HIS B 238 6.69 40.80 13.33
N THR B 239 6.20 39.56 13.32
CA THR B 239 5.80 38.88 12.10
C THR B 239 4.30 38.60 12.09
N GLU B 240 3.76 38.44 10.88
CA GLU B 240 2.31 38.30 10.72
C GLU B 240 1.78 37.02 11.37
N ASP B 241 2.59 35.98 11.45
CA ASP B 241 2.17 34.71 12.02
C ASP B 241 2.12 34.72 13.54
N LYS B 242 2.62 35.77 14.19
CA LYS B 242 2.62 35.86 15.65
C LYS B 242 1.86 37.08 16.15
N LYS B 243 0.98 37.65 15.33
CA LYS B 243 0.20 38.81 15.70
C LYS B 243 -0.52 38.58 17.03
N GLY B 244 -0.43 39.59 17.91
CA GLY B 244 -0.97 39.48 19.24
C GLY B 244 0.01 39.01 20.31
N ARG B 245 1.04 38.24 19.95
CA ARG B 245 1.91 37.61 20.95
C ARG B 245 3.09 38.51 21.32
N ARG B 246 3.56 38.35 22.56
CA ARG B 246 4.62 39.18 23.11
C ARG B 246 5.87 38.35 23.40
N VAL B 247 7.03 38.96 23.17
CA VAL B 247 8.28 38.39 23.61
C VAL B 247 8.27 38.21 25.12
N VAL B 248 8.68 37.03 25.60
CA VAL B 248 8.77 36.75 27.02
C VAL B 248 10.20 36.36 27.33
N ARG B 249 10.87 37.17 28.14
CA ARG B 249 12.27 36.95 28.48
C ARG B 249 12.42 36.33 29.86
N ARG B 250 13.26 35.31 29.95
CA ARG B 250 13.70 34.77 31.23
C ARG B 250 14.93 35.54 31.69
N VAL B 251 14.91 36.06 32.92
CA VAL B 251 15.94 36.96 33.44
C VAL B 251 16.75 36.33 34.57
N ILE B 252 16.52 35.05 34.86
CA ILE B 252 17.20 34.32 35.92
C ILE B 252 17.28 32.87 35.44
N GLN B 253 18.30 32.13 35.89
CA GLN B 253 18.38 30.69 35.60
C GLN B 253 17.76 29.95 36.80
N SER B 254 16.60 29.33 36.59
CA SER B 254 15.83 28.87 37.75
C SER B 254 14.79 27.81 37.37
N ASP B 255 14.75 27.45 36.09
CA ASP B 255 13.75 26.48 35.59
C ASP B 255 14.16 25.07 35.98
N PRO B 256 13.36 24.36 36.78
CA PRO B 256 13.86 23.07 37.32
C PRO B 256 13.90 21.95 36.29
N SER B 257 13.04 21.97 35.28
CA SER B 257 13.04 20.90 34.28
C SER B 257 14.19 21.04 33.31
N TYR B 258 14.47 22.28 32.89
CA TYR B 258 15.66 22.52 32.07
C TYR B 258 16.93 22.14 32.81
N ALA B 259 17.05 22.54 34.08
CA ALA B 259 18.17 22.10 34.91
C ALA B 259 18.24 20.59 35.00
N GLY B 260 17.07 19.94 35.16
CA GLY B 260 17.03 18.50 35.21
C GLY B 260 17.41 17.86 33.89
N MET B 261 17.06 18.51 32.77
CA MET B 261 17.51 18.04 31.47
C MET B 261 19.03 18.01 31.38
N ILE B 262 19.69 19.07 31.85
CA ILE B 262 21.13 19.17 31.76
C ILE B 262 21.80 18.17 32.69
N TRP B 263 21.13 17.81 33.78
CA TRP B 263 21.67 16.82 34.72
C TRP B 263 21.65 15.42 34.12
N ASN B 264 20.55 15.06 33.47
CA ASN B 264 20.50 13.79 32.74
C ASN B 264 21.53 13.79 31.62
N LEU B 265 21.71 14.93 30.96
CA LEU B 265 22.68 14.98 29.89
C LEU B 265 24.09 14.83 30.43
N ASP B 266 24.35 15.43 31.59
CA ASP B 266 25.66 15.34 32.18
C ASP B 266 25.96 13.92 32.66
N GLN B 267 24.95 13.22 33.18
CA GLN B 267 25.16 11.81 33.51
C GLN B 267 25.53 11.03 32.26
N ASN B 268 24.85 11.30 31.15
CA ASN B 268 25.10 10.58 29.90
C ASN B 268 26.48 10.88 29.35
N ILE B 269 26.96 12.12 29.49
CA ILE B 269 28.31 12.45 29.05
C ILE B 269 29.33 11.59 29.81
N GLY B 270 29.10 11.39 31.11
CA GLY B 270 30.02 10.56 31.88
C GLY B 270 30.06 9.13 31.41
N ARG B 271 28.90 8.57 31.06
CA ARG B 271 28.86 7.23 30.48
C ARG B 271 29.60 7.20 29.14
N LEU B 272 29.44 8.23 28.32
CA LEU B 272 30.11 8.24 27.03
C LEU B 272 31.63 8.30 27.21
N LEU B 273 32.11 9.16 28.11
CA LEU B 273 33.55 9.30 28.25
C LEU B 273 34.16 8.15 29.02
N GLU B 274 33.40 7.54 29.93
CA GLU B 274 33.91 6.35 30.59
C GLU B 274 33.99 5.18 29.61
N ALA B 275 33.03 5.10 28.69
CA ALA B 275 33.08 4.06 27.67
C ALA B 275 34.28 4.27 26.73
N LEU B 276 34.50 5.52 26.31
CA LEU B 276 35.67 5.83 25.50
C LEU B 276 36.96 5.45 26.23
N SER B 277 36.96 5.55 27.56
CA SER B 277 38.12 5.20 28.35
C SER B 277 38.29 3.69 28.46
N GLU B 278 37.19 2.97 28.74
CA GLU B 278 37.25 1.51 28.84
C GLU B 278 37.71 0.85 27.53
N CYS B 279 37.45 1.48 26.39
CA CYS B 279 38.00 1.01 25.12
C CYS B 279 39.43 1.50 24.87
N GLY B 280 40.04 2.20 25.82
CA GLY B 280 41.45 2.56 25.70
C GLY B 280 41.74 3.70 24.75
N GLU B 281 40.78 4.59 24.51
CA GLU B 281 40.93 5.63 23.52
C GLU B 281 41.06 7.02 24.12
N GLU B 282 41.04 7.14 25.46
CA GLU B 282 41.06 8.47 26.09
C GLU B 282 42.25 9.30 25.60
N GLU B 283 43.44 8.69 25.55
CA GLU B 283 44.64 9.45 25.25
C GLU B 283 44.83 9.72 23.76
N ASN B 284 44.02 9.12 22.89
CA ASN B 284 44.12 9.34 21.45
C ASN B 284 42.86 9.93 20.86
N THR B 285 41.97 10.49 21.68
CA THR B 285 40.73 11.06 21.17
C THR B 285 40.67 12.55 21.49
N VAL B 286 40.47 13.36 20.44
CA VAL B 286 40.09 14.76 20.56
C VAL B 286 38.61 14.80 20.91
N VAL B 287 38.29 15.35 22.08
CA VAL B 287 36.89 15.50 22.53
C VAL B 287 36.53 16.98 22.47
N VAL B 288 35.51 17.32 21.69
CA VAL B 288 35.01 18.69 21.60
C VAL B 288 33.59 18.73 22.14
N PHE B 289 33.30 19.71 22.99
CA PHE B 289 31.97 19.91 23.55
C PHE B 289 31.51 21.32 23.22
N THR B 290 30.37 21.43 22.54
CA THR B 290 29.93 22.73 22.07
C THR B 290 28.43 22.68 21.76
N SER B 291 27.90 23.78 21.25
CA SER B 291 26.48 23.90 20.92
C SER B 291 26.35 24.66 19.59
N ASP B 292 25.17 24.59 18.97
CA ASP B 292 25.06 25.12 17.62
C ASP B 292 24.55 26.56 17.59
N ASN B 293 24.00 27.07 18.68
CA ASN B 293 23.66 28.48 18.81
C ASN B 293 23.42 28.75 20.29
N GLY B 294 23.10 30.00 20.61
CA GLY B 294 22.88 30.40 21.99
C GLY B 294 21.62 29.81 22.56
N GLY B 295 21.38 30.07 23.84
CA GLY B 295 20.28 29.43 24.56
C GLY B 295 18.93 30.12 24.38
N LEU B 296 17.87 29.31 24.38
CA LEU B 296 16.52 29.86 24.20
C LEU B 296 16.13 30.62 25.45
N ALA B 297 16.05 31.95 25.33
CA ALA B 297 15.74 32.79 26.47
C ALA B 297 14.60 33.80 26.23
N THR B 298 14.06 33.89 25.01
CA THR B 298 13.13 34.98 24.72
C THR B 298 11.79 34.53 24.13
N SER B 299 11.49 33.23 24.11
CA SER B 299 10.20 32.73 23.63
C SER B 299 10.15 31.23 23.82
N GLU B 300 9.04 30.63 23.39
CA GLU B 300 8.83 29.18 23.40
C GLU B 300 9.14 28.57 24.75
N GLY B 301 8.81 29.29 25.82
CA GLY B 301 8.94 28.80 27.16
C GLY B 301 10.14 29.34 27.91
N SER B 302 11.08 29.98 27.20
CA SER B 302 12.31 30.61 27.73
C SER B 302 12.95 29.78 28.84
N PRO B 303 13.51 28.60 28.52
CA PRO B 303 13.98 27.71 29.58
C PRO B 303 15.27 28.16 30.25
N THR B 304 16.09 28.96 29.61
CA THR B 304 17.33 29.42 30.26
C THR B 304 17.49 30.93 30.12
N CYS B 305 18.56 31.43 30.76
CA CYS B 305 18.91 32.84 30.71
C CYS B 305 20.39 32.95 30.35
N ASN B 306 20.71 33.92 29.49
CA ASN B 306 22.06 34.10 28.99
C ASN B 306 22.75 35.33 29.55
N LEU B 307 22.10 36.04 30.48
CA LEU B 307 22.66 37.26 31.06
C LEU B 307 23.98 36.94 31.78
N PRO B 308 25.00 37.81 31.69
CA PRO B 308 24.97 39.18 31.15
C PRO B 308 25.12 39.30 29.62
N ALA B 309 25.05 38.20 28.90
CA ALA B 309 25.01 38.30 27.46
C ALA B 309 23.56 38.53 27.04
N SER B 310 23.37 39.48 26.12
CA SER B 310 22.04 39.98 25.79
C SER B 310 21.28 39.05 24.85
N GLU B 311 19.99 38.88 25.11
CA GLU B 311 18.99 38.10 24.33
C GLU B 311 19.43 36.64 24.28
N GLY B 312 19.29 35.97 23.15
CA GLY B 312 19.43 34.53 23.10
C GLY B 312 19.19 34.04 21.68
N LYS B 313 18.96 32.73 21.56
CA LYS B 313 18.77 32.10 20.25
C LYS B 313 17.80 32.92 19.42
N GLY B 314 18.11 33.07 18.14
CA GLY B 314 17.32 33.87 17.25
C GLY B 314 17.76 35.31 17.13
N TRP B 315 18.72 35.75 17.95
CA TRP B 315 19.22 37.13 17.90
C TRP B 315 20.70 37.15 17.60
N VAL B 316 21.16 38.24 17.00
CA VAL B 316 22.57 38.42 16.69
C VAL B 316 23.28 39.17 17.82
N TYR B 317 22.58 39.44 18.90
CA TYR B 317 23.26 39.86 20.11
C TYR B 317 24.04 38.68 20.70
N GLU B 318 24.96 38.98 21.63
CA GLU B 318 25.92 37.97 22.10
C GLU B 318 25.22 36.75 22.68
N GLY B 319 24.10 36.95 23.36
CA GLY B 319 23.38 35.85 23.97
C GLY B 319 22.87 34.82 22.97
N GLY B 320 22.75 35.20 21.70
CA GLY B 320 22.29 34.26 20.69
C GLY B 320 23.42 33.61 19.93
N THR B 321 24.60 34.22 19.95
CA THR B 321 25.73 33.71 19.20
C THR B 321 26.73 33.01 20.09
N ARG B 322 26.75 33.33 21.39
CA ARG B 322 27.77 32.78 22.28
C ARG B 322 27.39 31.36 22.65
N VAL B 323 28.42 30.52 22.71
CA VAL B 323 28.24 29.08 22.84
C VAL B 323 29.37 28.55 23.71
N PRO B 324 29.12 27.48 24.43
CA PRO B 324 30.20 26.87 25.22
C PRO B 324 31.15 26.05 24.35
N LEU B 325 32.41 25.96 24.78
CA LEU B 325 33.44 25.24 24.03
C LEU B 325 34.52 24.70 24.97
N ILE B 326 34.61 23.37 25.05
CA ILE B 326 35.67 22.66 25.74
C ILE B 326 36.37 21.77 24.73
N VAL B 327 37.72 21.79 24.73
CA VAL B 327 38.50 20.87 23.91
C VAL B 327 39.44 20.07 24.80
N LYS B 328 39.32 18.74 24.72
CA LYS B 328 40.22 17.83 25.41
C LYS B 328 41.00 17.05 24.36
N TYR B 329 42.32 17.06 24.48
CA TYR B 329 43.19 16.22 23.66
C TYR B 329 44.43 15.93 24.50
N PRO B 330 44.44 14.82 25.25
CA PRO B 330 45.52 14.57 26.20
C PRO B 330 46.89 14.60 25.54
N GLY B 331 47.88 15.09 26.28
CA GLY B 331 49.23 15.16 25.78
C GLY B 331 49.51 16.32 24.86
N HIS B 332 48.48 17.00 24.36
CA HIS B 332 48.53 18.12 23.43
C HIS B 332 47.89 19.38 24.00
N VAL B 333 46.73 19.28 24.64
CA VAL B 333 46.03 20.42 25.19
C VAL B 333 46.23 20.45 26.70
N ALA B 334 46.73 21.58 27.22
CA ALA B 334 46.94 21.81 28.63
C ALA B 334 45.69 21.53 29.45
N PRO B 335 45.70 20.54 30.34
CA PRO B 335 44.51 20.27 31.16
C PRO B 335 44.16 21.44 32.04
N GLY B 336 42.89 21.83 32.01
CA GLY B 336 42.42 22.91 32.88
C GLY B 336 42.88 24.30 32.48
N SER B 337 43.14 24.53 31.21
CA SER B 337 43.57 25.82 30.71
C SER B 337 42.39 26.56 30.07
N ARG B 338 42.65 27.81 29.67
CA ARG B 338 41.59 28.65 29.11
C ARG B 338 42.16 29.59 28.04
N CYS B 339 41.39 29.79 26.97
CA CYS B 339 41.78 30.66 25.88
C CYS B 339 40.63 31.62 25.55
N ASP B 340 40.95 32.92 25.40
CA ASP B 340 39.95 33.97 25.17
C ASP B 340 39.98 34.56 23.76
N VAL B 341 40.79 34.02 22.89
CA VAL B 341 40.78 34.46 21.50
C VAL B 341 39.49 33.98 20.85
N PRO B 342 38.77 34.83 20.11
CA PRO B 342 37.50 34.39 19.52
C PRO B 342 37.62 33.15 18.63
N VAL B 343 36.66 32.24 18.77
CA VAL B 343 36.56 31.08 17.91
C VAL B 343 35.13 30.99 17.42
N THR B 344 34.95 30.51 16.19
CA THR B 344 33.61 30.30 15.64
C THR B 344 33.55 28.97 14.89
N THR B 345 32.35 28.38 14.86
CA THR B 345 31.98 27.11 14.23
C THR B 345 32.80 26.66 13.01
N PRO B 346 32.96 27.48 11.95
CA PRO B 346 33.71 26.99 10.77
C PRO B 346 35.18 26.73 11.04
N ASP B 347 35.70 27.07 12.22
CA ASP B 347 37.09 26.75 12.54
C ASP B 347 37.31 25.26 12.73
N PHE B 348 36.28 24.53 13.15
CA PHE B 348 36.48 23.13 13.51
C PHE B 348 36.96 22.31 12.33
N TYR B 349 36.46 22.62 11.12
CA TYR B 349 36.85 21.87 9.93
C TYR B 349 38.36 21.90 9.69
N PRO B 350 39.00 23.06 9.54
CA PRO B 350 40.45 23.04 9.35
C PRO B 350 41.22 22.60 10.58
N THR B 351 40.70 22.82 11.79
CA THR B 351 41.38 22.31 12.99
C THR B 351 41.52 20.79 12.93
N PHE B 352 40.44 20.10 12.55
CA PHE B 352 40.47 18.64 12.55
C PHE B 352 41.37 18.12 11.45
N LEU B 353 41.32 18.76 10.28
CA LEU B 353 42.29 18.42 9.23
C LEU B 353 43.71 18.55 9.75
N GLU B 354 44.04 19.68 10.37
CA GLU B 354 45.42 19.84 10.82
C GLU B 354 45.78 18.79 11.87
N LEU B 355 44.96 18.65 12.93
CA LEU B 355 45.25 17.65 13.96
C LEU B 355 45.40 16.24 13.38
N ALA B 356 44.70 15.95 12.28
CA ALA B 356 44.69 14.63 11.69
C ALA B 356 45.65 14.49 10.51
N GLY B 357 46.52 15.47 10.31
CA GLY B 357 47.53 15.36 9.25
C GLY B 357 46.98 15.27 7.84
N VAL B 358 45.78 15.78 7.58
CA VAL B 358 45.14 15.70 6.28
C VAL B 358 45.15 17.06 5.61
N PRO B 359 45.65 17.19 4.39
CA PRO B 359 45.59 18.49 3.69
C PRO B 359 44.20 18.75 3.14
N GLN B 360 43.87 20.04 3.01
CA GLN B 360 42.52 20.39 2.58
C GLN B 360 42.40 20.31 1.07
N LYS B 361 41.20 19.94 0.60
CA LYS B 361 40.99 19.72 -0.83
C LYS B 361 41.24 21.01 -1.62
N SER B 362 42.06 20.90 -2.66
CA SER B 362 42.26 22.00 -3.58
C SER B 362 40.94 22.50 -4.13
N GLY B 363 40.72 23.80 -4.05
CA GLY B 363 39.60 24.43 -4.71
C GLY B 363 38.39 24.71 -3.82
N ILE B 364 38.16 23.90 -2.80
CA ILE B 364 36.99 24.14 -1.95
C ILE B 364 37.30 25.32 -1.04
N PRO B 365 36.35 26.23 -0.81
CA PRO B 365 36.62 27.41 0.03
C PRO B 365 36.44 27.09 1.51
N ILE B 366 37.42 27.49 2.32
CA ILE B 366 37.35 27.36 3.76
C ILE B 366 37.31 28.76 4.35
N ASP B 367 36.29 29.04 5.17
CA ASP B 367 36.21 30.31 5.86
C ASP B 367 36.80 30.25 7.26
N GLY B 368 36.89 29.08 7.87
CA GLY B 368 37.44 28.98 9.19
C GLY B 368 38.97 29.03 9.20
N ARG B 369 39.51 29.12 10.40
CA ARG B 369 40.94 29.13 10.63
C ARG B 369 41.25 28.10 11.71
N SER B 370 42.22 27.23 11.45
CA SER B 370 42.55 26.20 12.43
C SER B 370 42.93 26.84 13.75
N ILE B 371 42.58 26.17 14.86
CA ILE B 371 42.86 26.72 16.17
C ILE B 371 43.95 25.96 16.91
N VAL B 372 44.73 25.14 16.21
CA VAL B 372 45.75 24.38 16.92
C VAL B 372 46.77 25.31 17.59
N PRO B 373 47.10 26.51 17.08
CA PRO B 373 47.95 27.38 17.92
C PRO B 373 47.29 27.74 19.23
N LEU B 374 45.98 28.10 19.22
CA LEU B 374 45.26 28.33 20.47
C LEU B 374 45.33 27.11 21.37
N LEU B 375 45.16 25.92 20.81
CA LEU B 375 45.21 24.73 21.63
C LEU B 375 46.61 24.49 22.20
N ALA B 376 47.62 25.21 21.69
CA ALA B 376 48.97 25.22 22.23
C ALA B 376 49.24 26.41 23.14
N GLY B 377 48.28 27.30 23.32
CA GLY B 377 48.52 28.52 24.07
C GLY B 377 49.27 29.60 23.32
N ASN B 378 49.32 29.55 21.99
CA ASN B 378 49.93 30.60 21.19
C ASN B 378 48.85 31.52 20.63
N HIS B 379 49.23 32.77 20.40
CA HIS B 379 48.30 33.70 19.79
C HIS B 379 48.38 33.59 18.27
N MET B 380 47.36 34.12 17.61
CA MET B 380 47.24 34.16 16.17
C MET B 380 46.86 35.58 15.79
N PRO B 381 46.98 35.95 14.53
CA PRO B 381 46.59 37.31 14.14
C PRO B 381 45.08 37.53 14.30
N GLU B 382 44.68 38.79 14.55
CA GLU B 382 43.34 39.15 15.01
C GLU B 382 42.36 39.24 13.85
N ARG B 383 41.67 38.19 13.57
CA ARG B 383 40.78 38.20 12.42
C ARG B 383 39.37 38.64 12.82
N PRO B 384 38.62 39.23 11.87
CA PRO B 384 37.18 39.46 12.09
C PRO B 384 36.37 38.17 12.09
N VAL B 385 35.24 38.21 12.76
CA VAL B 385 34.31 37.10 12.79
C VAL B 385 32.92 37.63 12.45
N PHE B 386 32.21 36.92 11.58
CA PHE B 386 31.06 37.47 10.88
C PHE B 386 29.78 36.70 11.14
N TRP B 387 28.65 37.41 11.00
CA TRP B 387 27.32 36.83 11.00
C TRP B 387 26.46 37.50 9.93
N HIS B 388 25.54 36.73 9.35
CA HIS B 388 24.56 37.25 8.39
C HIS B 388 23.27 36.47 8.57
N TYR B 389 22.25 37.09 9.17
CA TYR B 389 20.98 36.41 9.49
C TYR B 389 19.83 37.26 8.94
N PRO B 390 19.52 37.12 7.63
CA PRO B 390 18.49 37.95 7.01
C PRO B 390 17.10 37.35 7.14
N HIS B 391 16.75 36.96 8.36
CA HIS B 391 15.46 36.38 8.66
C HIS B 391 15.05 36.90 10.04
N TYR B 392 13.76 36.78 10.35
CA TYR B 392 13.26 37.23 11.66
C TYR B 392 13.53 36.22 12.77
N GLY B 393 13.46 34.93 12.47
CA GLY B 393 13.53 33.94 13.51
C GLY B 393 12.27 33.96 14.36
N ASN B 394 12.13 33.00 15.27
CA ASN B 394 10.93 32.88 16.08
C ASN B 394 11.04 33.47 17.47
N GLN B 395 12.18 34.06 17.82
CA GLN B 395 12.44 34.42 19.21
C GLN B 395 12.34 35.91 19.49
N GLY B 396 12.10 36.76 18.48
CA GLY B 396 11.98 38.19 18.69
C GLY B 396 12.98 39.05 17.96
N GLY B 397 14.05 38.50 17.38
CA GLY B 397 14.98 39.28 16.60
C GLY B 397 14.38 39.80 15.31
N THR B 398 15.14 40.67 14.65
CA THR B 398 14.85 41.24 13.33
C THR B 398 16.07 41.05 12.43
N PRO B 399 15.87 40.94 11.12
CA PRO B 399 17.00 40.63 10.23
C PRO B 399 18.20 41.57 10.42
N ALA B 400 19.37 40.98 10.57
CA ALA B 400 20.55 41.73 10.96
C ALA B 400 21.81 41.00 10.50
N ALA B 401 22.91 41.72 10.50
CA ALA B 401 24.22 41.19 10.14
C ALA B 401 25.24 41.82 11.08
N SER B 402 26.40 41.17 11.22
CA SER B 402 27.30 41.50 12.32
C SER B 402 28.75 41.20 12.00
N VAL B 403 29.65 42.03 12.55
CA VAL B 403 31.08 41.71 12.58
C VAL B 403 31.62 42.01 13.96
N VAL B 404 32.45 41.11 14.48
CA VAL B 404 33.22 41.31 15.70
C VAL B 404 34.69 41.36 15.32
N LEU B 405 35.41 42.39 15.79
CA LEU B 405 36.83 42.54 15.48
C LEU B 405 37.52 43.21 16.67
N GLY B 406 38.39 42.48 17.35
CA GLY B 406 38.99 43.04 18.56
C GLY B 406 37.92 43.24 19.62
N ASP B 407 37.97 44.39 20.30
CA ASP B 407 36.96 44.73 21.31
C ASP B 407 35.62 45.19 20.74
N TYR B 408 35.51 45.46 19.44
CA TYR B 408 34.33 46.13 18.92
C TYR B 408 33.44 45.18 18.13
N LYS B 409 32.14 45.45 18.18
CA LYS B 409 31.14 44.69 17.46
C LYS B 409 30.18 45.67 16.79
N TYR B 410 29.86 45.41 15.52
CA TYR B 410 29.00 46.28 14.73
C TYR B 410 27.86 45.44 14.15
N ILE B 411 26.64 45.90 14.34
CA ILE B 411 25.43 45.24 13.84
C ILE B 411 24.71 46.21 12.92
N GLU B 412 24.25 45.73 11.76
CA GLU B 412 23.38 46.51 10.90
C GLU B 412 22.03 45.80 10.83
N PHE B 413 20.96 46.57 10.97
CA PHE B 413 19.61 46.01 11.05
C PHE B 413 18.89 46.34 9.76
N PHE B 414 18.47 45.30 9.03
CA PHE B 414 17.99 45.49 7.67
C PHE B 414 16.65 46.20 7.60
N GLU B 415 15.89 46.27 8.70
CA GLU B 415 14.60 46.96 8.63
C GLU B 415 14.78 48.43 8.31
N ASP B 416 15.68 49.09 9.03
CA ASP B 416 15.90 50.51 8.84
C ASP B 416 17.34 50.87 8.48
N GLY B 417 18.21 49.89 8.35
CA GLY B 417 19.57 50.22 7.99
C GLY B 417 20.37 50.87 9.09
N ARG B 418 19.90 50.86 10.32
CA ARG B 418 20.64 51.51 11.38
C ARG B 418 21.79 50.61 11.82
N GLY B 419 22.89 51.25 12.21
CA GLY B 419 24.03 50.56 12.78
C GLY B 419 24.08 50.74 14.28
N GLU B 420 24.56 49.69 14.96
CA GLU B 420 24.86 49.75 16.38
C GLU B 420 26.30 49.35 16.55
N LEU B 421 27.02 50.05 17.42
CA LEU B 421 28.44 49.78 17.68
C LEU B 421 28.61 49.55 19.17
N TYR B 422 29.31 48.49 19.54
CA TYR B 422 29.52 48.13 20.94
C TYR B 422 30.99 47.86 21.19
N ASP B 423 31.50 48.38 22.31
CA ASP B 423 32.80 48.01 22.88
C ASP B 423 32.55 46.85 23.85
N LEU B 424 32.80 45.62 23.40
CA LEU B 424 32.55 44.43 24.22
C LEU B 424 33.54 44.25 25.37
N LYS B 425 34.66 44.98 25.39
CA LYS B 425 35.54 44.97 26.57
C LYS B 425 34.99 45.84 27.70
N ALA B 426 34.67 47.11 27.40
CA ALA B 426 34.08 47.96 28.41
C ALA B 426 32.61 47.60 28.69
N ASP B 427 31.88 47.11 27.68
CA ASP B 427 30.42 47.09 27.72
C ASP B 427 29.93 45.72 27.20
N PHE B 428 30.24 44.69 27.99
CA PHE B 428 30.01 43.31 27.56
C PHE B 428 28.54 43.06 27.22
N SER B 429 27.60 43.62 28.00
CA SER B 429 26.18 43.33 27.82
C SER B 429 25.51 44.16 26.75
N GLU B 430 26.26 44.85 25.87
CA GLU B 430 25.71 45.58 24.73
C GLU B 430 24.66 46.59 25.17
N THR B 431 25.01 47.36 26.20
CA THR B 431 24.11 48.35 26.82
C THR B 431 24.23 49.74 26.22
N ASN B 432 25.32 50.05 25.53
CA ASN B 432 25.64 51.45 25.20
C ASN B 432 26.11 51.52 23.75
N ASN B 433 25.18 51.84 22.86
CA ASN B 433 25.48 52.03 21.44
C ASN B 433 26.36 53.27 21.27
N ILE B 434 27.57 53.08 20.73
CA ILE B 434 28.53 54.17 20.54
C ILE B 434 28.76 54.45 19.06
N CYS B 435 27.84 54.01 18.20
CA CYS B 435 27.90 54.31 16.76
C CYS B 435 28.15 55.78 16.47
N GLU B 436 27.44 56.67 17.19
CA GLU B 436 27.57 58.11 16.99
C GLU B 436 28.83 58.67 17.63
N ASN B 437 29.27 58.07 18.74
CA ASN B 437 30.44 58.58 19.43
C ASN B 437 31.73 58.28 18.68
N MET B 438 31.77 57.20 17.90
CA MET B 438 32.99 56.77 17.19
C MET B 438 32.69 56.53 15.72
N PRO B 439 32.40 57.59 14.96
CA PRO B 439 32.00 57.40 13.55
C PRO B 439 33.02 56.68 12.69
N GLU B 440 34.30 57.03 12.80
CA GLU B 440 35.29 56.36 11.98
C GLU B 440 35.28 54.86 12.25
N MET B 441 35.14 54.47 13.52
CA MET B 441 35.11 53.05 13.85
C MET B 441 33.88 52.38 13.23
N ALA B 442 32.70 52.96 13.46
CA ALA B 442 31.48 52.42 12.86
C ALA B 442 31.62 52.26 11.36
N ALA B 443 32.06 53.32 10.68
CA ALA B 443 32.20 53.26 9.22
C ALA B 443 33.20 52.20 8.77
N ARG B 444 34.26 51.99 9.55
CA ARG B 444 35.26 51.02 9.15
C ARG B 444 34.73 49.60 9.26
N LEU B 445 34.00 49.29 10.33
CA LEU B 445 33.44 47.95 10.49
C LEU B 445 32.26 47.74 9.57
N ARG B 446 31.45 48.79 9.39
CA ARG B 446 30.35 48.72 8.43
C ARG B 446 30.87 48.33 7.05
N MET B 447 31.92 49.00 6.58
CA MET B 447 32.46 48.69 5.25
C MET B 447 33.05 47.30 5.21
N LEU B 448 33.59 46.82 6.32
CA LEU B 448 34.20 45.50 6.33
C LEU B 448 33.12 44.41 6.31
N LEU B 449 32.03 44.63 7.04
CA LEU B 449 30.86 43.75 6.97
C LEU B 449 30.26 43.75 5.56
N HIS B 450 30.28 44.90 4.87
CA HIS B 450 29.70 44.96 3.54
C HIS B 450 30.59 44.27 2.51
N GLY B 451 31.91 44.38 2.67
CA GLY B 451 32.81 43.71 1.74
C GLY B 451 32.80 42.21 1.92
N TRP B 452 32.71 41.74 3.16
CA TRP B 452 32.54 40.32 3.42
C TRP B 452 31.21 39.82 2.83
N GLN B 453 30.14 40.58 3.04
CA GLN B 453 28.83 40.21 2.51
C GLN B 453 28.87 40.07 1.00
N ARG B 454 29.52 41.03 0.32
CA ARG B 454 29.70 40.95 -1.12
C ARG B 454 30.39 39.66 -1.53
N GLU B 455 31.47 39.29 -0.82
CA GLU B 455 32.28 38.14 -1.23
C GLU B 455 31.62 36.80 -0.95
N VAL B 456 30.71 36.72 0.03
CA VAL B 456 29.94 35.49 0.22
C VAL B 456 28.63 35.49 -0.55
N CYS B 457 28.30 36.59 -1.25
CA CYS B 457 26.98 36.75 -1.90
C CYS B 457 25.85 36.62 -0.88
N ALA B 458 25.94 37.41 0.17
CA ALA B 458 24.85 37.42 1.14
C ALA B 458 23.57 37.91 0.47
N ARG B 459 22.43 37.30 0.83
CA ARG B 459 21.12 37.68 0.31
C ARG B 459 20.39 38.57 1.31
N PHE B 460 19.71 39.64 0.80
CA PHE B 460 19.09 40.64 1.66
C PHE B 460 17.58 40.54 1.67
N PRO B 461 16.95 40.71 2.83
CA PRO B 461 15.49 40.67 2.88
C PRO B 461 14.93 41.75 1.97
N GLU B 462 13.82 41.45 1.31
CA GLU B 462 13.17 42.52 0.58
C GLU B 462 12.08 43.15 1.43
N VAL B 463 11.56 44.26 0.94
CA VAL B 463 10.58 45.05 1.67
C VAL B 463 9.20 44.44 1.49
N ASN B 464 8.44 44.39 2.58
CA ASN B 464 7.06 43.94 2.55
C ASN B 464 6.21 45.13 2.10
N GLU B 465 5.92 45.19 0.80
CA GLU B 465 5.14 46.31 0.29
C GLU B 465 3.68 46.26 0.75
N ALA B 466 3.29 45.21 1.49
CA ALA B 466 1.95 45.06 2.04
C ALA B 466 1.90 45.21 3.55
N TYR B 467 2.89 45.90 4.13
CA TYR B 467 2.93 46.06 5.58
C TYR B 467 1.89 47.12 6.02
N GLN C 4 -47.80 17.54 12.49
CA GLN C 4 -49.18 17.10 12.34
C GLN C 4 -49.38 15.58 12.53
N PRO C 5 -48.68 14.72 11.77
CA PRO C 5 -48.95 13.28 11.90
C PRO C 5 -48.19 12.67 13.07
N ASN C 6 -48.78 11.62 13.62
CA ASN C 6 -48.12 10.83 14.65
C ASN C 6 -47.09 9.91 14.00
N PHE C 7 -46.24 9.31 14.84
CA PHE C 7 -45.26 8.34 14.37
C PHE C 7 -45.22 7.17 15.33
N LEU C 8 -45.59 6.00 14.85
CA LEU C 8 -45.47 4.75 15.59
C LEU C 8 -44.43 3.90 14.87
N PHE C 9 -43.26 3.74 15.49
CA PHE C 9 -42.10 3.11 14.85
C PHE C 9 -41.84 1.78 15.54
N ILE C 10 -42.24 0.69 14.87
CA ILE C 10 -42.21 -0.65 15.47
C ILE C 10 -40.89 -1.29 15.04
N PHE C 11 -39.94 -1.32 15.97
CA PHE C 11 -38.54 -1.68 15.74
C PHE C 11 -38.31 -3.07 16.32
N MET C 12 -38.41 -4.08 15.46
CA MET C 12 -38.17 -5.44 15.88
C MET C 12 -36.69 -5.69 16.06
N ASP C 13 -36.38 -6.75 16.80
CA ASP C 13 -34.99 -7.12 17.08
C ASP C 13 -34.67 -8.42 16.39
N ASP C 14 -33.66 -8.39 15.51
CA ASP C 14 -33.09 -9.56 14.86
C ASP C 14 -34.09 -10.29 13.96
N MET C 15 -35.14 -9.62 13.48
CA MET C 15 -36.09 -10.25 12.58
C MET C 15 -35.56 -10.21 11.15
N GLY C 16 -35.46 -11.38 10.51
CA GLY C 16 -34.91 -11.44 9.17
C GLY C 16 -35.87 -10.98 8.09
N TRP C 17 -35.28 -10.67 6.91
CA TRP C 17 -36.03 -10.09 5.79
C TRP C 17 -37.16 -10.97 5.29
N ARG C 18 -37.11 -12.29 5.54
CA ARG C 18 -38.28 -13.09 5.18
C ARG C 18 -38.80 -13.84 6.40
N ASP C 19 -38.93 -13.15 7.53
CA ASP C 19 -39.52 -13.71 8.74
C ASP C 19 -40.98 -13.32 8.90
N LEU C 20 -41.53 -12.59 7.94
CA LEU C 20 -42.95 -12.30 7.86
C LEU C 20 -43.56 -13.09 6.72
N ALA C 21 -44.77 -13.62 6.94
CA ALA C 21 -45.50 -14.21 5.82
C ALA C 21 -45.63 -13.22 4.66
N CYS C 22 -45.94 -11.97 4.95
CA CYS C 22 -46.06 -10.98 3.89
C CYS C 22 -44.72 -10.60 3.26
N THR C 23 -43.57 -11.14 3.70
CA THR C 23 -42.30 -10.88 3.03
C THR C 23 -41.61 -12.18 2.64
N GLY C 24 -42.37 -13.24 2.43
CA GLY C 24 -41.84 -14.43 1.80
C GLY C 24 -41.56 -15.62 2.70
N SER C 25 -41.98 -15.59 3.96
CA SER C 25 -41.73 -16.73 4.82
C SER C 25 -42.55 -17.92 4.36
N THR C 26 -41.95 -19.09 4.50
CA THR C 26 -42.57 -20.33 4.09
C THR C 26 -43.19 -21.08 5.27
N PHE C 27 -43.09 -20.55 6.50
CA PHE C 27 -43.47 -21.30 7.70
C PHE C 27 -44.16 -20.44 8.74
N TYR C 28 -43.62 -19.25 8.98
CA TYR C 28 -44.21 -18.37 9.98
C TYR C 28 -45.52 -17.76 9.46
N GLU C 29 -46.44 -17.49 10.38
CA GLU C 29 -47.74 -16.91 10.08
C GLU C 29 -47.86 -15.58 10.79
N THR C 30 -48.16 -14.54 10.01
CA THR C 30 -48.20 -13.15 10.50
C THR C 30 -49.49 -12.47 10.04
N PRO C 31 -50.67 -12.99 10.41
CA PRO C 31 -51.93 -12.43 9.87
C PRO C 31 -52.12 -10.95 10.09
N ASN C 32 -51.79 -10.43 11.29
CA ASN C 32 -52.01 -9.01 11.58
C ASN C 32 -51.00 -8.14 10.87
N ILE C 33 -49.73 -8.57 10.82
CA ILE C 33 -48.74 -7.78 10.08
C ILE C 33 -49.04 -7.83 8.58
N ASP C 34 -49.63 -8.93 8.11
CA ASP C 34 -50.05 -9.01 6.72
C ASP C 34 -51.10 -7.97 6.39
N ARG C 35 -52.07 -7.77 7.29
CA ARG C 35 -53.11 -6.77 7.04
C ARG C 35 -52.51 -5.37 6.98
N LEU C 36 -51.50 -5.11 7.81
CA LEU C 36 -50.79 -3.83 7.78
C LEU C 36 -50.10 -3.61 6.44
N CYS C 37 -49.53 -4.68 5.89
CA CYS C 37 -48.89 -4.63 4.57
C CYS C 37 -49.91 -4.41 3.47
N ARG C 38 -51.08 -5.03 3.58
CA ARG C 38 -52.14 -4.83 2.60
C ARG C 38 -52.66 -3.41 2.61
N GLN C 39 -52.48 -2.69 3.72
CA GLN C 39 -52.90 -1.32 3.87
C GLN C 39 -51.78 -0.32 3.63
N GLY C 40 -50.58 -0.80 3.29
CA GLY C 40 -49.41 0.06 3.20
C GLY C 40 -48.49 -0.29 2.05
N MET C 41 -47.27 0.22 2.09
CA MET C 41 -46.26 -0.03 1.08
C MET C 41 -45.19 -0.93 1.67
N VAL C 42 -44.84 -1.97 0.93
CA VAL C 42 -43.79 -2.90 1.34
C VAL C 42 -42.51 -2.57 0.57
N PHE C 43 -41.37 -2.59 1.26
CA PHE C 43 -40.10 -2.23 0.65
C PHE C 43 -39.28 -3.50 0.45
N ALA C 44 -39.10 -3.89 -0.81
CA ALA C 44 -38.47 -5.18 -1.10
C ALA C 44 -36.95 -5.17 -0.97
N ASN C 45 -36.29 -4.02 -1.11
CA ASN C 45 -34.84 -3.94 -1.02
C ASN C 45 -34.49 -3.05 0.18
N SER C 46 -34.80 -3.57 1.36
CA SER C 46 -34.73 -2.82 2.61
C SER C 46 -33.54 -3.32 3.42
N TYR C 47 -32.77 -2.40 3.95
CA TYR C 47 -31.53 -2.74 4.63
C TYR C 47 -31.46 -2.07 5.98
N ALA C 48 -30.79 -2.73 6.92
CA ALA C 48 -30.28 -2.08 8.11
C ALA C 48 -28.89 -1.51 7.81
N SER C 49 -28.47 -0.51 8.57
CA SER C 49 -27.15 0.10 8.33
C SER C 49 -25.99 -0.67 8.96
N CYS C 50 -26.28 -1.78 9.67
CA CYS C 50 -25.29 -2.56 10.38
C CYS C 50 -25.83 -3.96 10.62
N PRO C 51 -25.02 -5.01 10.53
CA PRO C 51 -25.52 -6.36 10.79
C PRO C 51 -25.69 -6.73 12.25
N VAL C 52 -25.53 -5.82 13.23
CA VAL C 52 -25.84 -6.10 14.64
C VAL C 52 -26.53 -4.90 15.26
N CYS C 53 -26.86 -5.04 16.56
CA CYS C 53 -27.93 -4.27 17.21
C CYS C 53 -27.66 -2.80 17.44
N SER C 54 -26.73 -2.48 18.35
CA SER C 54 -26.53 -1.09 18.75
C SER C 54 -26.26 -0.12 17.60
N PRO C 55 -25.40 -0.43 16.62
CA PRO C 55 -25.11 0.58 15.58
C PRO C 55 -26.32 0.98 14.74
N SER C 56 -27.24 0.06 14.44
CA SER C 56 -28.42 0.45 13.67
C SER C 56 -29.41 1.22 14.50
N ARG C 57 -29.45 0.97 15.82
CA ARG C 57 -30.27 1.78 16.70
C ARG C 57 -29.73 3.22 16.78
N ALA C 58 -28.42 3.37 16.97
CA ALA C 58 -27.81 4.69 16.88
C ALA C 58 -28.12 5.33 15.54
N SER C 59 -27.89 4.58 14.45
CA SER C 59 -28.08 5.14 13.12
C SER C 59 -29.51 5.59 12.91
N TYR C 60 -30.46 4.79 13.39
CA TYR C 60 -31.87 5.15 13.23
C TYR C 60 -32.18 6.46 13.93
N LEU C 61 -31.74 6.60 15.19
CA LEU C 61 -32.09 7.78 15.98
C LEU C 61 -31.45 9.05 15.41
N THR C 62 -30.29 8.94 14.77
CA THR C 62 -29.54 10.11 14.36
C THR C 62 -29.58 10.39 12.86
N GLY C 63 -30.00 9.44 12.03
CA GLY C 63 -29.86 9.60 10.61
C GLY C 63 -28.43 9.59 10.11
N GLN C 64 -27.49 9.04 10.88
CA GLN C 64 -26.10 8.94 10.47
C GLN C 64 -25.73 7.48 10.28
N TYR C 65 -24.77 7.25 9.39
CA TYR C 65 -24.18 5.91 9.29
C TYR C 65 -23.46 5.59 10.60
N PRO C 66 -23.42 4.31 10.99
CA PRO C 66 -22.71 3.94 12.23
C PRO C 66 -21.25 4.40 12.30
N ALA C 67 -20.51 4.33 11.19
CA ALA C 67 -19.08 4.68 11.24
C ALA C 67 -18.85 6.16 11.52
N ARG C 68 -19.82 7.01 11.18
CA ARG C 68 -19.70 8.43 11.50
C ARG C 68 -19.89 8.69 12.98
N LEU C 69 -20.78 7.92 13.63
CA LEU C 69 -21.03 8.12 15.06
C LEU C 69 -19.95 7.50 15.92
N GLY C 70 -19.35 6.41 15.45
CA GLY C 70 -18.36 5.66 16.20
C GLY C 70 -18.90 4.46 16.95
N VAL C 71 -20.20 4.17 16.83
CA VAL C 71 -20.81 3.00 17.45
C VAL C 71 -20.98 1.96 16.34
N THR C 72 -19.99 1.07 16.21
CA THR C 72 -19.93 0.17 15.08
C THR C 72 -20.03 -1.31 15.43
N ASP C 73 -20.19 -1.67 16.71
CA ASP C 73 -20.52 -3.02 17.14
C ASP C 73 -21.65 -2.93 18.18
N TRP C 74 -22.31 -4.06 18.46
CA TRP C 74 -23.23 -4.08 19.58
C TRP C 74 -22.47 -3.73 20.87
N ILE C 75 -23.09 -2.95 21.74
CA ILE C 75 -22.40 -2.46 22.93
C ILE C 75 -22.31 -3.59 23.95
N ASP C 76 -21.09 -3.97 24.30
CA ASP C 76 -20.81 -4.92 25.37
C ASP C 76 -20.58 -4.11 26.65
N MET C 77 -21.63 -3.94 27.46
CA MET C 77 -21.59 -3.09 28.65
C MET C 77 -20.41 -3.43 29.58
N GLU C 78 -20.49 -4.55 30.29
CA GLU C 78 -19.31 -5.09 30.95
C GLU C 78 -18.26 -5.46 29.91
N GLY C 79 -17.00 -5.37 30.28
CA GLY C 79 -15.97 -5.61 29.29
C GLY C 79 -15.65 -7.07 29.00
N THR C 80 -16.62 -7.98 29.19
CA THR C 80 -16.30 -9.41 29.15
C THR C 80 -15.85 -9.86 27.77
N SER C 81 -16.48 -9.34 26.70
CA SER C 81 -16.27 -9.89 25.35
C SER C 81 -15.39 -9.02 24.45
N HIS C 82 -15.52 -7.74 24.52
CA HIS C 82 -14.88 -6.99 23.46
C HIS C 82 -13.58 -6.36 23.93
N PRO C 83 -12.57 -6.22 23.04
CA PRO C 83 -12.52 -6.69 21.65
C PRO C 83 -12.29 -8.18 21.52
N LEU C 84 -13.03 -8.84 20.62
CA LEU C 84 -12.71 -10.20 20.23
C LEU C 84 -11.38 -10.24 19.50
N ARG C 85 -10.68 -11.37 19.61
CA ARG C 85 -9.36 -11.53 19.04
C ARG C 85 -9.34 -12.72 18.07
N GLY C 86 -8.83 -12.49 16.88
CA GLY C 86 -8.60 -13.53 15.89
C GLY C 86 -7.36 -13.17 15.08
N LYS C 87 -7.45 -13.16 13.75
CA LYS C 87 -6.33 -12.68 12.97
C LYS C 87 -6.22 -11.16 13.07
N LEU C 88 -7.32 -10.47 13.28
CA LEU C 88 -7.30 -9.07 13.66
C LEU C 88 -7.91 -8.96 15.05
N ILE C 89 -7.87 -7.75 15.59
CA ILE C 89 -8.52 -7.45 16.86
C ILE C 89 -9.61 -6.44 16.56
N ASP C 90 -10.81 -6.70 17.07
CA ASP C 90 -11.96 -5.81 16.91
C ASP C 90 -11.51 -4.35 17.03
N ALA C 91 -12.06 -3.50 16.19
CA ALA C 91 -11.77 -2.09 16.31
C ALA C 91 -12.39 -1.55 17.59
N PRO C 92 -11.84 -0.49 18.16
CA PRO C 92 -12.53 0.17 19.27
C PRO C 92 -13.77 0.89 18.78
N TYR C 93 -14.74 1.05 19.68
CA TYR C 93 -15.94 1.78 19.33
C TYR C 93 -16.47 2.47 20.58
N ILE C 94 -17.27 3.51 20.38
CA ILE C 94 -17.89 4.17 21.52
C ILE C 94 -19.03 3.30 22.03
N LYS C 95 -19.07 3.09 23.34
CA LYS C 95 -19.98 2.14 23.99
C LYS C 95 -21.27 2.80 24.46
N HIS C 96 -21.75 3.79 23.71
CA HIS C 96 -22.99 4.49 24.03
C HIS C 96 -23.29 5.41 22.86
N LEU C 97 -24.54 5.86 22.80
CA LEU C 97 -24.89 6.93 21.89
C LEU C 97 -24.12 8.17 22.31
N PRO C 98 -23.46 8.88 21.40
CA PRO C 98 -22.67 10.04 21.80
C PRO C 98 -23.55 11.19 22.28
N GLU C 99 -22.99 12.03 23.14
CA GLU C 99 -23.81 12.96 23.93
C GLU C 99 -24.34 14.11 23.09
N GLY C 100 -23.53 14.68 22.20
CA GLY C 100 -24.02 15.81 21.45
C GLY C 100 -25.07 15.50 20.40
N GLU C 101 -25.50 14.24 20.25
CA GLU C 101 -26.38 13.88 19.14
C GLU C 101 -27.75 14.53 19.31
N TYR C 102 -28.30 14.97 18.18
CA TYR C 102 -29.64 15.55 18.08
C TYR C 102 -30.52 14.53 17.36
N THR C 103 -31.10 13.62 18.14
CA THR C 103 -31.86 12.50 17.60
C THR C 103 -33.22 12.95 17.05
N ILE C 104 -33.91 12.00 16.42
CA ILE C 104 -35.25 12.26 15.93
C ILE C 104 -36.20 12.59 17.08
N ALA C 105 -36.01 11.98 18.25
CA ALA C 105 -36.86 12.32 19.41
C ALA C 105 -36.74 13.78 19.77
N GLN C 106 -35.50 14.26 19.97
CA GLN C 106 -35.27 15.66 20.30
C GLN C 106 -35.80 16.60 19.22
N ALA C 107 -35.65 16.21 17.94
CA ALA C 107 -36.11 17.08 16.86
C ALA C 107 -37.63 17.19 16.86
N LEU C 108 -38.32 16.08 17.11
CA LEU C 108 -39.78 16.07 17.11
C LEU C 108 -40.35 16.73 18.36
N LYS C 109 -39.71 16.53 19.51
CA LYS C 109 -40.16 17.21 20.73
C LYS C 109 -40.05 18.71 20.58
N ASP C 110 -38.89 19.19 20.11
CA ASP C 110 -38.70 20.62 19.88
C ASP C 110 -39.77 21.19 18.96
N ALA C 111 -40.44 20.34 18.19
CA ALA C 111 -41.48 20.77 17.26
C ALA C 111 -42.87 20.59 17.84
N GLY C 112 -42.99 20.15 19.09
CA GLY C 112 -44.28 20.02 19.73
C GLY C 112 -44.77 18.60 19.99
N TYR C 113 -43.96 17.57 19.73
CA TYR C 113 -44.43 16.20 19.86
C TYR C 113 -44.33 15.71 21.30
N GLU C 114 -45.11 14.66 21.59
CA GLU C 114 -44.96 13.81 22.77
C GLU C 114 -44.08 12.64 22.38
N THR C 115 -43.00 12.40 23.13
CA THR C 115 -41.98 11.44 22.71
C THR C 115 -41.88 10.28 23.70
N TRP C 116 -42.09 9.07 23.20
CA TRP C 116 -42.17 7.88 24.04
C TRP C 116 -41.19 6.83 23.54
N HIS C 117 -40.40 6.27 24.45
CA HIS C 117 -39.59 5.10 24.15
C HIS C 117 -40.10 3.92 24.96
N VAL C 118 -40.45 2.84 24.27
CA VAL C 118 -40.95 1.63 24.90
C VAL C 118 -40.06 0.49 24.43
N GLY C 119 -39.47 -0.23 25.38
CA GLY C 119 -38.75 -1.45 25.05
C GLY C 119 -37.24 -1.30 24.98
N LYS C 120 -36.61 -2.16 24.20
CA LYS C 120 -35.15 -2.27 24.18
C LYS C 120 -34.48 -0.97 23.75
N TRP C 121 -33.38 -0.64 24.45
CA TRP C 121 -32.63 0.58 24.21
C TRP C 121 -31.21 0.24 23.78
N HIS C 122 -30.36 -0.26 24.67
CA HIS C 122 -29.06 -0.84 24.32
C HIS C 122 -28.15 0.22 23.68
N LEU C 123 -28.14 1.41 24.25
CA LEU C 123 -27.27 2.47 23.77
C LEU C 123 -26.54 3.15 24.91
N GLY C 124 -26.33 2.44 26.02
CA GLY C 124 -25.49 2.90 27.10
C GLY C 124 -26.18 2.81 28.44
N GLY C 125 -25.41 3.12 29.50
CA GLY C 125 -25.92 3.16 30.85
C GLY C 125 -26.72 4.42 31.11
N ARG C 126 -26.98 4.66 32.41
CA ARG C 126 -28.02 5.62 32.81
C ARG C 126 -27.75 7.03 32.29
N GLU C 127 -26.48 7.38 32.06
CA GLU C 127 -26.11 8.68 31.51
C GLU C 127 -26.45 8.81 30.04
N TYR C 128 -26.90 7.72 29.41
CA TYR C 128 -27.27 7.74 28.00
C TYR C 128 -28.63 7.10 27.79
N TYR C 129 -29.47 7.11 28.81
CA TYR C 129 -30.82 6.58 28.67
C TYR C 129 -31.68 7.53 27.82
N PRO C 130 -32.84 7.07 27.33
CA PRO C 130 -33.65 7.90 26.42
C PRO C 130 -33.90 9.34 26.86
N ASP C 131 -33.90 9.62 28.16
CA ASP C 131 -34.24 10.97 28.63
C ASP C 131 -33.16 12.00 28.30
N HIS C 132 -31.97 11.56 27.94
CA HIS C 132 -30.90 12.45 27.49
C HIS C 132 -30.97 12.81 26.03
N PHE C 133 -31.94 12.24 25.33
CA PHE C 133 -31.93 12.36 23.89
C PHE C 133 -33.32 12.75 23.39
N GLY C 134 -34.12 13.37 24.23
CA GLY C 134 -35.38 13.94 23.81
C GLY C 134 -36.61 13.08 24.01
N PHE C 135 -36.51 11.96 24.72
CA PHE C 135 -37.65 11.09 24.95
C PHE C 135 -38.34 11.43 26.28
N ASP C 136 -39.66 11.65 26.24
CA ASP C 136 -40.40 11.99 27.45
C ASP C 136 -40.55 10.79 28.38
N VAL C 137 -40.80 9.62 27.80
CA VAL C 137 -41.04 8.42 28.58
C VAL C 137 -40.00 7.38 28.19
N ASN C 138 -39.59 6.56 29.16
CA ASN C 138 -38.79 5.36 28.91
C ASN C 138 -39.39 4.22 29.71
N ILE C 139 -40.18 3.38 29.05
CA ILE C 139 -40.71 2.17 29.64
C ILE C 139 -39.94 0.98 29.08
N GLY C 140 -39.15 0.32 29.94
CA GLY C 140 -38.50 -0.91 29.60
C GLY C 140 -37.10 -0.78 29.06
N GLY C 141 -36.65 0.44 28.75
CA GLY C 141 -35.32 0.63 28.18
C GLY C 141 -34.25 0.75 29.24
N CYS C 142 -33.19 -0.02 29.07
CA CYS C 142 -31.99 0.10 29.90
C CYS C 142 -30.78 -0.08 28.98
N SER C 143 -29.63 -0.45 29.56
CA SER C 143 -28.44 -0.73 28.76
C SER C 143 -28.46 -2.15 28.19
N TRP C 144 -29.31 -3.02 28.75
CA TRP C 144 -29.41 -4.40 28.34
C TRP C 144 -29.69 -4.54 26.85
N GLY C 145 -29.01 -5.48 26.20
CA GLY C 145 -29.25 -5.73 24.81
C GLY C 145 -30.26 -6.81 24.49
N HIS C 146 -30.86 -7.43 25.51
CA HIS C 146 -31.82 -8.53 25.36
C HIS C 146 -32.32 -8.92 26.75
N PRO C 147 -33.43 -9.66 26.85
CA PRO C 147 -33.92 -10.09 28.17
C PRO C 147 -32.94 -11.00 28.91
N HIS C 148 -32.08 -10.41 29.74
CA HIS C 148 -31.02 -11.16 30.42
C HIS C 148 -31.58 -12.27 31.30
N GLU C 149 -32.82 -12.13 31.78
CA GLU C 149 -33.40 -13.15 32.64
C GLU C 149 -34.68 -13.74 32.04
N GLY C 150 -34.75 -13.81 30.71
CA GLY C 150 -35.82 -14.51 30.04
C GLY C 150 -37.04 -13.64 29.89
N TYR C 151 -37.97 -14.12 29.07
CA TYR C 151 -39.14 -13.34 28.65
C TYR C 151 -40.29 -13.38 29.66
N PHE C 152 -40.23 -14.24 30.67
CA PHE C 152 -41.33 -14.39 31.63
C PHE C 152 -41.05 -13.65 32.92
N SER C 153 -42.05 -12.94 33.42
CA SER C 153 -41.90 -12.17 34.65
C SER C 153 -41.50 -13.11 35.79
N PRO C 154 -40.56 -12.70 36.68
CA PRO C 154 -39.91 -11.38 36.65
C PRO C 154 -38.79 -11.27 35.62
N TYR C 155 -38.64 -10.08 35.03
CA TYR C 155 -37.65 -9.80 34.00
C TYR C 155 -36.37 -9.20 34.55
N GLY C 156 -36.45 -8.39 35.60
CA GLY C 156 -35.28 -7.75 36.13
C GLY C 156 -34.85 -6.52 35.37
N ILE C 157 -35.75 -5.91 34.61
CA ILE C 157 -35.47 -4.67 33.90
C ILE C 157 -35.78 -3.52 34.85
N GLU C 158 -34.76 -2.72 35.17
CA GLU C 158 -34.91 -1.66 36.18
C GLU C 158 -36.07 -0.74 35.84
N THR C 159 -36.18 -0.33 34.58
CA THR C 159 -37.17 0.65 34.15
C THR C 159 -38.53 0.02 33.80
N LEU C 160 -38.79 -1.21 34.25
CA LEU C 160 -40.05 -1.90 33.98
C LEU C 160 -40.49 -2.66 35.22
N PRO C 161 -41.45 -2.12 35.98
CA PRO C 161 -41.91 -2.79 37.20
C PRO C 161 -42.41 -4.20 36.90
N GLU C 162 -42.14 -5.12 37.82
CA GLU C 162 -42.51 -6.51 37.61
C GLU C 162 -44.03 -6.66 37.55
N GLY C 163 -44.48 -7.58 36.71
CA GLY C 163 -45.87 -7.97 36.66
C GLY C 163 -46.07 -9.28 37.39
N PRO C 164 -47.30 -9.79 37.38
CA PRO C 164 -47.57 -11.07 38.05
C PRO C 164 -46.70 -12.18 37.46
N GLU C 165 -46.52 -13.23 38.25
CA GLU C 165 -45.63 -14.33 37.87
C GLU C 165 -46.16 -15.02 36.63
N GLY C 166 -45.32 -15.07 35.58
CA GLY C 166 -45.71 -15.67 34.32
C GLY C 166 -46.14 -14.71 33.24
N GLU C 167 -46.18 -13.41 33.53
CA GLU C 167 -46.36 -12.40 32.49
C GLU C 167 -45.29 -12.57 31.41
N TYR C 168 -45.71 -12.52 30.15
CA TYR C 168 -44.80 -12.59 29.00
C TYR C 168 -44.38 -11.18 28.59
N LEU C 169 -43.07 -10.97 28.47
CA LEU C 169 -42.52 -9.63 28.25
C LEU C 169 -43.13 -8.96 27.01
N THR C 170 -43.28 -9.71 25.92
CA THR C 170 -43.74 -9.08 24.69
C THR C 170 -45.19 -8.64 24.80
N ASP C 171 -46.03 -9.42 25.49
CA ASP C 171 -47.39 -8.95 25.81
C ASP C 171 -47.33 -7.65 26.59
N ARG C 172 -46.41 -7.56 27.56
CA ARG C 172 -46.38 -6.44 28.49
C ARG C 172 -45.91 -5.16 27.81
N ILE C 173 -44.91 -5.27 26.94
CA ILE C 173 -44.43 -4.10 26.21
C ILE C 173 -45.56 -3.52 25.37
N THR C 174 -46.45 -4.38 24.85
CA THR C 174 -47.63 -3.89 24.15
C THR C 174 -48.58 -3.18 25.12
N ASP C 175 -48.82 -3.79 26.29
CA ASP C 175 -49.63 -3.17 27.33
C ASP C 175 -49.21 -1.73 27.54
N GLU C 176 -47.92 -1.50 27.70
CA GLU C 176 -47.42 -0.16 27.96
C GLU C 176 -47.70 0.78 26.80
N ALA C 177 -47.59 0.27 25.56
CA ALA C 177 -47.87 1.12 24.41
C ALA C 177 -49.36 1.42 24.28
N VAL C 178 -50.21 0.41 24.53
CA VAL C 178 -51.66 0.62 24.52
C VAL C 178 -52.04 1.64 25.58
N ARG C 179 -51.53 1.44 26.80
CA ARG C 179 -51.79 2.38 27.89
C ARG C 179 -51.37 3.79 27.52
N LEU C 180 -50.18 3.95 26.95
CA LEU C 180 -49.72 5.27 26.51
C LEU C 180 -50.70 5.89 25.52
N LEU C 181 -51.16 5.10 24.54
CA LEU C 181 -52.12 5.62 23.56
C LEU C 181 -53.44 5.96 24.24
N LYS C 182 -53.90 5.14 25.17
CA LYS C 182 -55.21 5.35 25.76
C LYS C 182 -55.21 6.50 26.78
N GLU C 183 -54.08 6.79 27.41
CA GLU C 183 -54.02 7.93 28.31
C GLU C 183 -53.87 9.26 27.56
N ARG C 184 -53.15 9.25 26.44
CA ARG C 184 -53.14 10.44 25.58
C ARG C 184 -54.56 10.80 25.13
N LYS C 185 -55.32 9.81 24.69
CA LYS C 185 -56.77 9.86 24.52
C LYS C 185 -57.48 10.64 25.63
N ALA C 186 -57.29 10.21 26.89
CA ALA C 186 -57.97 10.83 28.00
C ALA C 186 -57.53 12.27 28.22
N GLY C 187 -56.27 12.57 27.97
CA GLY C 187 -55.78 13.93 28.12
C GLY C 187 -56.26 14.86 27.03
N GLY C 188 -57.12 14.38 26.15
CA GLY C 188 -57.64 15.21 25.08
C GLY C 188 -56.77 15.26 23.84
N SER C 189 -55.86 14.29 23.66
CA SER C 189 -55.00 14.19 22.48
C SER C 189 -54.40 15.55 22.11
N ARG C 190 -53.74 16.15 23.09
CA ARG C 190 -53.28 17.53 22.96
C ARG C 190 -52.16 17.65 21.92
N LYS C 191 -51.12 16.84 22.03
CA LYS C 191 -49.99 16.90 21.11
C LYS C 191 -49.94 15.68 20.20
N PRO C 192 -49.27 15.79 19.05
CA PRO C 192 -48.94 14.57 18.28
C PRO C 192 -47.87 13.74 18.98
N PHE C 193 -48.03 12.43 18.93
CA PHE C 193 -47.05 11.56 19.58
C PHE C 193 -46.03 11.01 18.59
N TYR C 194 -44.88 10.64 19.13
CA TYR C 194 -43.86 9.87 18.41
C TYR C 194 -43.44 8.73 19.32
N MET C 195 -43.83 7.50 18.98
CA MET C 195 -43.56 6.35 19.82
C MET C 195 -42.48 5.47 19.21
N ASN C 196 -41.35 5.40 19.89
CA ASN C 196 -40.27 4.49 19.54
C ASN C 196 -40.53 3.18 20.28
N LEU C 197 -41.12 2.21 19.58
CA LEU C 197 -41.53 0.96 20.19
C LEU C 197 -40.54 -0.14 19.77
N CYS C 198 -39.52 -0.38 20.60
CA CYS C 198 -38.50 -1.37 20.31
C CYS C 198 -38.77 -2.66 21.08
N HIS C 199 -39.21 -3.70 20.38
CA HIS C 199 -39.44 -4.97 21.03
C HIS C 199 -38.11 -5.65 21.36
N TYR C 200 -38.16 -6.52 22.36
CA TYR C 200 -37.03 -7.40 22.64
C TYR C 200 -37.08 -8.63 21.75
N ALA C 201 -38.28 -9.10 21.42
CA ALA C 201 -38.47 -10.08 20.35
C ALA C 201 -37.81 -9.56 19.06
N VAL C 202 -37.15 -10.43 18.32
CA VAL C 202 -37.15 -11.87 18.52
C VAL C 202 -35.74 -12.35 18.93
N HIS C 203 -35.12 -11.60 19.85
CA HIS C 203 -33.79 -11.94 20.34
C HIS C 203 -33.83 -13.15 21.26
N THR C 204 -32.82 -14.01 21.11
CA THR C 204 -32.64 -15.12 22.03
C THR C 204 -32.53 -14.60 23.47
N PRO C 205 -32.91 -15.41 24.47
CA PRO C 205 -33.36 -16.80 24.34
C PRO C 205 -34.77 -16.91 23.78
N ILE C 206 -34.96 -17.83 22.84
CA ILE C 206 -36.27 -18.05 22.24
C ILE C 206 -37.17 -18.73 23.25
N GLN C 207 -37.70 -17.96 24.20
CA GLN C 207 -38.67 -18.47 25.18
C GLN C 207 -40.07 -18.06 24.74
N VAL C 208 -40.96 -19.04 24.66
CA VAL C 208 -42.33 -18.82 24.18
C VAL C 208 -43.32 -19.57 25.07
N LYS C 209 -44.56 -19.08 25.07
CA LYS C 209 -45.67 -19.84 25.64
C LYS C 209 -45.85 -21.15 24.90
N ASP C 210 -46.33 -22.16 25.63
CA ASP C 210 -46.43 -23.51 25.06
C ASP C 210 -47.53 -23.62 24.01
N GLU C 211 -48.64 -22.90 24.16
CA GLU C 211 -49.66 -22.89 23.13
C GLU C 211 -49.07 -22.53 21.78
N ASP C 212 -48.19 -21.52 21.76
CA ASP C 212 -47.68 -21.00 20.50
C ASP C 212 -46.60 -21.90 19.91
N ARG C 213 -45.71 -22.44 20.74
CA ARG C 213 -44.73 -23.40 20.23
C ARG C 213 -45.43 -24.62 19.66
N GLU C 214 -46.42 -25.14 20.37
CA GLU C 214 -47.09 -26.37 19.95
C GLU C 214 -47.88 -26.17 18.67
N ARG C 215 -48.47 -24.98 18.50
CA ARG C 215 -49.11 -24.60 17.24
C ARG C 215 -48.26 -24.99 16.05
N PHE C 216 -46.96 -24.66 16.11
CA PHE C 216 -46.09 -24.87 14.97
C PHE C 216 -45.31 -26.18 15.02
N GLU C 217 -45.23 -26.84 16.17
CA GLU C 217 -44.86 -28.27 16.17
C GLU C 217 -45.87 -29.07 15.37
N LYS C 218 -47.16 -28.78 15.56
CA LYS C 218 -48.22 -29.41 14.77
C LYS C 218 -48.01 -29.13 13.29
N LYS C 219 -47.80 -27.86 12.93
CA LYS C 219 -47.64 -27.49 11.53
C LYS C 219 -46.44 -28.16 10.89
N ALA C 220 -45.31 -28.23 11.61
CA ALA C 220 -44.14 -28.89 11.05
C ALA C 220 -44.41 -30.37 10.77
N ARG C 221 -44.99 -31.07 11.74
CA ARG C 221 -45.35 -32.48 11.52
C ARG C 221 -46.28 -32.62 10.34
N GLU C 222 -47.29 -31.75 10.24
CA GLU C 222 -48.25 -31.85 9.15
C GLU C 222 -47.68 -31.44 7.79
N GLN C 223 -46.51 -30.80 7.77
CA GLN C 223 -45.85 -30.40 6.54
C GLN C 223 -44.64 -31.26 6.20
N GLY C 224 -44.20 -32.16 7.08
CA GLY C 224 -43.03 -32.98 6.85
C GLY C 224 -41.71 -32.34 7.18
N LEU C 225 -41.72 -31.21 7.88
CA LEU C 225 -40.48 -30.48 8.14
C LEU C 225 -39.78 -30.92 9.41
N ASP C 226 -40.44 -31.76 10.22
CA ASP C 226 -39.78 -32.40 11.35
C ASP C 226 -38.86 -33.53 10.91
N GLN C 227 -39.00 -33.99 9.67
CA GLN C 227 -38.21 -35.10 9.13
C GLN C 227 -36.97 -34.62 8.39
N GLU C 228 -36.84 -33.34 8.10
CA GLU C 228 -35.71 -32.82 7.36
C GLU C 228 -34.63 -32.30 8.29
N THR C 229 -33.39 -32.34 7.81
CA THR C 229 -32.29 -31.81 8.59
C THR C 229 -32.28 -30.29 8.43
N ALA C 230 -32.49 -29.58 9.53
CA ALA C 230 -32.66 -28.14 9.47
C ALA C 230 -31.35 -27.41 9.69
N LEU C 231 -30.43 -27.99 10.46
CA LEU C 231 -29.16 -27.36 10.82
C LEU C 231 -28.00 -28.10 10.18
N VAL C 232 -27.04 -27.35 9.66
CA VAL C 232 -25.84 -27.87 9.03
C VAL C 232 -24.64 -27.19 9.66
N GLU C 233 -23.74 -27.97 10.23
CA GLU C 233 -22.57 -27.36 10.85
C GLU C 233 -21.44 -27.26 9.83
N GLY C 234 -20.70 -26.15 9.90
CA GLY C 234 -19.69 -25.80 8.91
C GLY C 234 -18.34 -25.48 9.51
N GLU C 235 -17.81 -24.31 9.18
CA GLU C 235 -16.42 -23.98 9.49
C GLU C 235 -16.26 -23.61 10.96
N PHE C 236 -15.00 -23.61 11.39
CA PHE C 236 -14.66 -23.14 12.73
C PHE C 236 -14.83 -21.62 12.84
N HIS C 237 -15.29 -21.17 14.01
CA HIS C 237 -15.30 -19.76 14.38
C HIS C 237 -13.88 -19.20 14.36
N HIS C 238 -13.80 -17.87 14.36
CA HIS C 238 -12.58 -17.13 14.05
C HIS C 238 -11.94 -16.46 15.26
N THR C 239 -12.44 -16.68 16.46
CA THR C 239 -11.96 -15.94 17.62
C THR C 239 -11.58 -16.91 18.73
N GLU C 240 -10.68 -16.46 19.62
CA GLU C 240 -10.18 -17.36 20.64
C GLU C 240 -11.27 -17.75 21.64
N ASP C 241 -12.20 -16.85 21.93
CA ASP C 241 -13.27 -17.18 22.88
C ASP C 241 -14.17 -18.30 22.39
N LYS C 242 -14.13 -18.63 21.10
CA LYS C 242 -14.94 -19.70 20.55
C LYS C 242 -14.07 -20.82 20.01
N LYS C 243 -12.82 -20.90 20.45
CA LYS C 243 -11.91 -21.99 20.15
C LYS C 243 -12.65 -23.32 20.16
N GLY C 244 -12.57 -24.03 19.04
CA GLY C 244 -13.17 -25.34 18.93
C GLY C 244 -14.61 -25.38 18.47
N ARG C 245 -15.35 -24.29 18.57
CA ARG C 245 -16.76 -24.33 18.22
C ARG C 245 -16.95 -24.07 16.73
N ARG C 246 -17.98 -24.67 16.16
CA ARG C 246 -18.23 -24.56 14.74
C ARG C 246 -19.48 -23.71 14.45
N VAL C 247 -19.48 -23.12 13.26
CA VAL C 247 -20.65 -22.42 12.75
C VAL C 247 -21.74 -23.46 12.43
N VAL C 248 -22.96 -23.18 12.90
CA VAL C 248 -24.12 -24.02 12.60
C VAL C 248 -25.14 -23.16 11.87
N ARG C 249 -25.42 -23.52 10.62
CA ARG C 249 -26.38 -22.81 9.77
C ARG C 249 -27.72 -23.52 9.75
N ARG C 250 -28.79 -22.76 9.89
CA ARG C 250 -30.13 -23.26 9.61
C ARG C 250 -30.44 -23.03 8.14
N VAL C 251 -30.78 -24.11 7.43
CA VAL C 251 -30.98 -24.03 6.00
C VAL C 251 -32.45 -24.00 5.61
N ILE C 252 -33.37 -24.14 6.57
CA ILE C 252 -34.80 -24.16 6.27
C ILE C 252 -35.55 -23.50 7.43
N GLN C 253 -36.65 -22.82 7.11
CA GLN C 253 -37.50 -22.23 8.14
C GLN C 253 -38.44 -23.29 8.69
N SER C 254 -38.29 -23.64 9.98
CA SER C 254 -39.02 -24.78 10.53
C SER C 254 -38.92 -24.88 12.04
N ASP C 255 -38.52 -23.82 12.72
CA ASP C 255 -38.23 -23.92 14.14
C ASP C 255 -39.48 -23.54 14.93
N PRO C 256 -40.14 -24.48 15.61
CA PRO C 256 -41.49 -24.19 16.12
C PRO C 256 -41.55 -23.13 17.22
N SER C 257 -40.55 -23.07 18.13
CA SER C 257 -40.57 -22.05 19.17
C SER C 257 -40.46 -20.66 18.57
N TYR C 258 -39.55 -20.49 17.60
CA TYR C 258 -39.41 -19.21 16.93
C TYR C 258 -40.71 -18.81 16.24
N ALA C 259 -41.27 -19.73 15.43
CA ALA C 259 -42.54 -19.45 14.77
C ALA C 259 -43.58 -19.03 15.78
N GLY C 260 -43.55 -19.64 16.98
CA GLY C 260 -44.45 -19.24 18.05
C GLY C 260 -44.17 -17.84 18.59
N MET C 261 -42.90 -17.47 18.72
CA MET C 261 -42.58 -16.13 19.15
C MET C 261 -43.10 -15.09 18.17
N ILE C 262 -43.05 -15.41 16.88
CA ILE C 262 -43.49 -14.48 15.83
C ILE C 262 -45.01 -14.42 15.78
N TRP C 263 -45.68 -15.56 15.97
CA TRP C 263 -47.14 -15.58 16.02
C TRP C 263 -47.64 -14.73 17.19
N ASN C 264 -47.03 -14.90 18.37
CA ASN C 264 -47.44 -14.10 19.51
C ASN C 264 -47.15 -12.62 19.27
N LEU C 265 -46.00 -12.33 18.66
CA LEU C 265 -45.71 -10.96 18.30
C LEU C 265 -46.78 -10.42 17.38
N ASP C 266 -47.15 -11.20 16.36
CA ASP C 266 -48.15 -10.74 15.41
C ASP C 266 -49.46 -10.43 16.13
N GLN C 267 -49.87 -11.31 17.05
CA GLN C 267 -51.01 -11.03 17.91
C GLN C 267 -50.85 -9.68 18.62
N ASN C 268 -49.68 -9.43 19.18
CA ASN C 268 -49.47 -8.18 19.90
C ASN C 268 -49.49 -6.96 18.98
N ILE C 269 -48.98 -7.08 17.75
CA ILE C 269 -49.14 -6.00 16.79
C ILE C 269 -50.61 -5.71 16.56
N GLY C 270 -51.42 -6.77 16.45
CA GLY C 270 -52.85 -6.59 16.24
C GLY C 270 -53.49 -5.77 17.35
N ARG C 271 -53.21 -6.15 18.60
CA ARG C 271 -53.72 -5.39 19.74
C ARG C 271 -53.27 -3.94 19.69
N LEU C 272 -52.01 -3.70 19.29
CA LEU C 272 -51.50 -2.32 19.24
C LEU C 272 -52.23 -1.51 18.18
N LEU C 273 -52.42 -2.07 17.00
CA LEU C 273 -53.01 -1.34 15.90
C LEU C 273 -54.51 -1.14 16.12
N GLU C 274 -55.20 -2.14 16.66
CA GLU C 274 -56.59 -1.93 17.02
C GLU C 274 -56.71 -0.82 18.06
N ALA C 275 -55.84 -0.83 19.08
CA ALA C 275 -55.85 0.23 20.07
C ALA C 275 -55.69 1.59 19.39
N LEU C 276 -54.77 1.68 18.43
CA LEU C 276 -54.57 2.92 17.70
C LEU C 276 -55.85 3.38 17.00
N SER C 277 -56.65 2.42 16.55
CA SER C 277 -57.91 2.76 15.89
C SER C 277 -58.96 3.24 16.91
N GLU C 278 -59.10 2.52 18.03
CA GLU C 278 -60.02 2.93 19.08
C GLU C 278 -59.80 4.39 19.48
N CYS C 279 -58.54 4.79 19.58
CA CYS C 279 -58.19 6.14 19.95
C CYS C 279 -58.36 7.11 18.81
N GLY C 280 -58.86 6.65 17.66
CA GLY C 280 -59.13 7.53 16.55
C GLY C 280 -57.91 8.17 15.93
N GLU C 281 -56.77 7.46 15.93
CA GLU C 281 -55.55 8.07 15.41
C GLU C 281 -55.01 7.36 14.17
N GLU C 282 -55.74 6.37 13.63
CA GLU C 282 -55.24 5.58 12.50
C GLU C 282 -54.92 6.43 11.27
N GLU C 283 -55.74 7.46 10.99
CA GLU C 283 -55.62 8.16 9.72
C GLU C 283 -54.52 9.21 9.72
N ASN C 284 -53.98 9.61 10.88
CA ASN C 284 -52.86 10.52 10.86
C ASN C 284 -51.67 10.00 11.66
N THR C 285 -51.52 8.68 11.72
CA THR C 285 -50.32 8.05 12.27
C THR C 285 -49.53 7.40 11.14
N VAL C 286 -48.26 7.77 11.02
CA VAL C 286 -47.33 7.06 10.17
C VAL C 286 -46.86 5.83 10.93
N VAL C 287 -47.22 4.64 10.45
CA VAL C 287 -46.86 3.37 11.08
C VAL C 287 -45.76 2.71 10.26
N VAL C 288 -44.65 2.39 10.91
CA VAL C 288 -43.50 1.77 10.27
C VAL C 288 -43.16 0.49 11.02
N PHE C 289 -43.05 -0.61 10.28
CA PHE C 289 -42.60 -1.89 10.83
C PHE C 289 -41.23 -2.21 10.23
N THR C 290 -40.22 -2.34 11.07
CA THR C 290 -38.91 -2.69 10.54
C THR C 290 -38.12 -3.47 11.60
N SER C 291 -36.85 -3.75 11.30
CA SER C 291 -35.99 -4.50 12.21
C SER C 291 -34.59 -3.90 12.18
N ASP C 292 -33.84 -4.14 13.25
CA ASP C 292 -32.56 -3.48 13.39
C ASP C 292 -31.43 -4.21 12.70
N ASN C 293 -31.61 -5.47 12.31
CA ASN C 293 -30.64 -6.21 11.49
C ASN C 293 -31.25 -7.53 11.07
N GLY C 294 -30.53 -8.26 10.20
CA GLY C 294 -31.01 -9.50 9.65
C GLY C 294 -31.15 -10.63 10.65
N GLY C 295 -31.87 -11.68 10.24
CA GLY C 295 -32.21 -12.77 11.14
C GLY C 295 -31.01 -13.59 11.58
N LEU C 296 -31.09 -14.15 12.79
CA LEU C 296 -30.05 -15.01 13.35
C LEU C 296 -30.17 -16.40 12.74
N ALA C 297 -29.14 -16.80 11.97
CA ALA C 297 -29.24 -18.03 11.20
C ALA C 297 -27.99 -18.89 11.22
N THR C 298 -26.89 -18.43 11.83
CA THR C 298 -25.61 -19.11 11.70
C THR C 298 -24.91 -19.36 13.04
N SER C 299 -25.59 -19.17 14.17
CA SER C 299 -25.04 -19.45 15.49
C SER C 299 -26.14 -19.28 16.54
N GLU C 300 -25.79 -19.55 17.81
CA GLU C 300 -26.65 -19.25 18.96
C GLU C 300 -28.03 -19.89 18.84
N GLY C 301 -28.06 -21.14 18.38
CA GLY C 301 -29.31 -21.83 18.13
C GLY C 301 -29.84 -21.71 16.73
N SER C 302 -29.44 -20.67 15.96
CA SER C 302 -29.88 -20.49 14.58
C SER C 302 -31.38 -20.67 14.41
N PRO C 303 -32.21 -19.78 14.99
CA PRO C 303 -33.66 -20.01 14.96
C PRO C 303 -34.29 -19.75 13.60
N THR C 304 -33.63 -19.02 12.70
CA THR C 304 -34.24 -18.66 11.43
C THR C 304 -33.33 -19.03 10.27
N CYS C 305 -33.89 -18.90 9.07
CA CYS C 305 -33.16 -19.05 7.83
C CYS C 305 -33.43 -17.83 6.96
N ASN C 306 -32.40 -17.30 6.31
CA ASN C 306 -32.56 -16.13 5.45
C ASN C 306 -32.38 -16.45 3.98
N LEU C 307 -32.09 -17.70 3.65
CA LEU C 307 -32.00 -18.12 2.28
C LEU C 307 -33.26 -17.71 1.52
N PRO C 308 -33.16 -17.18 0.30
CA PRO C 308 -31.97 -17.18 -0.57
C PRO C 308 -30.97 -16.06 -0.36
N ALA C 309 -31.21 -15.19 0.62
CA ALA C 309 -30.14 -14.29 1.03
C ALA C 309 -29.14 -15.08 1.86
N SER C 310 -27.88 -14.64 1.80
CA SER C 310 -26.79 -15.43 2.33
C SER C 310 -26.46 -15.01 3.76
N GLU C 311 -26.32 -15.99 4.64
CA GLU C 311 -25.86 -15.87 6.03
C GLU C 311 -26.91 -15.09 6.84
N GLY C 312 -26.51 -14.21 7.76
CA GLY C 312 -27.47 -13.55 8.62
C GLY C 312 -26.78 -12.59 9.55
N LYS C 313 -27.46 -12.28 10.66
CA LYS C 313 -26.93 -11.37 11.68
C LYS C 313 -25.44 -11.61 11.91
N GLY C 314 -24.69 -10.52 12.04
CA GLY C 314 -23.25 -10.61 12.22
C GLY C 314 -22.43 -10.64 10.95
N TRP C 315 -23.07 -10.69 9.79
CA TRP C 315 -22.40 -10.77 8.49
C TRP C 315 -22.82 -9.60 7.61
N VAL C 316 -21.90 -9.14 6.73
CA VAL C 316 -22.25 -8.10 5.78
C VAL C 316 -22.83 -8.65 4.48
N TYR C 317 -22.92 -9.97 4.34
CA TYR C 317 -23.68 -10.57 3.26
C TYR C 317 -25.15 -10.19 3.40
N GLU C 318 -25.92 -10.49 2.35
CA GLU C 318 -27.27 -9.94 2.24
C GLU C 318 -28.19 -10.43 3.36
N GLY C 319 -27.95 -11.62 3.91
CA GLY C 319 -28.84 -12.10 4.96
C GLY C 319 -28.74 -11.31 6.24
N GLY C 320 -27.63 -10.62 6.46
CA GLY C 320 -27.39 -9.91 7.70
C GLY C 320 -27.81 -8.46 7.67
N THR C 321 -27.93 -7.91 6.47
CA THR C 321 -28.25 -6.49 6.30
C THR C 321 -29.66 -6.25 5.80
N ARG C 322 -30.30 -7.23 5.20
CA ARG C 322 -31.67 -7.10 4.71
C ARG C 322 -32.67 -7.24 5.86
N VAL C 323 -33.69 -6.38 5.86
CA VAL C 323 -34.72 -6.40 6.90
C VAL C 323 -36.07 -6.12 6.25
N PRO C 324 -37.15 -6.63 6.87
CA PRO C 324 -38.49 -6.22 6.43
C PRO C 324 -38.75 -4.75 6.67
N LEU C 325 -39.55 -4.13 5.78
CA LEU C 325 -39.96 -2.74 5.94
C LEU C 325 -41.35 -2.55 5.35
N ILE C 326 -42.29 -2.16 6.22
CA ILE C 326 -43.64 -1.77 5.84
C ILE C 326 -43.86 -0.37 6.39
N VAL C 327 -44.44 0.50 5.57
CA VAL C 327 -44.81 1.85 5.99
C VAL C 327 -46.26 2.08 5.60
N LYS C 328 -47.10 2.44 6.58
CA LYS C 328 -48.49 2.78 6.32
C LYS C 328 -48.77 4.22 6.76
N TYR C 329 -49.41 4.99 5.88
CA TYR C 329 -49.80 6.36 6.19
C TYR C 329 -51.03 6.64 5.34
N PRO C 330 -52.22 6.42 5.89
CA PRO C 330 -53.45 6.56 5.10
C PRO C 330 -53.57 7.94 4.47
N GLY C 331 -54.05 7.96 3.24
CA GLY C 331 -54.15 9.17 2.46
C GLY C 331 -52.90 9.53 1.68
N HIS C 332 -51.75 8.96 2.04
CA HIS C 332 -50.49 9.34 1.41
C HIS C 332 -49.82 8.16 0.73
N VAL C 333 -49.67 7.04 1.44
CA VAL C 333 -49.06 5.84 0.90
C VAL C 333 -50.15 4.98 0.29
N ALA C 334 -50.07 4.79 -1.03
CA ALA C 334 -50.96 3.88 -1.75
C ALA C 334 -51.00 2.54 -1.04
N PRO C 335 -52.17 2.06 -0.62
CA PRO C 335 -52.23 0.81 0.16
C PRO C 335 -51.98 -0.41 -0.71
N GLY C 336 -51.30 -1.40 -0.14
CA GLY C 336 -50.98 -2.62 -0.88
C GLY C 336 -49.94 -2.46 -1.97
N SER C 337 -49.09 -1.45 -1.89
CA SER C 337 -48.13 -1.18 -2.94
C SER C 337 -46.74 -1.71 -2.55
N ARG C 338 -45.79 -1.56 -3.46
CA ARG C 338 -44.45 -2.09 -3.30
C ARG C 338 -43.42 -1.23 -4.02
N CYS C 339 -42.28 -0.99 -3.36
CA CYS C 339 -41.19 -0.22 -3.94
C CYS C 339 -39.93 -1.07 -3.83
N ASP C 340 -39.08 -1.00 -4.85
CA ASP C 340 -37.86 -1.79 -4.90
C ASP C 340 -36.59 -0.94 -4.90
N VAL C 341 -36.71 0.36 -4.67
CA VAL C 341 -35.55 1.23 -4.48
C VAL C 341 -34.92 0.94 -3.13
N PRO C 342 -33.60 0.77 -3.03
CA PRO C 342 -32.97 0.48 -1.72
C PRO C 342 -33.18 1.59 -0.71
N VAL C 343 -33.53 1.19 0.51
CA VAL C 343 -33.74 2.05 1.66
C VAL C 343 -32.85 1.54 2.77
N THR C 344 -32.32 2.43 3.60
CA THR C 344 -31.48 2.01 4.70
C THR C 344 -31.83 2.81 5.96
N THR C 345 -31.39 2.29 7.11
CA THR C 345 -31.78 2.81 8.43
C THR C 345 -31.64 4.33 8.60
N PRO C 346 -30.55 4.99 8.19
CA PRO C 346 -30.47 6.44 8.42
C PRO C 346 -31.49 7.25 7.65
N ASP C 347 -32.31 6.62 6.78
CA ASP C 347 -33.27 7.34 5.96
C ASP C 347 -34.47 7.83 6.76
N PHE C 348 -34.85 7.11 7.81
CA PHE C 348 -36.08 7.47 8.53
C PHE C 348 -35.99 8.87 9.12
N TYR C 349 -34.83 9.25 9.61
CA TYR C 349 -34.70 10.56 10.25
C TYR C 349 -35.11 11.69 9.31
N PRO C 350 -34.50 11.88 8.12
CA PRO C 350 -35.00 12.94 7.25
C PRO C 350 -36.42 12.66 6.71
N THR C 351 -36.87 11.41 6.71
CA THR C 351 -38.24 11.12 6.27
C THR C 351 -39.27 11.68 7.24
N PHE C 352 -39.19 11.30 8.52
CA PHE C 352 -40.14 11.77 9.52
C PHE C 352 -40.11 13.29 9.64
N LEU C 353 -38.93 13.88 9.57
CA LEU C 353 -38.84 15.34 9.56
C LEU C 353 -39.61 15.94 8.39
N GLU C 354 -39.50 15.33 7.20
CA GLU C 354 -40.21 15.88 6.04
C GLU C 354 -41.72 15.69 6.17
N LEU C 355 -42.15 14.52 6.64
CA LEU C 355 -43.58 14.26 6.85
C LEU C 355 -44.15 15.12 7.96
N ALA C 356 -43.32 15.53 8.93
CA ALA C 356 -43.75 16.40 10.02
C ALA C 356 -43.55 17.86 9.71
N GLY C 357 -43.07 18.19 8.51
CA GLY C 357 -42.91 19.57 8.12
C GLY C 357 -41.88 20.34 8.91
N VAL C 358 -40.86 19.66 9.42
CA VAL C 358 -39.89 20.20 10.37
C VAL C 358 -38.54 20.34 9.68
N PRO C 359 -37.91 21.51 9.72
CA PRO C 359 -36.61 21.69 9.04
C PRO C 359 -35.47 21.01 9.77
N GLN C 360 -34.47 20.58 9.00
CA GLN C 360 -33.28 19.95 9.56
C GLN C 360 -32.47 20.97 10.33
N LYS C 361 -31.87 20.53 11.43
CA LYS C 361 -31.07 21.45 12.23
C LYS C 361 -29.79 21.81 11.49
N SER C 362 -29.35 23.06 11.71
CA SER C 362 -28.18 23.61 11.02
C SER C 362 -26.92 22.92 11.52
N GLY C 363 -26.17 22.33 10.59
CA GLY C 363 -24.85 21.87 10.92
C GLY C 363 -24.76 20.48 11.53
N ILE C 364 -25.87 19.77 11.70
CA ILE C 364 -25.79 18.35 12.04
C ILE C 364 -25.69 17.59 10.73
N PRO C 365 -24.86 16.55 10.65
CA PRO C 365 -24.78 15.76 9.42
C PRO C 365 -25.86 14.69 9.33
N ILE C 366 -26.45 14.59 8.15
CA ILE C 366 -27.48 13.61 7.85
C ILE C 366 -26.95 12.77 6.70
N ASP C 367 -26.73 11.47 6.96
CA ASP C 367 -26.31 10.58 5.89
C ASP C 367 -27.50 10.00 5.14
N GLY C 368 -28.61 9.73 5.84
CA GLY C 368 -29.80 9.22 5.20
C GLY C 368 -30.48 10.25 4.32
N ARG C 369 -31.39 9.76 3.49
CA ARG C 369 -32.13 10.57 2.53
C ARG C 369 -33.62 10.26 2.67
N SER C 370 -34.45 11.31 2.68
CA SER C 370 -35.89 11.14 2.85
C SER C 370 -36.49 10.28 1.75
N ILE C 371 -37.36 9.36 2.15
CA ILE C 371 -38.00 8.43 1.20
C ILE C 371 -39.41 8.89 0.83
N VAL C 372 -39.82 10.07 1.27
CA VAL C 372 -41.12 10.66 0.90
C VAL C 372 -41.43 10.51 -0.60
N PRO C 373 -40.50 10.75 -1.53
CA PRO C 373 -40.85 10.51 -2.96
C PRO C 373 -41.16 9.03 -3.26
N LEU C 374 -40.38 8.10 -2.69
CA LEU C 374 -40.68 6.69 -2.82
C LEU C 374 -42.04 6.34 -2.22
N LEU C 375 -42.41 7.03 -1.14
CA LEU C 375 -43.71 6.76 -0.54
C LEU C 375 -44.86 7.27 -1.39
N ALA C 376 -44.56 8.05 -2.44
CA ALA C 376 -45.55 8.54 -3.40
C ALA C 376 -45.45 7.84 -4.75
N GLY C 377 -44.62 6.81 -4.87
CA GLY C 377 -44.47 6.14 -6.14
C GLY C 377 -43.57 6.83 -7.15
N ASN C 378 -42.62 7.65 -6.71
CA ASN C 378 -41.66 8.30 -7.59
C ASN C 378 -40.27 7.82 -7.31
N HIS C 379 -39.49 7.73 -8.38
CA HIS C 379 -38.09 7.37 -8.29
C HIS C 379 -37.26 8.59 -7.91
N MET C 380 -36.09 8.33 -7.35
CA MET C 380 -35.10 9.33 -6.95
C MET C 380 -33.77 8.94 -7.56
N PRO C 381 -32.82 9.89 -7.66
CA PRO C 381 -31.52 9.55 -8.26
C PRO C 381 -30.83 8.38 -7.57
N GLU C 382 -30.08 7.63 -8.36
CA GLU C 382 -29.27 6.53 -7.84
C GLU C 382 -28.33 7.03 -6.76
N ARG C 383 -28.23 6.27 -5.66
CA ARG C 383 -27.27 6.60 -4.63
C ARG C 383 -26.72 5.32 -4.03
N PRO C 384 -25.45 5.30 -3.64
CA PRO C 384 -24.89 4.12 -2.99
C PRO C 384 -25.36 4.04 -1.55
N VAL C 385 -25.28 2.83 -1.03
CA VAL C 385 -25.52 2.56 0.39
C VAL C 385 -24.32 1.77 0.91
N PHE C 386 -23.90 2.10 2.13
CA PHE C 386 -22.62 1.61 2.64
C PHE C 386 -22.78 0.84 3.94
N TRP C 387 -21.77 0.03 4.24
CA TRP C 387 -21.62 -0.63 5.52
C TRP C 387 -20.15 -0.62 5.92
N HIS C 388 -19.89 -0.57 7.22
CA HIS C 388 -18.53 -0.67 7.74
C HIS C 388 -18.64 -1.38 9.08
N TYR C 389 -18.20 -2.63 9.12
CA TYR C 389 -18.28 -3.46 10.33
C TYR C 389 -16.89 -4.01 10.63
N PRO C 390 -16.02 -3.19 11.26
CA PRO C 390 -14.66 -3.65 11.60
C PRO C 390 -14.62 -4.51 12.87
N HIS C 391 -15.45 -5.56 12.89
CA HIS C 391 -15.56 -6.42 14.07
C HIS C 391 -15.91 -7.84 13.63
N TYR C 392 -15.56 -8.81 14.48
CA TYR C 392 -15.82 -10.19 14.13
C TYR C 392 -17.29 -10.57 14.35
N GLY C 393 -17.92 -10.00 15.37
CA GLY C 393 -19.24 -10.45 15.79
C GLY C 393 -19.19 -11.87 16.31
N ASN C 394 -20.37 -12.38 16.72
CA ASN C 394 -20.47 -13.69 17.37
C ASN C 394 -21.01 -14.79 16.46
N GLN C 395 -21.25 -14.48 15.19
CA GLN C 395 -22.06 -15.34 14.37
C GLN C 395 -21.27 -16.06 13.27
N GLY C 396 -19.98 -15.79 13.12
CA GLY C 396 -19.16 -16.45 12.11
C GLY C 396 -18.60 -15.53 11.02
N GLY C 397 -18.99 -14.25 10.97
CA GLY C 397 -18.41 -13.32 10.05
C GLY C 397 -17.01 -12.91 10.45
N THR C 398 -16.39 -12.10 9.60
CA THR C 398 -15.10 -11.50 9.85
C THR C 398 -15.18 -10.03 9.46
N PRO C 399 -14.31 -9.17 10.01
CA PRO C 399 -14.40 -7.73 9.72
C PRO C 399 -14.41 -7.41 8.23
N ALA C 400 -15.38 -6.59 7.82
CA ALA C 400 -15.57 -6.25 6.41
C ALA C 400 -16.30 -4.92 6.28
N ALA C 401 -16.31 -4.39 5.06
CA ALA C 401 -17.08 -3.22 4.68
C ALA C 401 -17.61 -3.40 3.26
N SER C 402 -18.67 -2.66 2.94
CA SER C 402 -19.50 -2.96 1.79
C SER C 402 -20.09 -1.69 1.16
N VAL C 403 -20.38 -1.78 -0.13
CA VAL C 403 -21.15 -0.76 -0.83
C VAL C 403 -22.11 -1.45 -1.80
N VAL C 404 -23.33 -0.95 -1.87
CA VAL C 404 -24.30 -1.39 -2.87
C VAL C 404 -24.65 -0.18 -3.72
N LEU C 405 -24.39 -0.28 -5.04
CA LEU C 405 -24.73 0.79 -5.99
C LEU C 405 -25.36 0.15 -7.22
N GLY C 406 -26.63 0.45 -7.48
CA GLY C 406 -27.30 -0.14 -8.62
C GLY C 406 -27.39 -1.65 -8.48
N ASP C 407 -27.02 -2.36 -9.55
CA ASP C 407 -27.06 -3.81 -9.55
C ASP C 407 -25.96 -4.46 -8.73
N TYR C 408 -24.94 -3.70 -8.34
CA TYR C 408 -23.66 -4.30 -7.95
C TYR C 408 -23.41 -4.13 -6.46
N LYS C 409 -22.64 -5.07 -5.92
CA LYS C 409 -22.26 -5.04 -4.52
C LYS C 409 -20.79 -5.35 -4.42
N TYR C 410 -20.07 -4.54 -3.65
CA TYR C 410 -18.65 -4.75 -3.43
C TYR C 410 -18.42 -4.90 -1.94
N ILE C 411 -17.67 -5.93 -1.57
CA ILE C 411 -17.32 -6.25 -0.19
C ILE C 411 -15.81 -6.32 -0.13
N GLU C 412 -15.23 -5.74 0.92
CA GLU C 412 -13.82 -5.95 1.18
C GLU C 412 -13.64 -6.51 2.56
N PHE C 413 -12.78 -7.49 2.68
CA PHE C 413 -12.55 -8.22 3.92
C PHE C 413 -11.19 -7.79 4.47
N PHE C 414 -11.19 -7.22 5.67
CA PHE C 414 -9.98 -6.64 6.22
C PHE C 414 -8.94 -7.66 6.63
N GLU C 415 -9.30 -8.94 6.75
CA GLU C 415 -8.30 -9.94 7.14
C GLU C 415 -7.20 -10.06 6.08
N ASP C 416 -7.59 -10.24 4.81
CA ASP C 416 -6.61 -10.37 3.73
C ASP C 416 -6.71 -9.26 2.71
N GLY C 417 -7.52 -8.23 2.95
CA GLY C 417 -7.68 -7.18 1.96
C GLY C 417 -8.39 -7.60 0.70
N ARG C 418 -8.95 -8.81 0.65
CA ARG C 418 -9.60 -9.30 -0.55
C ARG C 418 -10.93 -8.61 -0.78
N GLY C 419 -11.35 -8.58 -2.05
CA GLY C 419 -12.61 -7.99 -2.43
C GLY C 419 -13.49 -9.00 -3.15
N GLU C 420 -14.80 -8.86 -2.95
CA GLU C 420 -15.76 -9.67 -3.68
C GLU C 420 -16.78 -8.74 -4.36
N LEU C 421 -17.13 -9.09 -5.59
CA LEU C 421 -18.04 -8.30 -6.41
C LEU C 421 -19.22 -9.15 -6.82
N TYR C 422 -20.42 -8.65 -6.60
CA TYR C 422 -21.61 -9.41 -6.95
C TYR C 422 -22.56 -8.56 -7.79
N ASP C 423 -23.07 -9.16 -8.86
CA ASP C 423 -24.20 -8.64 -9.61
C ASP C 423 -25.47 -9.21 -8.96
N LEU C 424 -26.05 -8.43 -8.05
CA LEU C 424 -27.18 -8.92 -7.28
C LEU C 424 -28.43 -9.15 -8.12
N LYS C 425 -28.53 -8.56 -9.31
CA LYS C 425 -29.71 -8.76 -10.13
C LYS C 425 -29.68 -10.12 -10.80
N ALA C 426 -28.50 -10.55 -11.26
CA ALA C 426 -28.37 -11.90 -11.79
C ALA C 426 -28.13 -12.93 -10.70
N ASP C 427 -27.53 -12.51 -9.58
CA ASP C 427 -26.94 -13.42 -8.60
C ASP C 427 -27.31 -12.96 -7.19
N PHE C 428 -28.62 -13.00 -6.91
CA PHE C 428 -29.14 -12.53 -5.64
C PHE C 428 -28.48 -13.19 -4.44
N SER C 429 -28.18 -14.49 -4.53
CA SER C 429 -27.64 -15.27 -3.42
C SER C 429 -26.11 -15.14 -3.27
N GLU C 430 -25.46 -14.23 -4.00
CA GLU C 430 -24.02 -13.99 -3.86
C GLU C 430 -23.20 -15.26 -4.00
N THR C 431 -23.53 -16.07 -5.00
CA THR C 431 -22.83 -17.31 -5.28
C THR C 431 -21.66 -17.17 -6.25
N ASN C 432 -21.47 -16.00 -6.87
CA ASN C 432 -20.61 -15.91 -8.05
C ASN C 432 -19.82 -14.60 -8.04
N ASN C 433 -18.67 -14.61 -7.35
CA ASN C 433 -17.78 -13.45 -7.27
C ASN C 433 -17.22 -13.12 -8.65
N ILE C 434 -17.45 -11.89 -9.11
CA ILE C 434 -17.10 -11.52 -10.48
C ILE C 434 -16.06 -10.40 -10.50
N CYS C 435 -15.37 -10.21 -9.38
CA CYS C 435 -14.31 -9.20 -9.24
C CYS C 435 -13.32 -9.23 -10.39
N GLU C 436 -12.83 -10.42 -10.75
CA GLU C 436 -11.84 -10.51 -11.82
C GLU C 436 -12.47 -10.33 -13.20
N ASN C 437 -13.73 -10.70 -13.36
CA ASN C 437 -14.37 -10.56 -14.65
C ASN C 437 -14.68 -9.10 -14.96
N MET C 438 -14.84 -8.25 -13.94
CA MET C 438 -15.20 -6.86 -14.14
C MET C 438 -14.25 -5.96 -13.35
N PRO C 439 -13.00 -5.84 -13.81
CA PRO C 439 -12.01 -5.04 -13.06
C PRO C 439 -12.44 -3.60 -12.83
N GLU C 440 -13.02 -2.95 -13.83
CA GLU C 440 -13.35 -1.53 -13.69
C GLU C 440 -14.48 -1.33 -12.70
N MET C 441 -15.52 -2.15 -12.80
CA MET C 441 -16.61 -2.07 -11.83
C MET C 441 -16.09 -2.25 -10.42
N ALA C 442 -15.22 -3.25 -10.22
CA ALA C 442 -14.67 -3.49 -8.89
C ALA C 442 -13.87 -2.29 -8.42
N ALA C 443 -12.98 -1.78 -9.26
CA ALA C 443 -12.15 -0.64 -8.88
C ALA C 443 -13.02 0.56 -8.54
N ARG C 444 -14.02 0.83 -9.39
CA ARG C 444 -14.85 2.00 -9.20
C ARG C 444 -15.59 1.92 -7.87
N LEU C 445 -16.15 0.74 -7.56
CA LEU C 445 -16.90 0.55 -6.33
C LEU C 445 -15.99 0.54 -5.12
N ARG C 446 -14.75 0.06 -5.29
CA ARG C 446 -13.80 0.02 -4.20
C ARG C 446 -13.30 1.41 -3.85
N MET C 447 -12.97 2.23 -4.86
CA MET C 447 -12.58 3.60 -4.58
C MET C 447 -13.72 4.37 -3.91
N LEU C 448 -14.95 4.12 -4.34
CA LEU C 448 -16.12 4.76 -3.74
C LEU C 448 -16.31 4.34 -2.29
N LEU C 449 -16.10 3.06 -1.99
CA LEU C 449 -16.12 2.61 -0.61
C LEU C 449 -15.04 3.33 0.20
N HIS C 450 -13.81 3.36 -0.33
CA HIS C 450 -12.69 3.96 0.40
C HIS C 450 -12.88 5.45 0.65
N GLY C 451 -13.45 6.17 -0.32
CA GLY C 451 -13.71 7.59 -0.12
C GLY C 451 -14.75 7.86 0.95
N TRP C 452 -15.87 7.14 0.90
CA TRP C 452 -16.86 7.24 1.97
C TRP C 452 -16.24 6.87 3.33
N GLN C 453 -15.39 5.83 3.37
CA GLN C 453 -14.73 5.47 4.62
C GLN C 453 -13.91 6.62 5.18
N ARG C 454 -13.15 7.31 4.32
CA ARG C 454 -12.34 8.44 4.78
C ARG C 454 -13.23 9.57 5.32
N GLU C 455 -14.37 9.81 4.66
CA GLU C 455 -15.24 10.93 5.05
C GLU C 455 -15.95 10.66 6.36
N VAL C 456 -16.28 9.40 6.65
CA VAL C 456 -16.89 9.11 7.94
C VAL C 456 -15.85 8.84 9.01
N CYS C 457 -14.56 8.76 8.67
CA CYS C 457 -13.49 8.39 9.60
C CYS C 457 -13.74 6.99 10.19
N ALA C 458 -13.85 6.02 9.31
CA ALA C 458 -13.99 4.65 9.75
C ALA C 458 -12.68 4.14 10.35
N ARG C 459 -12.79 3.32 11.38
CA ARG C 459 -11.63 2.71 12.03
C ARG C 459 -11.41 1.31 11.49
N PHE C 460 -10.12 0.94 11.32
CA PHE C 460 -9.82 -0.38 10.83
C PHE C 460 -9.23 -1.26 11.92
N PRO C 461 -9.56 -2.55 11.94
CA PRO C 461 -9.04 -3.42 12.99
C PRO C 461 -7.54 -3.61 12.84
N GLU C 462 -6.84 -3.70 13.97
CA GLU C 462 -5.40 -3.89 13.91
C GLU C 462 -5.04 -5.37 13.77
N VAL C 463 -3.81 -5.63 13.32
CA VAL C 463 -3.31 -7.00 13.23
C VAL C 463 -3.10 -7.56 14.63
N ASN C 464 -3.56 -8.79 14.85
CA ASN C 464 -3.36 -9.46 16.13
C ASN C 464 -1.98 -10.07 16.12
N GLU C 465 -1.09 -9.55 16.96
CA GLU C 465 0.30 -9.98 16.92
C GLU C 465 0.55 -11.29 17.67
N ALA C 466 -0.32 -11.66 18.60
CA ALA C 466 -0.29 -12.95 19.28
C ALA C 466 -0.98 -14.08 18.48
N TYR C 467 -1.36 -13.84 17.24
CA TYR C 467 -1.97 -14.87 16.45
C TYR C 467 -0.90 -15.86 16.05
N PRO D 5 -11.97 -21.79 -11.65
CA PRO D 5 -11.61 -23.21 -11.88
C PRO D 5 -10.87 -23.82 -10.72
N ASN D 6 -11.44 -24.84 -10.09
CA ASN D 6 -10.76 -25.54 -9.02
C ASN D 6 -9.70 -26.48 -9.59
N PHE D 7 -8.71 -26.79 -8.76
CA PHE D 7 -7.64 -27.73 -9.10
C PHE D 7 -7.63 -28.84 -8.07
N LEU D 8 -7.81 -30.08 -8.53
CA LEU D 8 -7.66 -31.26 -7.70
C LEU D 8 -6.50 -32.07 -8.27
N PHE D 9 -5.39 -32.10 -7.55
CA PHE D 9 -4.15 -32.69 -8.04
C PHE D 9 -3.89 -33.95 -7.23
N ILE D 10 -4.23 -35.10 -7.80
CA ILE D 10 -4.06 -36.39 -7.14
C ILE D 10 -2.66 -36.89 -7.46
N PHE D 11 -1.80 -36.89 -6.44
CA PHE D 11 -0.37 -37.18 -6.56
C PHE D 11 -0.11 -38.51 -5.88
N MET D 12 0.07 -39.56 -6.67
CA MET D 12 0.42 -40.85 -6.13
C MET D 12 1.92 -40.93 -5.79
N ASP D 13 2.24 -41.84 -4.87
CA ASP D 13 3.61 -42.12 -4.48
C ASP D 13 4.05 -43.41 -5.14
N ASP D 14 5.09 -43.32 -5.97
CA ASP D 14 5.82 -44.46 -6.51
C ASP D 14 4.95 -45.29 -7.46
N MET D 15 3.93 -44.69 -8.06
CA MET D 15 3.04 -45.43 -8.96
C MET D 15 3.66 -45.47 -10.35
N GLY D 16 4.00 -46.66 -10.82
CA GLY D 16 4.62 -46.79 -12.12
C GLY D 16 3.68 -46.49 -13.27
N TRP D 17 4.27 -46.41 -14.46
CA TRP D 17 3.53 -45.93 -15.63
C TRP D 17 2.53 -46.95 -16.12
N ARG D 18 2.78 -48.25 -15.88
CA ARG D 18 1.84 -49.31 -16.25
C ARG D 18 1.09 -49.84 -15.03
N ASP D 19 0.85 -49.01 -14.02
CA ASP D 19 0.20 -49.49 -12.79
C ASP D 19 -1.30 -49.24 -12.80
N LEU D 20 -1.84 -48.74 -13.89
CA LEU D 20 -3.27 -48.54 -14.06
C LEU D 20 -3.74 -49.43 -15.19
N ALA D 21 -4.96 -49.95 -15.07
CA ALA D 21 -5.56 -50.68 -16.18
C ALA D 21 -5.57 -49.83 -17.44
N CYS D 22 -5.95 -48.56 -17.31
CA CYS D 22 -6.10 -47.65 -18.44
C CYS D 22 -4.77 -47.14 -18.99
N THR D 23 -3.65 -47.33 -18.29
CA THR D 23 -2.33 -47.00 -18.82
C THR D 23 -1.52 -48.25 -19.13
N GLY D 24 -2.13 -49.44 -19.07
CA GLY D 24 -1.50 -50.61 -19.66
C GLY D 24 -1.22 -51.80 -18.75
N SER D 25 -1.76 -51.80 -17.54
CA SER D 25 -1.51 -52.89 -16.61
C SER D 25 -2.10 -54.19 -17.11
N THR D 26 -1.39 -55.29 -16.87
CA THR D 26 -1.89 -56.59 -17.29
C THR D 26 -2.57 -57.36 -16.17
N PHE D 27 -2.49 -56.87 -14.93
CA PHE D 27 -3.02 -57.57 -13.76
C PHE D 27 -3.89 -56.68 -12.89
N TYR D 28 -3.50 -55.43 -12.65
CA TYR D 28 -4.21 -54.58 -11.70
C TYR D 28 -5.52 -54.08 -12.30
N GLU D 29 -6.50 -53.82 -11.43
CA GLU D 29 -7.81 -53.37 -11.84
C GLU D 29 -8.10 -52.04 -11.18
N THR D 30 -8.49 -51.04 -11.99
CA THR D 30 -8.66 -49.65 -11.54
C THR D 30 -9.90 -49.04 -12.18
N PRO D 31 -11.09 -49.61 -11.92
CA PRO D 31 -12.31 -49.17 -12.62
C PRO D 31 -12.68 -47.70 -12.44
N ASN D 32 -12.46 -47.11 -11.26
CA ASN D 32 -12.85 -45.72 -11.07
C ASN D 32 -11.88 -44.78 -11.78
N ILE D 33 -10.61 -45.12 -11.77
CA ILE D 33 -9.59 -44.36 -12.50
C ILE D 33 -9.74 -44.55 -14.00
N ASP D 34 -10.09 -45.77 -14.44
CA ASP D 34 -10.44 -46.00 -15.83
C ASP D 34 -11.55 -45.07 -16.29
N ARG D 35 -12.58 -44.87 -15.46
CA ARG D 35 -13.65 -43.96 -15.83
C ARG D 35 -13.10 -42.54 -15.99
N LEU D 36 -12.28 -42.11 -15.05
CA LEU D 36 -11.69 -40.78 -15.13
C LEU D 36 -10.91 -40.62 -16.43
N CYS D 37 -10.12 -41.63 -16.78
CA CYS D 37 -9.43 -41.65 -18.07
C CYS D 37 -10.40 -41.48 -19.23
N ARG D 38 -11.55 -42.17 -19.18
CA ARG D 38 -12.57 -42.03 -20.21
C ARG D 38 -13.17 -40.63 -20.25
N GLN D 39 -13.05 -39.86 -19.17
CA GLN D 39 -13.62 -38.52 -19.11
C GLN D 39 -12.60 -37.43 -19.38
N GLY D 40 -11.36 -37.79 -19.74
CA GLY D 40 -10.29 -36.83 -19.92
C GLY D 40 -9.25 -37.25 -20.95
N MET D 41 -8.08 -36.63 -20.86
CA MET D 41 -6.95 -36.91 -21.73
C MET D 41 -5.88 -37.70 -20.97
N VAL D 42 -5.37 -38.76 -21.59
CA VAL D 42 -4.24 -39.48 -21.00
C VAL D 42 -2.99 -39.18 -21.84
N PHE D 43 -1.85 -39.13 -21.15
CA PHE D 43 -0.57 -38.79 -21.78
C PHE D 43 0.33 -40.02 -21.83
N ALA D 44 0.65 -40.47 -23.04
CA ALA D 44 1.48 -41.65 -23.25
C ALA D 44 2.94 -41.43 -22.89
N ASN D 45 3.43 -40.19 -22.96
CA ASN D 45 4.85 -39.92 -22.75
C ASN D 45 4.98 -38.93 -21.63
N SER D 46 4.48 -39.36 -20.48
CA SER D 46 4.42 -38.58 -19.26
C SER D 46 5.59 -38.95 -18.35
N TYR D 47 6.34 -37.94 -17.94
CA TYR D 47 7.55 -38.13 -17.15
C TYR D 47 7.46 -37.40 -15.82
N ALA D 48 8.10 -37.96 -14.80
CA ALA D 48 8.51 -37.21 -13.63
C ALA D 48 9.90 -36.62 -13.87
N SER D 49 10.21 -35.51 -13.18
CA SER D 49 11.48 -34.82 -13.38
C SER D 49 12.63 -35.40 -12.56
N CYS D 50 12.39 -36.45 -11.78
CA CYS D 50 13.41 -37.16 -11.02
C CYS D 50 12.96 -38.60 -10.79
N PRO D 51 13.87 -39.56 -10.66
CA PRO D 51 13.46 -40.94 -10.36
C PRO D 51 13.17 -41.27 -8.90
N VAL D 52 13.21 -40.32 -7.96
CA VAL D 52 12.81 -40.56 -6.58
C VAL D 52 11.96 -39.39 -6.08
N CYS D 53 11.59 -39.44 -4.79
CA CYS D 53 10.44 -38.71 -4.24
C CYS D 53 10.62 -37.19 -4.16
N SER D 54 11.30 -36.68 -3.12
CA SER D 54 11.28 -35.23 -2.84
C SER D 54 11.62 -34.31 -4.01
N PRO D 55 12.62 -34.59 -4.87
CA PRO D 55 12.91 -33.64 -5.96
C PRO D 55 11.75 -33.43 -6.92
N SER D 56 11.07 -34.51 -7.34
CA SER D 56 9.90 -34.37 -8.21
C SER D 56 8.79 -33.59 -7.51
N ARG D 57 8.64 -33.78 -6.19
CA ARG D 57 7.61 -33.04 -5.48
C ARG D 57 8.00 -31.57 -5.34
N ALA D 58 9.29 -31.28 -5.14
CA ALA D 58 9.75 -29.89 -5.14
C ALA D 58 9.61 -29.29 -6.53
N SER D 59 9.87 -30.08 -7.56
CA SER D 59 9.76 -29.59 -8.92
C SER D 59 8.31 -29.24 -9.26
N TYR D 60 7.37 -30.03 -8.74
CA TYR D 60 5.96 -29.76 -8.95
C TYR D 60 5.57 -28.45 -8.30
N LEU D 61 5.95 -28.25 -7.04
CA LEU D 61 5.52 -27.05 -6.34
C LEU D 61 6.13 -25.79 -6.92
N THR D 62 7.26 -25.88 -7.62
CA THR D 62 7.93 -24.67 -8.07
C THR D 62 7.99 -24.53 -9.59
N GLY D 63 7.54 -25.51 -10.35
CA GLY D 63 7.73 -25.45 -11.78
C GLY D 63 9.18 -25.39 -12.21
N GLN D 64 10.09 -25.90 -11.39
CA GLN D 64 11.52 -25.87 -11.68
C GLN D 64 12.10 -27.27 -11.73
N TYR D 65 13.20 -27.41 -12.44
CA TYR D 65 13.93 -28.67 -12.42
C TYR D 65 14.57 -28.88 -11.06
N PRO D 66 14.62 -30.12 -10.56
CA PRO D 66 15.30 -30.39 -9.27
C PRO D 66 16.70 -29.79 -9.13
N ALA D 67 17.53 -29.82 -10.18
CA ALA D 67 18.91 -29.38 -10.01
C ALA D 67 19.01 -27.87 -9.85
N ARG D 68 18.12 -27.09 -10.50
CA ARG D 68 18.07 -25.65 -10.25
C ARG D 68 17.68 -25.35 -8.82
N LEU D 69 16.94 -26.25 -8.18
CA LEU D 69 16.43 -26.03 -6.83
C LEU D 69 17.44 -26.43 -5.77
N GLY D 70 18.31 -27.38 -6.05
CA GLY D 70 19.19 -27.92 -5.05
C GLY D 70 18.68 -29.16 -4.33
N VAL D 71 17.42 -29.52 -4.50
CA VAL D 71 16.85 -30.74 -3.92
C VAL D 71 16.90 -31.79 -5.02
N THR D 72 17.95 -32.59 -5.05
CA THR D 72 18.13 -33.55 -6.13
C THR D 72 18.05 -35.00 -5.69
N ASP D 73 17.91 -35.29 -4.39
CA ASP D 73 17.67 -36.64 -3.91
C ASP D 73 16.45 -36.63 -2.99
N TRP D 74 15.93 -37.82 -2.67
CA TRP D 74 14.91 -37.91 -1.63
C TRP D 74 15.54 -37.60 -0.28
N ILE D 75 14.76 -36.96 0.59
CA ILE D 75 15.34 -36.30 1.76
C ILE D 75 15.47 -37.29 2.89
N ASP D 76 16.71 -37.53 3.33
CA ASP D 76 17.03 -38.36 4.50
C ASP D 76 17.15 -37.43 5.69
N MET D 77 16.08 -37.32 6.47
CA MET D 77 15.98 -36.24 7.45
C MET D 77 16.99 -36.40 8.59
N GLU D 78 17.09 -37.58 9.19
CA GLU D 78 18.17 -37.88 10.14
C GLU D 78 19.28 -38.62 9.39
N GLY D 79 20.41 -37.93 9.18
CA GLY D 79 21.43 -38.37 8.24
C GLY D 79 22.07 -39.74 8.45
N THR D 80 21.27 -40.79 8.57
CA THR D 80 21.76 -42.15 8.76
C THR D 80 22.08 -42.87 7.44
N SER D 81 21.72 -42.30 6.28
CA SER D 81 22.01 -42.92 4.99
C SER D 81 22.78 -41.98 4.07
N HIS D 82 22.30 -40.78 3.87
CA HIS D 82 23.05 -40.04 2.87
C HIS D 82 24.19 -39.30 3.54
N PRO D 83 25.31 -39.13 2.83
CA PRO D 83 25.59 -39.58 1.45
C PRO D 83 25.99 -41.05 1.29
N LEU D 84 25.37 -41.75 0.34
CA LEU D 84 25.81 -43.10 -0.02
C LEU D 84 27.19 -43.04 -0.65
N ARG D 85 27.92 -44.15 -0.55
CA ARG D 85 29.31 -44.25 -1.01
C ARG D 85 29.50 -45.47 -1.89
N GLY D 86 30.12 -45.27 -3.05
CA GLY D 86 30.58 -46.36 -3.89
C GLY D 86 31.92 -45.96 -4.48
N LYS D 87 32.11 -46.10 -5.79
CA LYS D 87 33.28 -45.48 -6.39
C LYS D 87 33.18 -43.96 -6.26
N LEU D 88 31.97 -43.42 -6.36
CA LEU D 88 31.70 -42.01 -6.14
C LEU D 88 30.99 -41.84 -4.80
N ILE D 89 30.90 -40.58 -4.35
CA ILE D 89 30.12 -40.20 -3.18
C ILE D 89 28.92 -39.39 -3.66
N ASP D 90 27.71 -39.76 -3.19
CA ASP D 90 26.51 -38.97 -3.44
C ASP D 90 26.81 -37.48 -3.30
N ALA D 91 26.26 -36.70 -4.21
CA ALA D 91 26.42 -35.26 -4.12
C ALA D 91 25.57 -34.72 -2.97
N PRO D 92 26.00 -33.63 -2.35
CA PRO D 92 25.14 -32.98 -1.36
C PRO D 92 23.93 -32.34 -2.02
N TYR D 93 22.89 -32.19 -1.22
CA TYR D 93 21.62 -31.69 -1.70
C TYR D 93 20.96 -30.92 -0.56
N ILE D 94 20.10 -29.98 -0.91
CA ILE D 94 19.35 -29.22 0.08
C ILE D 94 18.24 -30.10 0.65
N LYS D 95 18.28 -30.32 1.97
CA LYS D 95 17.41 -31.28 2.66
C LYS D 95 16.04 -30.69 3.01
N HIS D 96 15.47 -29.87 2.12
CA HIS D 96 14.15 -29.27 2.29
C HIS D 96 13.87 -28.38 1.09
N LEU D 97 12.60 -28.05 0.91
CA LEU D 97 12.24 -27.06 -0.09
C LEU D 97 12.91 -25.74 0.27
N PRO D 98 13.67 -25.14 -0.64
CA PRO D 98 14.42 -23.92 -0.29
C PRO D 98 13.45 -22.81 0.12
N GLU D 99 13.87 -21.99 1.07
CA GLU D 99 12.90 -21.14 1.73
C GLU D 99 12.34 -20.07 0.79
N GLY D 100 13.17 -19.46 -0.03
CA GLY D 100 12.71 -18.37 -0.87
C GLY D 100 11.77 -18.74 -2.01
N GLU D 101 11.41 -20.01 -2.15
CA GLU D 101 10.61 -20.43 -3.29
C GLU D 101 9.21 -19.82 -3.28
N TYR D 102 8.68 -19.55 -4.48
CA TYR D 102 7.31 -19.08 -4.68
C TYR D 102 6.50 -20.20 -5.34
N THR D 103 5.76 -20.94 -4.54
CA THR D 103 5.11 -22.15 -5.01
C THR D 103 3.77 -21.84 -5.69
N ILE D 104 3.25 -22.85 -6.38
CA ILE D 104 1.93 -22.74 -7.00
C ILE D 104 0.85 -22.52 -5.96
N ALA D 105 1.01 -23.08 -4.76
CA ALA D 105 0.05 -22.79 -3.70
C ALA D 105 0.08 -21.32 -3.31
N GLN D 106 1.29 -20.75 -3.21
CA GLN D 106 1.40 -19.33 -2.88
C GLN D 106 0.82 -18.47 -4.00
N ALA D 107 1.18 -18.79 -5.25
CA ALA D 107 0.68 -18.02 -6.39
C ALA D 107 -0.84 -18.07 -6.45
N LEU D 108 -1.41 -19.26 -6.29
CA LEU D 108 -2.86 -19.40 -6.38
C LEU D 108 -3.54 -18.77 -5.17
N LYS D 109 -2.99 -18.96 -3.98
CA LYS D 109 -3.53 -18.32 -2.79
C LYS D 109 -3.49 -16.80 -2.92
N ASP D 110 -2.41 -16.25 -3.48
CA ASP D 110 -2.38 -14.82 -3.76
C ASP D 110 -3.43 -14.41 -4.79
N ALA D 111 -3.88 -15.33 -5.65
CA ALA D 111 -4.90 -15.02 -6.64
C ALA D 111 -6.33 -15.32 -6.18
N GLY D 112 -6.54 -15.61 -4.90
CA GLY D 112 -7.86 -15.77 -4.34
C GLY D 112 -8.29 -17.18 -4.00
N TYR D 113 -7.36 -18.13 -4.01
CA TYR D 113 -7.69 -19.54 -3.87
C TYR D 113 -7.65 -19.98 -2.42
N GLU D 114 -8.47 -20.97 -2.12
CA GLU D 114 -8.30 -21.80 -0.93
C GLU D 114 -7.25 -22.87 -1.24
N THR D 115 -6.20 -22.97 -0.41
CA THR D 115 -5.12 -23.93 -0.67
C THR D 115 -5.04 -24.96 0.45
N TRP D 116 -5.23 -26.23 0.09
CA TRP D 116 -5.16 -27.36 1.01
C TRP D 116 -4.10 -28.34 0.54
N HIS D 117 -3.21 -28.72 1.46
CA HIS D 117 -2.33 -29.86 1.25
C HIS D 117 -2.82 -31.00 2.13
N VAL D 118 -2.97 -32.19 1.55
CA VAL D 118 -3.37 -33.39 2.27
C VAL D 118 -2.39 -34.51 1.91
N GLY D 119 -1.85 -35.18 2.93
CA GLY D 119 -1.04 -36.37 2.73
C GLY D 119 0.45 -36.11 2.74
N LYS D 120 1.18 -36.99 2.05
CA LYS D 120 2.63 -36.98 2.08
C LYS D 120 3.19 -35.61 1.73
N TRP D 121 4.21 -35.20 2.48
CA TRP D 121 4.89 -33.92 2.25
C TRP D 121 6.35 -34.16 1.88
N HIS D 122 7.20 -34.60 2.80
CA HIS D 122 8.57 -35.03 2.48
C HIS D 122 9.41 -33.89 1.89
N LEU D 123 9.26 -32.68 2.44
CA LEU D 123 10.03 -31.53 1.95
C LEU D 123 10.66 -30.74 3.08
N GLY D 124 10.80 -31.32 4.27
CA GLY D 124 11.54 -30.73 5.36
C GLY D 124 10.78 -30.76 6.67
N GLY D 125 11.48 -30.37 7.73
CA GLY D 125 10.92 -30.28 9.05
C GLY D 125 9.96 -29.12 9.18
N ARG D 126 9.55 -28.86 10.44
CA ARG D 126 8.43 -27.95 10.66
C ARG D 126 8.68 -26.55 10.12
N GLU D 127 9.94 -26.11 10.07
CA GLU D 127 10.18 -24.80 9.47
C GLU D 127 9.86 -24.76 7.98
N TYR D 128 9.65 -25.91 7.35
CA TYR D 128 9.36 -25.99 5.92
C TYR D 128 8.11 -26.82 5.68
N TYR D 129 7.14 -26.70 6.56
CA TYR D 129 5.88 -27.38 6.39
C TYR D 129 5.04 -26.66 5.34
N PRO D 130 3.92 -27.25 4.90
CA PRO D 130 3.06 -26.59 3.89
C PRO D 130 2.67 -25.15 4.23
N ASP D 131 2.46 -24.82 5.51
CA ASP D 131 1.98 -23.49 5.89
C ASP D 131 2.99 -22.40 5.57
N HIS D 132 4.28 -22.73 5.56
CA HIS D 132 5.30 -21.77 5.18
C HIS D 132 5.39 -21.58 3.67
N PHE D 133 4.61 -22.32 2.89
CA PHE D 133 4.76 -22.26 1.44
C PHE D 133 3.43 -22.01 0.76
N GLY D 134 2.50 -21.34 1.44
CA GLY D 134 1.27 -20.88 0.82
C GLY D 134 0.06 -21.75 1.04
N PHE D 135 0.18 -22.85 1.81
CA PHE D 135 -0.96 -23.73 2.05
C PHE D 135 -1.66 -23.32 3.34
N ASP D 136 -2.99 -23.32 3.29
CA ASP D 136 -3.82 -22.93 4.43
C ASP D 136 -4.06 -24.08 5.38
N VAL D 137 -4.02 -25.30 4.87
CA VAL D 137 -4.38 -26.49 5.61
C VAL D 137 -3.30 -27.52 5.33
N ASN D 138 -2.93 -28.27 6.36
CA ASN D 138 -2.02 -29.41 6.21
C ASN D 138 -2.59 -30.56 7.02
N ILE D 139 -3.19 -31.54 6.36
CA ILE D 139 -3.68 -32.72 7.04
C ILE D 139 -2.80 -33.90 6.67
N GLY D 140 -2.07 -34.44 7.64
CA GLY D 140 -1.27 -35.63 7.47
C GLY D 140 0.12 -35.42 6.91
N GLY D 141 0.48 -34.18 6.56
CA GLY D 141 1.78 -33.93 5.95
C GLY D 141 2.79 -33.60 7.03
N CYS D 142 3.94 -34.25 6.95
CA CYS D 142 5.01 -34.02 7.90
C CYS D 142 6.32 -34.25 7.16
N SER D 143 7.40 -34.51 7.91
CA SER D 143 8.70 -34.72 7.28
C SER D 143 8.91 -36.14 6.76
N TRP D 144 8.05 -37.10 7.11
CA TRP D 144 8.25 -38.49 6.72
C TRP D 144 8.09 -38.70 5.21
N GLY D 145 8.84 -39.66 4.68
CA GLY D 145 8.65 -40.04 3.30
C GLY D 145 7.65 -41.15 3.07
N HIS D 146 7.20 -41.84 4.12
CA HIS D 146 6.27 -42.96 4.00
C HIS D 146 5.62 -43.20 5.37
N PRO D 147 4.65 -44.13 5.48
CA PRO D 147 4.12 -44.47 6.80
C PRO D 147 5.13 -45.22 7.66
N HIS D 148 5.89 -44.48 8.47
CA HIS D 148 6.93 -45.10 9.30
C HIS D 148 6.35 -46.18 10.22
N GLU D 149 5.10 -46.04 10.66
CA GLU D 149 4.52 -47.05 11.53
C GLU D 149 3.34 -47.76 10.87
N GLY D 150 3.39 -47.94 9.55
CA GLY D 150 2.42 -48.72 8.85
C GLY D 150 1.20 -47.92 8.41
N TYR D 151 0.34 -48.61 7.64
CA TYR D 151 -0.86 -48.04 7.04
C TYR D 151 -2.10 -48.17 7.91
N PHE D 152 -1.96 -48.71 9.13
CA PHE D 152 -3.11 -48.98 10.01
C PHE D 152 -2.99 -48.18 11.30
N SER D 153 -4.09 -47.56 11.71
CA SER D 153 -4.07 -46.73 12.91
C SER D 153 -3.64 -47.56 14.13
N PRO D 154 -2.74 -47.04 14.99
CA PRO D 154 -2.17 -45.69 14.91
C PRO D 154 -1.02 -45.53 13.91
N TYR D 155 -1.01 -44.38 13.23
CA TYR D 155 -0.03 -44.11 12.19
C TYR D 155 1.22 -43.42 12.72
N GLY D 156 1.07 -42.58 13.75
CA GLY D 156 2.19 -41.82 14.26
C GLY D 156 2.42 -40.48 13.59
N ILE D 157 1.50 -39.99 12.79
CA ILE D 157 1.69 -38.76 12.04
C ILE D 157 1.26 -37.57 12.89
N GLU D 158 2.20 -36.67 13.14
CA GLU D 158 1.97 -35.60 14.09
C GLU D 158 0.88 -34.66 13.63
N THR D 159 0.68 -34.51 12.32
CA THR D 159 -0.36 -33.63 11.79
C THR D 159 -1.61 -34.39 11.36
N LEU D 160 -1.76 -35.64 11.81
CA LEU D 160 -2.98 -36.41 11.58
C LEU D 160 -3.34 -37.12 12.87
N PRO D 161 -4.33 -36.62 13.60
CA PRO D 161 -4.80 -37.32 14.81
C PRO D 161 -5.21 -38.76 14.52
N GLU D 162 -4.95 -39.63 15.50
CA GLU D 162 -5.19 -41.05 15.29
C GLU D 162 -6.67 -41.35 15.17
N GLY D 163 -6.98 -42.36 14.37
CA GLY D 163 -8.35 -42.81 14.25
C GLY D 163 -8.57 -44.07 15.05
N PRO D 164 -9.78 -44.62 14.97
CA PRO D 164 -10.06 -45.92 15.60
C PRO D 164 -9.05 -46.97 15.17
N GLU D 165 -8.67 -47.83 16.11
CA GLU D 165 -7.73 -48.89 15.79
C GLU D 165 -8.28 -49.74 14.64
N GLY D 166 -7.44 -49.95 13.62
CA GLY D 166 -7.85 -50.63 12.39
C GLY D 166 -8.22 -49.73 11.24
N GLU D 167 -8.16 -48.41 11.42
CA GLU D 167 -8.37 -47.47 10.32
C GLU D 167 -7.23 -47.59 9.29
N TYR D 168 -7.61 -47.59 8.00
CA TYR D 168 -6.63 -47.64 6.92
C TYR D 168 -6.23 -46.23 6.50
N LEU D 169 -4.93 -45.98 6.42
CA LEU D 169 -4.44 -44.62 6.14
C LEU D 169 -5.03 -44.06 4.86
N THR D 170 -5.04 -44.87 3.78
CA THR D 170 -5.54 -44.37 2.51
C THR D 170 -7.02 -44.03 2.58
N ASP D 171 -7.78 -44.74 3.42
CA ASP D 171 -9.19 -44.40 3.58
C ASP D 171 -9.36 -43.10 4.34
N ARG D 172 -8.52 -42.88 5.35
CA ARG D 172 -8.66 -41.72 6.21
C ARG D 172 -8.28 -40.45 5.45
N ILE D 173 -7.20 -40.51 4.69
CA ILE D 173 -6.75 -39.36 3.93
C ILE D 173 -7.83 -38.93 2.95
N THR D 174 -8.55 -39.90 2.36
CA THR D 174 -9.68 -39.59 1.50
C THR D 174 -10.80 -38.92 2.29
N ASP D 175 -11.15 -39.48 3.45
CA ASP D 175 -12.13 -38.82 4.33
C ASP D 175 -11.74 -37.38 4.59
N GLU D 176 -10.46 -37.15 4.87
CA GLU D 176 -9.98 -35.80 5.09
C GLU D 176 -10.19 -34.93 3.86
N ALA D 177 -9.95 -35.47 2.66
CA ALA D 177 -10.20 -34.69 1.46
C ALA D 177 -11.68 -34.47 1.24
N VAL D 178 -12.50 -35.50 1.48
CA VAL D 178 -13.94 -35.35 1.32
C VAL D 178 -14.47 -34.31 2.31
N ARG D 179 -13.94 -34.32 3.54
CA ARG D 179 -14.36 -33.36 4.55
C ARG D 179 -14.09 -31.92 4.14
N LEU D 180 -12.95 -31.66 3.48
CA LEU D 180 -12.63 -30.29 3.08
C LEU D 180 -13.60 -29.81 2.01
N LEU D 181 -13.98 -30.67 1.08
CA LEU D 181 -14.92 -30.28 0.04
C LEU D 181 -16.30 -29.95 0.62
N LYS D 182 -16.87 -30.86 1.41
CA LYS D 182 -18.20 -30.62 1.97
C LYS D 182 -18.18 -29.41 2.91
N GLU D 183 -17.12 -29.25 3.68
CA GLU D 183 -17.00 -28.06 4.53
C GLU D 183 -17.10 -26.81 3.70
N ARG D 184 -16.33 -26.76 2.60
CA ARG D 184 -16.30 -25.58 1.73
C ARG D 184 -17.67 -25.31 1.12
N LYS D 185 -18.40 -26.37 0.76
CA LYS D 185 -19.76 -26.20 0.25
C LYS D 185 -20.68 -25.61 1.32
N ALA D 186 -20.51 -26.04 2.57
CA ALA D 186 -21.35 -25.54 3.65
C ALA D 186 -21.17 -24.04 3.84
N GLY D 187 -19.94 -23.53 3.70
CA GLY D 187 -19.67 -22.10 3.78
C GLY D 187 -19.89 -21.31 2.50
N GLY D 188 -20.47 -21.91 1.47
CA GLY D 188 -20.91 -21.17 0.31
C GLY D 188 -19.99 -21.11 -0.90
N SER D 189 -18.89 -21.86 -0.90
CA SER D 189 -17.99 -21.98 -2.06
C SER D 189 -17.49 -20.60 -2.52
N ARG D 190 -17.15 -19.75 -1.56
CA ARG D 190 -16.73 -18.39 -1.89
C ARG D 190 -15.49 -18.38 -2.78
N LYS D 191 -14.50 -19.21 -2.47
CA LYS D 191 -13.32 -19.13 -3.31
C LYS D 191 -13.14 -20.42 -4.11
N PRO D 192 -12.52 -20.35 -5.29
CA PRO D 192 -12.04 -21.59 -5.92
C PRO D 192 -10.97 -22.23 -5.04
N PHE D 193 -10.96 -23.56 -5.00
CA PHE D 193 -10.03 -24.28 -4.14
C PHE D 193 -8.88 -24.87 -4.94
N TYR D 194 -7.81 -25.20 -4.23
CA TYR D 194 -6.67 -25.89 -4.82
C TYR D 194 -6.21 -26.94 -3.84
N MET D 195 -6.47 -28.21 -4.17
CA MET D 195 -6.15 -29.33 -3.29
C MET D 195 -4.94 -30.08 -3.84
N ASN D 196 -3.89 -30.14 -3.05
CA ASN D 196 -2.72 -30.98 -3.33
C ASN D 196 -2.94 -32.26 -2.53
N LEU D 197 -3.57 -33.26 -3.17
CA LEU D 197 -3.87 -34.53 -2.51
C LEU D 197 -2.75 -35.53 -2.81
N CYS D 198 -1.86 -35.72 -1.83
CA CYS D 198 -0.66 -36.55 -1.97
C CYS D 198 -0.85 -37.84 -1.18
N HIS D 199 -1.22 -38.91 -1.86
CA HIS D 199 -1.41 -40.18 -1.18
C HIS D 199 -0.08 -40.71 -0.64
N TYR D 200 -0.16 -41.47 0.45
CA TYR D 200 0.99 -42.22 0.92
C TYR D 200 1.19 -43.50 0.11
N ALA D 201 0.10 -44.10 -0.36
CA ALA D 201 0.15 -45.15 -1.37
C ALA D 201 0.82 -44.63 -2.64
N VAL D 202 1.57 -45.50 -3.33
CA VAL D 202 1.72 -46.93 -3.01
C VAL D 202 3.15 -47.28 -2.51
N HIS D 203 3.72 -46.39 -1.70
CA HIS D 203 5.03 -46.62 -1.09
C HIS D 203 4.98 -47.83 -0.15
N THR D 204 6.11 -48.53 -0.05
CA THR D 204 6.24 -49.64 0.89
C THR D 204 6.12 -49.12 2.33
N PRO D 205 5.80 -50.00 3.29
CA PRO D 205 5.48 -51.44 3.19
C PRO D 205 4.10 -51.67 2.60
N ILE D 206 3.98 -52.67 1.72
CA ILE D 206 2.70 -52.92 1.07
C ILE D 206 1.75 -53.59 2.06
N GLN D 207 1.03 -52.78 2.83
CA GLN D 207 0.11 -53.26 3.86
C GLN D 207 -1.30 -53.02 3.38
N VAL D 208 -2.10 -54.08 3.27
CA VAL D 208 -3.43 -53.98 2.70
C VAL D 208 -4.42 -54.73 3.57
N LYS D 209 -5.70 -54.36 3.44
CA LYS D 209 -6.77 -55.16 4.00
C LYS D 209 -6.75 -56.54 3.35
N ASP D 210 -7.17 -57.55 4.11
CA ASP D 210 -7.01 -58.92 3.64
C ASP D 210 -8.01 -59.26 2.55
N GLU D 211 -9.24 -58.73 2.62
CA GLU D 211 -10.19 -58.94 1.55
C GLU D 211 -9.63 -58.43 0.22
N ASP D 212 -8.86 -57.35 0.26
CA ASP D 212 -8.27 -56.81 -0.96
C ASP D 212 -7.08 -57.65 -1.42
N ARG D 213 -6.27 -58.16 -0.50
CA ARG D 213 -5.20 -59.05 -0.91
C ARG D 213 -5.76 -60.35 -1.48
N GLU D 214 -6.77 -60.93 -0.83
CA GLU D 214 -7.26 -62.25 -1.23
C GLU D 214 -7.89 -62.21 -2.60
N ARG D 215 -8.61 -61.13 -2.91
CA ARG D 215 -9.17 -60.91 -4.25
C ARG D 215 -8.19 -61.25 -5.35
N PHE D 216 -6.95 -60.78 -5.23
CA PHE D 216 -5.96 -60.92 -6.28
C PHE D 216 -5.10 -62.17 -6.14
N GLU D 217 -5.12 -62.82 -4.97
CA GLU D 217 -4.57 -64.18 -4.92
C GLU D 217 -5.45 -65.13 -5.68
N LYS D 218 -6.77 -64.97 -5.55
CA LYS D 218 -7.70 -65.75 -6.35
C LYS D 218 -7.51 -65.47 -7.85
N LYS D 219 -7.31 -64.21 -8.22
CA LYS D 219 -7.15 -63.88 -9.63
C LYS D 219 -5.84 -64.41 -10.17
N ALA D 220 -4.74 -64.24 -9.43
CA ALA D 220 -3.46 -64.80 -9.84
C ALA D 220 -3.55 -66.31 -9.95
N ARG D 221 -4.42 -66.94 -9.17
CA ARG D 221 -4.64 -68.38 -9.29
C ARG D 221 -5.36 -68.69 -10.58
N GLU D 222 -6.59 -68.20 -10.74
CA GLU D 222 -7.36 -68.46 -11.96
C GLU D 222 -6.66 -67.94 -13.21
N GLN D 223 -5.70 -67.04 -13.07
CA GLN D 223 -4.95 -66.54 -14.20
C GLN D 223 -3.71 -67.38 -14.50
N GLY D 224 -3.27 -68.21 -13.56
CA GLY D 224 -2.04 -68.95 -13.70
C GLY D 224 -0.80 -68.25 -13.19
N LEU D 225 -0.91 -66.99 -12.75
CA LEU D 225 0.27 -66.21 -12.40
C LEU D 225 1.03 -66.79 -11.22
N ASP D 226 0.34 -67.40 -10.26
CA ASP D 226 1.00 -67.97 -9.09
C ASP D 226 2.15 -68.92 -9.44
N GLN D 227 2.16 -69.46 -10.66
CA GLN D 227 3.15 -70.46 -11.07
C GLN D 227 4.26 -69.87 -11.93
N GLU D 228 4.39 -68.55 -11.99
CA GLU D 228 5.33 -67.90 -12.89
C GLU D 228 6.39 -67.19 -12.07
N THR D 229 7.65 -67.45 -12.41
CA THR D 229 8.81 -66.82 -11.78
C THR D 229 8.67 -65.30 -11.87
N ALA D 230 8.35 -64.66 -10.75
CA ALA D 230 8.15 -63.21 -10.78
C ALA D 230 9.43 -62.45 -10.46
N LEU D 231 10.21 -62.91 -9.51
CA LEU D 231 11.42 -62.21 -9.10
C LEU D 231 12.65 -62.87 -9.72
N VAL D 232 13.65 -62.05 -10.04
CA VAL D 232 14.88 -62.51 -10.67
C VAL D 232 16.06 -61.75 -10.07
N GLU D 233 17.01 -62.49 -9.51
CA GLU D 233 18.17 -61.86 -8.90
C GLU D 233 19.16 -61.42 -9.98
N GLY D 234 19.68 -60.19 -9.83
CA GLY D 234 20.63 -59.67 -10.78
C GLY D 234 21.95 -59.28 -10.14
N GLU D 235 22.51 -58.16 -10.60
CA GLU D 235 23.85 -57.76 -10.25
C GLU D 235 23.96 -57.38 -8.78
N PHE D 236 25.19 -57.18 -8.31
CA PHE D 236 25.42 -56.67 -6.97
C PHE D 236 25.10 -55.18 -6.91
N HIS D 237 24.64 -54.74 -5.74
CA HIS D 237 24.43 -53.31 -5.52
C HIS D 237 25.77 -52.57 -5.56
N HIS D 238 25.69 -51.25 -5.52
CA HIS D 238 26.84 -50.41 -5.84
C HIS D 238 27.32 -49.55 -4.68
N THR D 239 26.74 -49.67 -3.49
CA THR D 239 27.15 -48.84 -2.35
C THR D 239 27.62 -49.72 -1.20
N GLU D 240 28.51 -49.14 -0.36
CA GLU D 240 29.05 -49.86 0.78
C GLU D 240 27.96 -50.46 1.66
N ASP D 241 26.86 -49.73 1.83
CA ASP D 241 25.84 -50.16 2.79
C ASP D 241 25.05 -51.36 2.31
N LYS D 242 25.14 -51.71 1.03
CA LYS D 242 24.45 -52.86 0.45
C LYS D 242 25.40 -53.87 -0.17
N LYS D 243 26.69 -53.82 0.21
CA LYS D 243 27.67 -54.76 -0.33
C LYS D 243 27.26 -56.19 0.02
N GLY D 244 27.24 -57.05 -0.98
CA GLY D 244 26.74 -58.39 -0.80
C GLY D 244 25.34 -58.60 -1.33
N ARG D 245 24.46 -57.62 -1.16
CA ARG D 245 23.08 -57.80 -1.61
C ARG D 245 22.97 -57.59 -3.12
N ARG D 246 22.09 -58.36 -3.75
CA ARG D 246 21.88 -58.28 -5.18
C ARG D 246 20.57 -57.57 -5.50
N VAL D 247 20.56 -56.91 -6.66
CA VAL D 247 19.35 -56.33 -7.22
C VAL D 247 18.37 -57.45 -7.58
N VAL D 248 17.13 -57.32 -7.16
CA VAL D 248 16.07 -58.29 -7.44
C VAL D 248 15.06 -57.59 -8.33
N ARG D 249 15.00 -57.97 -9.60
CA ARG D 249 14.05 -57.36 -10.52
C ARG D 249 12.79 -58.19 -10.59
N ARG D 250 11.63 -57.53 -10.52
CA ARG D 250 10.35 -58.17 -10.75
C ARG D 250 10.03 -58.08 -12.24
N VAL D 251 9.71 -59.22 -12.86
CA VAL D 251 9.57 -59.28 -14.31
C VAL D 251 8.11 -59.48 -14.74
N ILE D 252 7.16 -59.42 -13.81
CA ILE D 252 5.77 -59.59 -14.18
C ILE D 252 4.92 -58.94 -13.10
N GLN D 253 3.84 -58.29 -13.52
CA GLN D 253 2.84 -57.73 -12.60
C GLN D 253 1.98 -58.88 -12.09
N SER D 254 2.21 -59.31 -10.87
CA SER D 254 1.39 -60.37 -10.30
C SER D 254 1.25 -60.26 -8.79
N ASP D 255 1.82 -59.26 -8.15
CA ASP D 255 1.84 -59.18 -6.72
C ASP D 255 0.43 -58.94 -6.20
N PRO D 256 -0.16 -59.88 -5.44
CA PRO D 256 -1.57 -59.70 -5.02
C PRO D 256 -1.76 -58.62 -3.98
N SER D 257 -0.82 -58.43 -3.05
CA SER D 257 -0.99 -57.38 -2.05
C SER D 257 -0.87 -56.01 -2.70
N TYR D 258 0.11 -55.85 -3.60
CA TYR D 258 0.23 -54.61 -4.37
C TYR D 258 -1.02 -54.32 -5.18
N ALA D 259 -1.59 -55.34 -5.81
CA ALA D 259 -2.85 -55.14 -6.54
C ALA D 259 -3.96 -54.71 -5.59
N GLY D 260 -3.97 -55.24 -4.37
CA GLY D 260 -4.99 -54.86 -3.41
C GLY D 260 -4.87 -53.41 -2.98
N MET D 261 -3.64 -52.93 -2.81
CA MET D 261 -3.43 -51.53 -2.48
C MET D 261 -4.00 -50.65 -3.58
N ILE D 262 -3.83 -51.06 -4.82
CA ILE D 262 -4.30 -50.27 -5.95
C ILE D 262 -5.81 -50.41 -6.11
N TRP D 263 -6.38 -51.58 -5.77
CA TRP D 263 -7.83 -51.72 -5.77
C TRP D 263 -8.46 -50.86 -4.70
N ASN D 264 -7.91 -50.89 -3.49
CA ASN D 264 -8.42 -50.01 -2.43
C ASN D 264 -8.26 -48.54 -2.82
N LEU D 265 -7.10 -48.17 -3.37
CA LEU D 265 -6.89 -46.80 -3.82
C LEU D 265 -7.96 -46.38 -4.84
N ASP D 266 -8.32 -47.29 -5.74
CA ASP D 266 -9.31 -46.97 -6.77
C ASP D 266 -10.69 -46.75 -6.17
N GLN D 267 -11.07 -47.52 -5.14
CA GLN D 267 -12.32 -47.21 -4.45
C GLN D 267 -12.27 -45.82 -3.85
N ASN D 268 -11.12 -45.43 -3.31
CA ASN D 268 -11.04 -44.12 -2.67
C ASN D 268 -11.15 -42.99 -3.68
N ILE D 269 -10.48 -43.12 -4.84
CA ILE D 269 -10.68 -42.19 -5.95
C ILE D 269 -12.15 -42.17 -6.35
N GLY D 270 -12.82 -43.31 -6.30
CA GLY D 270 -14.26 -43.33 -6.52
C GLY D 270 -15.00 -42.47 -5.51
N ARG D 271 -14.74 -42.71 -4.22
CA ARG D 271 -15.38 -41.91 -3.17
C ARG D 271 -15.08 -40.44 -3.36
N LEU D 272 -13.81 -40.11 -3.61
CA LEU D 272 -13.38 -38.72 -3.71
C LEU D 272 -14.08 -38.01 -4.87
N LEU D 273 -14.08 -38.64 -6.05
CA LEU D 273 -14.71 -38.00 -7.21
C LEU D 273 -16.21 -37.88 -7.04
N GLU D 274 -16.82 -38.82 -6.31
CA GLU D 274 -18.25 -38.74 -6.12
C GLU D 274 -18.61 -37.61 -5.15
N ALA D 275 -17.78 -37.41 -4.13
CA ALA D 275 -17.94 -36.23 -3.29
C ALA D 275 -17.83 -34.95 -4.11
N LEU D 276 -16.86 -34.90 -5.02
CA LEU D 276 -16.64 -33.68 -5.78
C LEU D 276 -17.86 -33.33 -6.61
N SER D 277 -18.54 -34.35 -7.11
CA SER D 277 -19.75 -34.10 -7.89
C SER D 277 -20.94 -33.77 -6.99
N GLU D 278 -21.09 -34.52 -5.89
CA GLU D 278 -22.09 -34.21 -4.87
C GLU D 278 -22.00 -32.77 -4.39
N CYS D 279 -20.84 -32.12 -4.54
CA CYS D 279 -20.70 -30.72 -4.20
C CYS D 279 -20.93 -29.80 -5.41
N GLY D 280 -21.42 -30.35 -6.52
CA GLY D 280 -21.65 -29.52 -7.68
C GLY D 280 -20.42 -28.81 -8.18
N GLU D 281 -19.26 -29.48 -8.12
CA GLU D 281 -18.00 -28.90 -8.56
C GLU D 281 -17.34 -29.68 -9.70
N GLU D 282 -18.01 -30.69 -10.27
CA GLU D 282 -17.39 -31.47 -11.33
C GLU D 282 -17.11 -30.62 -12.56
N GLU D 283 -18.06 -29.76 -12.95
CA GLU D 283 -17.90 -29.03 -14.20
C GLU D 283 -16.69 -28.13 -14.19
N ASN D 284 -16.31 -27.66 -13.01
CA ASN D 284 -15.30 -26.61 -12.93
C ASN D 284 -14.09 -26.98 -12.07
N THR D 285 -13.81 -28.28 -11.94
CA THR D 285 -12.62 -28.76 -11.26
C THR D 285 -11.71 -29.38 -12.30
N VAL D 286 -10.47 -28.89 -12.38
CA VAL D 286 -9.42 -29.54 -13.14
C VAL D 286 -8.87 -30.68 -12.28
N VAL D 287 -8.99 -31.91 -12.77
CA VAL D 287 -8.55 -33.11 -12.06
C VAL D 287 -7.32 -33.63 -12.77
N VAL D 288 -6.24 -33.84 -12.00
CA VAL D 288 -5.00 -34.38 -12.51
C VAL D 288 -4.64 -35.60 -11.67
N PHE D 289 -4.39 -36.73 -12.35
CA PHE D 289 -3.96 -37.96 -11.69
C PHE D 289 -2.58 -38.31 -12.21
N THR D 290 -1.58 -38.32 -11.32
CA THR D 290 -0.22 -38.61 -11.73
C THR D 290 0.57 -39.15 -10.53
N SER D 291 1.90 -39.17 -10.65
CA SER D 291 2.79 -39.81 -9.68
C SER D 291 4.13 -39.11 -9.65
N ASP D 292 4.84 -39.25 -8.53
CA ASP D 292 6.08 -38.51 -8.35
C ASP D 292 7.30 -39.20 -8.96
N ASN D 293 7.24 -40.51 -9.26
CA ASN D 293 8.33 -41.21 -9.91
C ASN D 293 7.83 -42.59 -10.34
N GLY D 294 8.74 -43.34 -10.98
CA GLY D 294 8.38 -44.64 -11.53
C GLY D 294 8.09 -45.70 -10.49
N GLY D 295 7.62 -46.86 -10.97
CA GLY D 295 7.28 -47.94 -10.06
C GLY D 295 8.51 -48.58 -9.45
N LEU D 296 8.34 -49.05 -8.21
CA LEU D 296 9.40 -49.78 -7.51
C LEU D 296 9.46 -51.21 -8.07
N ALA D 297 10.58 -51.55 -8.70
CA ALA D 297 10.72 -52.84 -9.34
C ALA D 297 12.08 -53.51 -9.13
N THR D 298 13.08 -52.82 -8.60
CA THR D 298 14.42 -53.39 -8.53
C THR D 298 14.95 -53.54 -7.12
N SER D 299 14.14 -53.29 -6.08
CA SER D 299 14.55 -53.57 -4.70
C SER D 299 13.34 -53.49 -3.78
N GLU D 300 13.62 -53.72 -2.48
CA GLU D 300 12.67 -53.59 -1.35
C GLU D 300 11.34 -54.30 -1.58
N GLY D 301 11.38 -55.48 -2.17
CA GLY D 301 10.23 -56.30 -2.37
C GLY D 301 9.73 -56.34 -3.80
N SER D 302 10.18 -55.39 -4.64
CA SER D 302 9.81 -55.31 -6.04
C SER D 302 8.32 -55.57 -6.23
N PRO D 303 7.45 -54.68 -5.74
CA PRO D 303 6.02 -54.97 -5.86
C PRO D 303 5.48 -54.90 -7.28
N THR D 304 6.09 -54.13 -8.18
CA THR D 304 5.51 -53.95 -9.51
C THR D 304 6.54 -54.15 -10.60
N CYS D 305 6.07 -54.12 -11.84
CA CYS D 305 6.90 -54.23 -13.04
C CYS D 305 6.54 -53.10 -14.01
N ASN D 306 7.55 -52.51 -14.64
CA ASN D 306 7.33 -51.46 -15.64
C ASN D 306 7.74 -51.85 -17.03
N LEU D 307 8.12 -53.11 -17.26
CA LEU D 307 8.47 -53.52 -18.61
C LEU D 307 7.28 -53.27 -19.55
N PRO D 308 7.52 -52.86 -20.81
CA PRO D 308 8.81 -52.81 -21.51
C PRO D 308 9.70 -51.58 -21.27
N ALA D 309 9.32 -50.71 -20.34
CA ALA D 309 10.23 -49.65 -19.91
C ALA D 309 11.19 -50.22 -18.87
N SER D 310 12.47 -49.88 -18.97
CA SER D 310 13.51 -50.57 -18.19
C SER D 310 13.57 -50.08 -16.75
N GLU D 311 13.75 -51.03 -15.83
CA GLU D 311 14.03 -50.75 -14.43
C GLU D 311 12.89 -49.99 -13.77
N GLY D 312 13.20 -49.02 -12.90
CA GLY D 312 12.17 -48.35 -12.14
C GLY D 312 12.74 -47.32 -11.18
N LYS D 313 12.01 -47.02 -10.10
CA LYS D 313 12.43 -46.02 -9.12
C LYS D 313 13.91 -46.14 -8.83
N GLY D 314 14.60 -44.99 -8.80
CA GLY D 314 16.02 -44.93 -8.55
C GLY D 314 16.89 -45.00 -9.78
N TRP D 315 16.31 -45.33 -10.93
CA TRP D 315 17.03 -45.39 -12.18
C TRP D 315 16.62 -44.25 -13.10
N VAL D 316 17.58 -43.84 -13.93
CA VAL D 316 17.33 -42.85 -14.98
C VAL D 316 16.87 -43.51 -16.28
N TYR D 317 16.75 -44.83 -16.29
CA TYR D 317 16.11 -45.49 -17.41
C TYR D 317 14.60 -45.23 -17.40
N GLU D 318 13.97 -45.52 -18.54
CA GLU D 318 12.61 -45.10 -18.79
C GLU D 318 11.64 -45.57 -17.71
N GLY D 319 11.86 -46.76 -17.15
CA GLY D 319 10.94 -47.27 -16.15
C GLY D 319 10.89 -46.46 -14.87
N GLY D 320 11.96 -45.72 -14.58
CA GLY D 320 12.03 -44.90 -13.39
C GLY D 320 11.56 -43.47 -13.56
N THR D 321 11.51 -42.98 -14.80
CA THR D 321 11.04 -41.62 -15.04
C THR D 321 9.62 -41.55 -15.58
N ARG D 322 9.13 -42.61 -16.19
CA ARG D 322 7.80 -42.62 -16.77
C ARG D 322 6.77 -42.77 -15.66
N VAL D 323 5.59 -42.22 -15.90
CA VAL D 323 4.63 -42.01 -14.82
C VAL D 323 3.27 -41.81 -15.47
N PRO D 324 2.18 -42.30 -14.88
CA PRO D 324 0.86 -42.07 -15.49
C PRO D 324 0.45 -40.60 -15.34
N LEU D 325 -0.39 -40.15 -16.27
CA LEU D 325 -0.89 -38.77 -16.28
C LEU D 325 -2.26 -38.75 -16.94
N ILE D 326 -3.30 -38.45 -16.14
CA ILE D 326 -4.64 -38.18 -16.62
C ILE D 326 -5.04 -36.76 -16.21
N VAL D 327 -5.63 -36.02 -17.16
CA VAL D 327 -6.12 -34.66 -16.93
C VAL D 327 -7.56 -34.60 -17.41
N LYS D 328 -8.47 -34.24 -16.51
CA LYS D 328 -9.88 -34.04 -16.82
C LYS D 328 -10.27 -32.60 -16.49
N TYR D 329 -11.00 -31.97 -17.40
CA TYR D 329 -11.52 -30.62 -17.25
C TYR D 329 -12.76 -30.47 -18.14
N PRO D 330 -13.95 -30.77 -17.62
CA PRO D 330 -15.14 -30.81 -18.49
C PRO D 330 -15.37 -29.50 -19.22
N GLY D 331 -15.64 -29.62 -20.52
CA GLY D 331 -15.89 -28.49 -21.38
C GLY D 331 -14.69 -28.05 -22.16
N HIS D 332 -13.50 -28.39 -21.68
CA HIS D 332 -12.26 -27.88 -22.24
C HIS D 332 -11.41 -29.00 -22.82
N VAL D 333 -11.19 -30.09 -22.07
CA VAL D 333 -10.45 -31.23 -22.58
C VAL D 333 -11.43 -32.22 -23.17
N ALA D 334 -11.10 -32.77 -24.34
CA ALA D 334 -11.90 -33.81 -24.98
C ALA D 334 -11.83 -35.10 -24.18
N PRO D 335 -12.96 -35.67 -23.74
CA PRO D 335 -12.91 -36.91 -22.98
C PRO D 335 -12.50 -38.09 -23.85
N GLY D 336 -11.77 -39.02 -23.23
CA GLY D 336 -11.32 -40.20 -23.95
C GLY D 336 -10.27 -39.93 -25.01
N SER D 337 -9.61 -38.78 -24.95
CA SER D 337 -8.53 -38.42 -25.85
C SER D 337 -7.17 -38.84 -25.29
N ARG D 338 -6.16 -38.75 -26.15
CA ARG D 338 -4.80 -39.10 -25.79
C ARG D 338 -3.80 -38.18 -26.49
N CYS D 339 -2.73 -37.84 -25.79
CA CYS D 339 -1.66 -37.03 -26.35
C CYS D 339 -0.34 -37.74 -26.10
N ASP D 340 0.57 -37.70 -27.07
CA ASP D 340 1.85 -38.39 -27.00
C ASP D 340 3.03 -37.42 -26.91
N VAL D 341 2.79 -36.13 -26.78
CA VAL D 341 3.90 -35.17 -26.65
C VAL D 341 4.50 -35.30 -25.25
N PRO D 342 5.82 -35.41 -25.11
CA PRO D 342 6.45 -35.53 -23.79
C PRO D 342 6.07 -34.40 -22.86
N VAL D 343 5.64 -34.77 -21.66
CA VAL D 343 5.21 -33.83 -20.62
C VAL D 343 5.97 -34.21 -19.35
N THR D 344 6.38 -33.21 -18.56
CA THR D 344 7.19 -33.47 -17.36
C THR D 344 6.68 -32.65 -16.19
N THR D 345 7.17 -33.00 -14.99
CA THR D 345 6.63 -32.46 -13.73
C THR D 345 6.60 -30.94 -13.65
N PRO D 346 7.67 -30.20 -13.95
CA PRO D 346 7.62 -28.74 -13.81
C PRO D 346 6.63 -28.06 -14.77
N ASP D 347 5.92 -28.81 -15.63
CA ASP D 347 4.98 -28.22 -16.58
C ASP D 347 3.67 -27.78 -15.90
N PHE D 348 3.31 -28.36 -14.74
CA PHE D 348 1.98 -28.09 -14.16
C PHE D 348 1.86 -26.66 -13.63
N TYR D 349 2.92 -26.16 -12.97
CA TYR D 349 2.94 -24.82 -12.41
C TYR D 349 2.43 -23.80 -13.44
N PRO D 350 3.09 -23.63 -14.61
CA PRO D 350 2.58 -22.65 -15.58
C PRO D 350 1.31 -23.08 -16.27
N THR D 351 1.03 -24.38 -16.37
CA THR D 351 -0.27 -24.84 -16.84
C THR D 351 -1.40 -24.32 -15.95
N PHE D 352 -1.32 -24.58 -14.64
CA PHE D 352 -2.35 -24.16 -13.70
C PHE D 352 -2.53 -22.65 -13.69
N LEU D 353 -1.42 -21.91 -13.75
CA LEU D 353 -1.50 -20.46 -13.79
C LEU D 353 -2.25 -19.99 -15.03
N GLU D 354 -2.00 -20.66 -16.15
CA GLU D 354 -2.70 -20.33 -17.39
C GLU D 354 -4.18 -20.70 -17.32
N LEU D 355 -4.50 -21.84 -16.72
CA LEU D 355 -5.91 -22.23 -16.53
C LEU D 355 -6.62 -21.33 -15.51
N ALA D 356 -5.90 -20.84 -14.49
CA ALA D 356 -6.48 -19.89 -13.54
C ALA D 356 -6.53 -18.47 -14.09
N GLY D 357 -5.73 -18.16 -15.11
CA GLY D 357 -5.68 -16.82 -15.63
C GLY D 357 -4.77 -15.90 -14.85
N VAL D 358 -3.71 -16.43 -14.26
CA VAL D 358 -2.89 -15.70 -13.30
C VAL D 358 -1.51 -15.51 -13.90
N PRO D 359 -0.97 -14.29 -13.91
CA PRO D 359 0.38 -14.08 -14.45
C PRO D 359 1.45 -14.66 -13.54
N GLN D 360 2.57 -15.05 -14.17
CA GLN D 360 3.76 -15.45 -13.44
C GLN D 360 4.36 -14.26 -12.69
N LYS D 361 4.94 -14.53 -11.52
CA LYS D 361 5.71 -13.50 -10.82
C LYS D 361 7.01 -13.20 -11.57
N SER D 362 7.29 -11.93 -11.82
CA SER D 362 8.51 -11.56 -12.54
C SER D 362 9.73 -12.08 -11.81
N GLY D 363 10.72 -12.51 -12.59
CA GLY D 363 12.00 -12.86 -12.05
C GLY D 363 12.13 -14.24 -11.47
N ILE D 364 11.05 -14.99 -11.28
CA ILE D 364 11.21 -16.37 -10.84
C ILE D 364 11.51 -17.23 -12.06
N PRO D 365 12.35 -18.24 -11.92
CA PRO D 365 12.67 -19.11 -13.07
C PRO D 365 11.65 -20.23 -13.21
N ILE D 366 11.25 -20.50 -14.45
CA ILE D 366 10.26 -21.52 -14.77
C ILE D 366 10.84 -22.42 -15.85
N ASP D 367 11.19 -23.65 -15.51
CA ASP D 367 11.71 -24.59 -16.50
C ASP D 367 10.62 -25.33 -17.25
N GLY D 368 9.41 -25.45 -16.65
CA GLY D 368 8.32 -26.12 -17.32
C GLY D 368 7.58 -25.22 -18.30
N ARG D 369 6.67 -25.83 -19.05
CA ARG D 369 5.92 -25.19 -20.12
C ARG D 369 4.46 -25.52 -19.92
N SER D 370 3.56 -24.54 -20.09
CA SER D 370 2.13 -24.81 -19.96
C SER D 370 1.69 -25.77 -21.05
N ILE D 371 0.97 -26.84 -20.65
CA ILE D 371 0.54 -27.86 -21.61
C ILE D 371 -0.87 -27.58 -22.09
N VAL D 372 -1.37 -26.37 -21.85
CA VAL D 372 -2.73 -26.01 -22.25
C VAL D 372 -2.95 -26.28 -23.76
N PRO D 373 -2.01 -25.93 -24.66
CA PRO D 373 -2.21 -26.31 -26.09
C PRO D 373 -2.45 -27.80 -26.31
N LEU D 374 -1.65 -28.68 -25.69
CA LEU D 374 -1.89 -30.11 -25.82
C LEU D 374 -3.27 -30.49 -25.28
N LEU D 375 -3.65 -29.92 -24.13
CA LEU D 375 -4.98 -30.21 -23.59
C LEU D 375 -6.07 -29.75 -24.53
N ALA D 376 -5.76 -28.83 -25.46
CA ALA D 376 -6.71 -28.37 -26.47
C ALA D 376 -6.65 -29.17 -27.77
N GLY D 377 -5.61 -29.98 -27.97
CA GLY D 377 -5.43 -30.75 -29.20
C GLY D 377 -4.40 -30.22 -30.20
N ASN D 378 -3.46 -29.37 -29.77
CA ASN D 378 -2.50 -28.74 -30.67
C ASN D 378 -1.08 -29.16 -30.35
N HIS D 379 -0.25 -29.25 -31.39
CA HIS D 379 1.15 -29.51 -31.12
C HIS D 379 1.82 -28.23 -30.60
N MET D 380 3.02 -28.42 -30.07
CA MET D 380 3.86 -27.34 -29.60
C MET D 380 5.26 -27.56 -30.15
N PRO D 381 6.13 -26.53 -30.14
CA PRO D 381 7.47 -26.73 -30.67
C PRO D 381 8.23 -27.76 -29.84
N GLU D 382 9.14 -28.46 -30.52
CA GLU D 382 9.93 -29.49 -29.85
C GLU D 382 10.84 -28.83 -28.81
N ARG D 383 10.94 -29.47 -27.66
CA ARG D 383 11.79 -29.02 -26.58
C ARG D 383 12.39 -30.26 -25.91
N PRO D 384 13.61 -30.16 -25.41
CA PRO D 384 14.20 -31.27 -24.67
C PRO D 384 13.64 -31.33 -23.26
N VAL D 385 13.75 -32.51 -22.66
CA VAL D 385 13.42 -32.74 -21.27
C VAL D 385 14.66 -33.35 -20.61
N PHE D 386 14.96 -32.97 -19.36
CA PHE D 386 16.22 -33.28 -18.71
C PHE D 386 16.03 -33.96 -17.37
N TRP D 387 17.01 -34.77 -17.02
CA TRP D 387 17.14 -35.31 -15.67
C TRP D 387 18.58 -35.10 -15.21
N HIS D 388 18.75 -34.95 -13.89
CA HIS D 388 20.07 -34.88 -13.29
C HIS D 388 19.98 -35.51 -11.90
N TYR D 389 20.40 -36.78 -11.79
CA TYR D 389 20.36 -37.53 -10.53
C TYR D 389 21.78 -37.89 -10.11
N PRO D 390 22.47 -37.03 -9.36
CA PRO D 390 23.85 -37.29 -8.94
C PRO D 390 23.92 -38.09 -7.63
N HIS D 391 23.11 -39.14 -7.52
CA HIS D 391 23.01 -40.00 -6.36
C HIS D 391 22.86 -41.45 -6.80
N TYR D 392 23.04 -42.36 -5.84
CA TYR D 392 22.86 -43.77 -6.13
C TYR D 392 21.44 -44.23 -5.96
N GLY D 393 20.72 -43.70 -4.98
CA GLY D 393 19.43 -44.26 -4.64
C GLY D 393 19.65 -45.62 -4.02
N ASN D 394 18.54 -46.25 -3.64
CA ASN D 394 18.56 -47.52 -2.93
C ASN D 394 18.15 -48.70 -3.81
N GLN D 395 17.97 -48.46 -5.09
CA GLN D 395 17.26 -49.42 -5.90
C GLN D 395 18.12 -50.11 -6.94
N GLY D 396 19.37 -49.69 -7.13
CA GLY D 396 20.23 -50.35 -8.09
C GLY D 396 20.91 -49.44 -9.09
N GLY D 397 20.47 -48.15 -9.14
CA GLY D 397 21.02 -47.20 -10.08
C GLY D 397 22.37 -46.68 -9.67
N THR D 398 23.00 -45.95 -10.58
CA THR D 398 24.23 -45.22 -10.32
C THR D 398 24.09 -43.79 -10.83
N PRO D 399 24.78 -42.82 -10.25
CA PRO D 399 24.51 -41.40 -10.58
C PRO D 399 24.59 -41.14 -12.08
N ALA D 400 23.63 -40.36 -12.59
CA ALA D 400 23.56 -40.15 -14.04
C ALA D 400 22.80 -38.87 -14.34
N ALA D 401 22.92 -38.41 -15.60
CA ALA D 401 22.11 -37.32 -16.11
C ALA D 401 21.66 -37.67 -17.52
N SER D 402 20.57 -37.06 -17.95
CA SER D 402 19.82 -37.55 -19.09
C SER D 402 19.12 -36.42 -19.84
N VAL D 403 19.01 -36.60 -21.16
CA VAL D 403 18.19 -35.72 -21.96
C VAL D 403 17.38 -36.56 -22.94
N VAL D 404 16.09 -36.25 -23.07
CA VAL D 404 15.23 -36.76 -24.13
C VAL D 404 14.92 -35.60 -25.06
N LEU D 405 15.14 -35.81 -26.35
CA LEU D 405 14.76 -34.80 -27.34
C LEU D 405 14.30 -35.50 -28.61
N GLY D 406 13.03 -35.33 -28.94
CA GLY D 406 12.50 -36.04 -30.11
C GLY D 406 12.51 -37.53 -29.85
N ASP D 407 13.01 -38.29 -30.81
CA ASP D 407 13.05 -39.75 -30.72
C ASP D 407 14.27 -40.27 -29.95
N TYR D 408 15.18 -39.42 -29.48
CA TYR D 408 16.47 -39.85 -28.97
C TYR D 408 16.61 -39.54 -27.49
N LYS D 409 17.41 -40.36 -26.81
CA LYS D 409 17.70 -40.18 -25.41
C LYS D 409 19.17 -40.42 -25.15
N TYR D 410 19.82 -39.44 -24.52
CA TYR D 410 21.23 -39.53 -24.13
C TYR D 410 21.34 -39.58 -22.61
N ILE D 411 22.13 -40.54 -22.11
CA ILE D 411 22.43 -40.74 -20.71
C ILE D 411 23.94 -40.71 -20.54
N GLU D 412 24.42 -39.99 -19.53
CA GLU D 412 25.82 -40.06 -19.14
C GLU D 412 25.86 -40.51 -17.68
N PHE D 413 26.79 -41.42 -17.38
CA PHE D 413 26.94 -41.97 -16.05
C PHE D 413 28.19 -41.38 -15.41
N PHE D 414 28.06 -40.90 -14.18
CA PHE D 414 29.15 -40.20 -13.55
C PHE D 414 30.24 -41.14 -13.05
N GLU D 415 29.98 -42.44 -12.91
CA GLU D 415 31.03 -43.30 -12.37
C GLU D 415 32.21 -43.40 -13.34
N ASP D 416 31.94 -43.49 -14.64
CA ASP D 416 33.00 -43.75 -15.60
C ASP D 416 32.98 -42.81 -16.79
N GLY D 417 32.13 -41.79 -16.77
CA GLY D 417 32.08 -40.84 -17.87
C GLY D 417 31.47 -41.35 -19.16
N ARG D 418 30.89 -42.55 -19.19
CA ARG D 418 30.36 -43.13 -20.42
C ARG D 418 28.97 -42.56 -20.75
N GLY D 419 28.66 -42.55 -22.04
CA GLY D 419 27.35 -42.12 -22.53
C GLY D 419 26.61 -43.27 -23.18
N GLU D 420 25.30 -43.22 -23.10
CA GLU D 420 24.46 -44.18 -23.79
C GLU D 420 23.43 -43.39 -24.58
N LEU D 421 23.28 -43.75 -25.85
CA LEU D 421 22.29 -43.14 -26.73
C LEU D 421 21.26 -44.18 -27.14
N TYR D 422 19.97 -43.82 -27.04
CA TYR D 422 18.89 -44.68 -27.47
C TYR D 422 17.97 -43.95 -28.44
N ASP D 423 17.54 -44.66 -29.47
CA ASP D 423 16.43 -44.24 -30.31
C ASP D 423 15.17 -44.86 -29.71
N LEU D 424 14.45 -44.08 -28.89
CA LEU D 424 13.31 -44.65 -28.18
C LEU D 424 12.14 -44.99 -29.12
N LYS D 425 12.10 -44.43 -30.33
CA LYS D 425 11.02 -44.80 -31.25
C LYS D 425 11.21 -46.22 -31.75
N ALA D 426 12.42 -46.55 -32.18
CA ALA D 426 12.69 -47.90 -32.65
C ALA D 426 12.96 -48.89 -31.52
N ASP D 427 13.27 -48.40 -30.32
CA ASP D 427 13.88 -49.21 -29.26
C ASP D 427 13.44 -48.67 -27.90
N PHE D 428 12.13 -48.77 -27.66
CA PHE D 428 11.53 -48.24 -26.44
C PHE D 428 12.21 -48.80 -25.18
N SER D 429 12.63 -50.07 -25.21
CA SER D 429 13.17 -50.77 -24.05
C SER D 429 14.67 -50.55 -23.82
N GLU D 430 15.33 -49.73 -24.62
CA GLU D 430 16.70 -49.31 -24.30
C GLU D 430 17.62 -50.52 -24.26
N THR D 431 17.53 -51.35 -25.28
CA THR D 431 18.32 -52.56 -25.40
C THR D 431 19.57 -52.40 -26.26
N ASN D 432 19.70 -51.28 -26.98
CA ASN D 432 20.69 -51.15 -28.06
C ASN D 432 21.35 -49.76 -27.95
N ASN D 433 22.46 -49.69 -27.23
CA ASN D 433 23.22 -48.45 -27.12
C ASN D 433 23.86 -48.13 -28.47
N ILE D 434 23.40 -47.06 -29.12
CA ILE D 434 23.86 -46.69 -30.45
C ILE D 434 24.72 -45.44 -30.41
N CYS D 435 25.32 -45.15 -29.25
CA CYS D 435 26.27 -44.04 -29.09
C CYS D 435 27.28 -43.96 -30.22
N GLU D 436 27.95 -45.07 -30.52
CA GLU D 436 29.08 -45.03 -31.43
C GLU D 436 28.67 -45.15 -32.89
N ASN D 437 27.47 -45.67 -33.18
CA ASN D 437 26.96 -45.63 -34.54
C ASN D 437 26.59 -44.23 -34.98
N MET D 438 26.29 -43.33 -34.04
CA MET D 438 25.84 -41.97 -34.35
C MET D 438 26.58 -40.95 -33.49
N PRO D 439 27.92 -40.88 -33.62
CA PRO D 439 28.70 -40.02 -32.71
C PRO D 439 28.20 -38.61 -32.71
N GLU D 440 27.64 -38.23 -33.84
CA GLU D 440 27.22 -36.87 -34.05
C GLU D 440 25.94 -36.58 -33.27
N MET D 441 24.94 -37.44 -33.41
CA MET D 441 23.74 -37.31 -32.58
C MET D 441 24.09 -37.32 -31.11
N ALA D 442 25.02 -38.20 -30.70
CA ALA D 442 25.42 -38.27 -29.30
C ALA D 442 26.07 -36.97 -28.86
N ALA D 443 26.94 -36.40 -29.69
CA ALA D 443 27.68 -35.21 -29.26
C ALA D 443 26.74 -34.02 -29.08
N ARG D 444 25.74 -33.88 -29.95
CA ARG D 444 24.75 -32.82 -29.80
C ARG D 444 23.97 -32.98 -28.50
N LEU D 445 23.45 -34.18 -28.25
CA LEU D 445 22.68 -34.37 -27.02
C LEU D 445 23.56 -34.28 -25.78
N ARG D 446 24.83 -34.66 -25.89
CA ARG D 446 25.77 -34.55 -24.77
C ARG D 446 26.07 -33.09 -24.46
N MET D 447 26.26 -32.27 -25.49
CA MET D 447 26.56 -30.85 -25.26
C MET D 447 25.32 -30.12 -24.78
N LEU D 448 24.17 -30.43 -25.35
CA LEU D 448 22.93 -29.85 -24.86
C LEU D 448 22.74 -30.15 -23.38
N LEU D 449 22.96 -31.41 -22.98
CA LEU D 449 22.81 -31.78 -21.58
C LEU D 449 23.81 -31.02 -20.69
N HIS D 450 25.05 -30.85 -21.18
CA HIS D 450 26.07 -30.15 -20.40
C HIS D 450 25.75 -28.66 -20.23
N GLY D 451 25.18 -28.04 -21.28
CA GLY D 451 24.85 -26.63 -21.19
C GLY D 451 23.70 -26.36 -20.24
N TRP D 452 22.68 -27.23 -20.27
CA TRP D 452 21.61 -27.17 -19.28
C TRP D 452 22.16 -27.32 -17.87
N GLN D 453 23.05 -28.31 -17.69
CA GLN D 453 23.68 -28.55 -16.39
C GLN D 453 24.44 -27.32 -15.90
N ARG D 454 25.16 -26.65 -16.79
CA ARG D 454 25.83 -25.42 -16.39
C ARG D 454 24.81 -24.36 -15.97
N GLU D 455 23.69 -24.26 -16.69
CA GLU D 455 22.72 -23.20 -16.40
C GLU D 455 21.98 -23.41 -15.09
N VAL D 456 21.70 -24.66 -14.71
CA VAL D 456 20.93 -24.88 -13.49
C VAL D 456 21.86 -25.12 -12.31
N CYS D 457 23.16 -24.95 -12.54
CA CYS D 457 24.21 -25.15 -11.52
C CYS D 457 24.13 -26.55 -10.90
N ALA D 458 24.25 -27.56 -11.73
CA ALA D 458 24.18 -28.92 -11.21
C ALA D 458 25.44 -29.24 -10.42
N ARG D 459 25.29 -29.99 -9.33
CA ARG D 459 26.45 -30.52 -8.61
C ARG D 459 26.71 -31.97 -8.99
N PHE D 460 27.98 -32.36 -8.90
CA PHE D 460 28.42 -33.66 -9.37
C PHE D 460 29.01 -34.46 -8.22
N PRO D 461 28.90 -35.79 -8.27
CA PRO D 461 29.45 -36.60 -7.19
C PRO D 461 30.97 -36.57 -7.26
N GLU D 462 31.60 -36.56 -6.09
CA GLU D 462 33.05 -36.60 -6.02
C GLU D 462 33.48 -38.06 -5.88
N VAL D 463 34.66 -38.36 -6.42
CA VAL D 463 35.22 -39.70 -6.29
C VAL D 463 35.40 -40.08 -4.82
N ASN D 464 35.25 -41.36 -4.51
CA ASN D 464 35.51 -41.90 -3.19
C ASN D 464 36.92 -42.51 -3.17
N GLU D 465 37.83 -41.89 -2.44
CA GLU D 465 39.19 -42.40 -2.30
C GLU D 465 39.33 -43.49 -1.23
N ALA D 466 38.23 -44.08 -0.78
CA ALA D 466 38.26 -45.22 0.13
C ALA D 466 37.57 -46.45 -0.50
CA CA E . 4.88 21.55 -19.88
CA CA F . 20.04 24.76 17.73
CA CA G . -30.59 -6.76 16.83
CA CA H . 7.80 -41.47 -4.62
#